data_7DEG
#
_entry.id   7DEG
#
_cell.length_a   1.00
_cell.length_b   1.00
_cell.length_c   1.00
_cell.angle_alpha   90.00
_cell.angle_beta   90.00
_cell.angle_gamma   90.00
#
_symmetry.space_group_name_H-M   'P 1'
#
loop_
_entity.id
_entity.type
_entity.pdbx_description
1 polymer 'Cytochrome c oxidase subunit I'
2 polymer 'Cytochrome oxidase subunit IIa'
3 polymer 'Cytochrome oxidase subunit II'
4 non-polymer HEME-AS
5 non-polymer 'PROTOPORPHYRIN IX CONTAINING FE'
6 non-polymer 'COPPER (II) ION'
7 non-polymer 2-[(2~{E},6~{E},10~{Z},14~{Z},18~{Z},23~{R})-3,7,11,15,19,23,27-heptamethyloctacosa-2,6,10,14,18-pentaenyl]naphthalene-1,4-dione
8 non-polymer '(1R)-2-{[{[(2S)-2,3-DIHYDROXYPROPYL]OXY}(HYDROXY)PHOSPHORYL]OXY}-1-[(PALMITOYLOXY)METHYL]ETHYL (11E)-OCTADEC-11-ENOATE'
9 non-polymer 1,2-Distearoyl-sn-glycerophosphoethanolamine
10 non-polymer 'DINUCLEAR COPPER ION'
#
loop_
_entity_poly.entity_id
_entity_poly.type
_entity_poly.pdbx_seq_one_letter_code
_entity_poly.pdbx_strand_id
1 'polypeptide(L)'
;VSNAIKFIILTEIIFPTLLLVFGIYHGVMQVFYRSGIIKAESFLGIDYYQGLTLHGVINVIVYTTIFIVGFSNAIVAYSL
KKPLREKVQWIALGMMVIGTLMAAWAMFTGRATVLYTFYPPLIAHWTFYLGAVLLVLGSLVPFFFDWIPSAIQWKRENPD
QKLPLAVFGTFVNFILWTIMIVPVAIEILFQLLPLSLGLVDEINPLLARTLFWFFGHPVVYFWLLPAYVALYTILPKIVS
EKGKLYSDPAARLAFILFLIFSLPVGLHHQFTDPGITNTWKLIHALFTFGVALPSMITAFTVATSLEYSVKAEHPELKNS
KFYWWTFLPFMRLEGNKWMFSYFFAGLVLFFIGGITGIVNASYNVNLVVHNTAYVPGHFHTTVGGLVLLVFFALSLYMVS
KLRGSEVKLKGLAVLAPYFWMQGMFMFSYAMMVGGVVVGFPRRTNAGLTYLNPDSPLYRPEWTGYAQLAAVGGVLLAIGF
AFYFASLIATALAPKVRESTLEFPIADAYHDAPAPLLNNLKTWTVAAIILAVLSYIPPLYDASVRGVFFKSPAYNEKFPM
PLKQLQGAEKKEEKKELSKAEGGITQK
;
A,D
2 'polypeptide(L)' FFPSGTIAFFIFMMVFYAVLWFMIYWVLLERG C,F
3 'polypeptide(L)'
;RAEKTGLTLALILLLTFFSLIVYAAKGLKIDIPTCVTDVEPFQEGKLIKHGDKRYELHILARMWYFDFNKGATEIKIPVG
SVVDIFTTSKDVVHGVHIHGTNYNVMAIPGTVGYMRIKFEKPGVYHVVCHEFCGVGHHAMQGKIIVE
;
B,E
#
# COMPACT_ATOMS: atom_id res chain seq x y z
N VAL A 1 -29.28 -29.59 19.79
CA VAL A 1 -30.02 -28.70 18.90
C VAL A 1 -31.13 -29.50 18.26
N SER A 2 -32.06 -28.79 17.62
CA SER A 2 -33.20 -29.43 16.97
C SER A 2 -32.80 -29.93 15.60
N ASN A 3 -33.80 -30.28 14.80
CA ASN A 3 -33.59 -30.70 13.43
C ASN A 3 -33.95 -29.62 12.42
N ALA A 4 -34.94 -28.80 12.75
CA ALA A 4 -35.32 -27.69 11.89
C ALA A 4 -34.61 -26.40 12.27
N ILE A 5 -34.31 -26.22 13.56
CA ILE A 5 -33.56 -25.04 13.98
C ILE A 5 -32.18 -25.05 13.35
N LYS A 6 -31.57 -26.22 13.24
CA LYS A 6 -30.30 -26.27 12.55
C LYS A 6 -30.46 -25.87 11.09
N PHE A 7 -31.60 -26.20 10.49
CA PHE A 7 -31.82 -25.78 9.11
C PHE A 7 -32.05 -24.28 9.04
N ILE A 8 -32.78 -23.71 9.98
CA ILE A 8 -32.96 -22.26 10.03
C ILE A 8 -31.61 -21.56 10.10
N ILE A 9 -30.83 -21.92 11.10
CA ILE A 9 -29.53 -21.28 11.27
C ILE A 9 -28.65 -21.50 10.05
N LEU A 10 -28.73 -22.68 9.45
CA LEU A 10 -27.89 -22.92 8.28
C LEU A 10 -28.32 -22.04 7.13
N THR A 11 -29.62 -21.85 6.94
CA THR A 11 -30.06 -20.95 5.90
C THR A 11 -29.59 -19.54 6.19
N GLU A 12 -29.78 -19.08 7.41
CA GLU A 12 -29.35 -17.72 7.70
C GLU A 12 -27.84 -17.58 7.80
N ILE A 13 -27.07 -18.63 7.62
CA ILE A 13 -25.63 -18.44 7.54
C ILE A 13 -25.19 -18.57 6.09
N ILE A 14 -25.90 -19.35 5.29
CA ILE A 14 -25.48 -19.65 3.93
C ILE A 14 -26.15 -18.74 2.91
N PHE A 15 -27.47 -18.58 2.99
CA PHE A 15 -28.18 -17.63 2.13
C PHE A 15 -27.61 -16.23 2.18
N PRO A 16 -27.25 -15.65 3.32
CA PRO A 16 -26.63 -14.32 3.28
C PRO A 16 -25.28 -14.32 2.59
N THR A 17 -24.46 -15.35 2.76
CA THR A 17 -23.18 -15.33 2.08
C THR A 17 -23.30 -15.75 0.63
N LEU A 18 -24.18 -16.71 0.34
CA LEU A 18 -24.48 -16.99 -1.05
C LEU A 18 -25.04 -15.77 -1.76
N LEU A 19 -25.61 -14.82 -1.05
CA LEU A 19 -26.04 -13.61 -1.71
C LEU A 19 -24.94 -12.56 -1.73
N LEU A 20 -24.16 -12.46 -0.66
CA LEU A 20 -23.04 -11.54 -0.62
C LEU A 20 -22.00 -11.87 -1.66
N VAL A 21 -22.01 -13.06 -2.23
CA VAL A 21 -21.04 -13.32 -3.30
C VAL A 21 -21.25 -12.33 -4.44
N PHE A 22 -22.48 -11.92 -4.72
CA PHE A 22 -22.65 -10.88 -5.72
C PHE A 22 -22.21 -9.52 -5.19
N GLY A 23 -22.47 -9.23 -3.93
CA GLY A 23 -22.00 -7.98 -3.38
C GLY A 23 -20.50 -7.81 -3.56
N ILE A 24 -19.75 -8.86 -3.32
CA ILE A 24 -18.31 -8.78 -3.48
C ILE A 24 -17.94 -8.74 -4.96
N TYR A 25 -18.65 -9.51 -5.80
CA TYR A 25 -18.36 -9.46 -7.22
C TYR A 25 -18.49 -8.04 -7.74
N HIS A 26 -19.59 -7.39 -7.45
CA HIS A 26 -19.71 -6.04 -7.95
C HIS A 26 -18.88 -5.05 -7.16
N GLY A 27 -18.42 -5.39 -5.95
CA GLY A 27 -17.44 -4.52 -5.33
C GLY A 27 -16.17 -4.48 -6.14
N VAL A 28 -15.72 -5.64 -6.58
CA VAL A 28 -14.53 -5.66 -7.42
C VAL A 28 -14.78 -4.93 -8.71
N MET A 29 -15.92 -5.20 -9.34
CA MET A 29 -16.20 -4.50 -10.59
C MET A 29 -16.32 -3.00 -10.37
N GLN A 30 -16.65 -2.56 -9.18
CA GLN A 30 -16.70 -1.12 -8.95
C GLN A 30 -15.32 -0.53 -8.80
N VAL A 31 -14.42 -1.23 -8.12
CA VAL A 31 -13.10 -0.64 -7.96
C VAL A 31 -12.38 -0.79 -9.29
N PHE A 32 -13.04 -1.43 -10.25
CA PHE A 32 -12.54 -1.35 -11.62
C PHE A 32 -13.21 -0.25 -12.43
N TYR A 33 -14.49 -0.01 -12.15
CA TYR A 33 -15.24 1.04 -12.84
C TYR A 33 -14.67 2.40 -12.47
N ARG A 34 -14.52 2.63 -11.17
CA ARG A 34 -14.03 3.89 -10.63
C ARG A 34 -12.56 4.19 -10.96
N SER A 35 -11.77 3.15 -11.20
CA SER A 35 -10.36 3.34 -11.53
C SER A 35 -10.11 3.34 -13.03
N GLY A 36 -11.17 3.47 -13.79
CA GLY A 36 -11.07 3.87 -15.20
C GLY A 36 -10.51 2.80 -16.10
N ILE A 37 -10.71 1.54 -15.74
CA ILE A 37 -10.20 0.44 -16.56
C ILE A 37 -11.32 -0.36 -17.22
N ILE A 38 -12.53 -0.30 -16.66
CA ILE A 38 -13.63 -1.03 -17.25
C ILE A 38 -14.65 0.00 -17.71
N LYS A 39 -14.14 1.16 -18.09
CA LYS A 39 -14.94 2.27 -18.55
C LYS A 39 -16.35 1.82 -18.94
N ALA A 40 -16.70 2.06 -20.19
CA ALA A 40 -18.08 1.95 -20.65
C ALA A 40 -19.09 2.59 -19.70
N GLU A 41 -20.15 1.84 -19.39
CA GLU A 41 -21.22 2.28 -18.51
C GLU A 41 -22.09 1.08 -18.19
N SER A 42 -21.48 -0.10 -18.07
CA SER A 42 -22.27 -1.30 -17.83
C SER A 42 -21.34 -2.49 -17.94
N PHE A 43 -21.85 -3.63 -17.51
CA PHE A 43 -21.12 -4.88 -17.65
C PHE A 43 -22.07 -6.03 -17.40
N LEU A 44 -22.17 -6.95 -18.35
CA LEU A 44 -23.05 -8.10 -18.21
C LEU A 44 -24.47 -7.66 -17.90
N GLY A 45 -24.84 -6.47 -18.34
CA GLY A 45 -26.20 -6.00 -18.19
C GLY A 45 -26.54 -5.46 -16.83
N ILE A 46 -25.55 -5.02 -16.06
CA ILE A 46 -25.74 -4.46 -14.74
C ILE A 46 -24.92 -3.18 -14.70
N ASP A 47 -25.55 -2.05 -15.01
CA ASP A 47 -24.78 -0.81 -15.09
C ASP A 47 -24.27 -0.43 -13.71
N TYR A 48 -23.48 0.63 -13.66
CA TYR A 48 -22.71 0.88 -12.45
C TYR A 48 -23.61 1.19 -11.28
N TYR A 49 -24.58 2.06 -11.47
CA TYR A 49 -25.37 2.46 -10.32
C TYR A 49 -26.30 1.37 -9.86
N GLN A 50 -26.74 0.50 -10.75
CA GLN A 50 -27.58 -0.61 -10.30
C GLN A 50 -26.76 -1.67 -9.60
N GLY A 51 -25.60 -1.99 -10.14
CA GLY A 51 -24.68 -2.81 -9.40
C GLY A 51 -24.24 -2.18 -8.10
N LEU A 52 -24.31 -0.86 -7.99
CA LEU A 52 -23.94 -0.23 -6.73
C LEU A 52 -25.08 -0.34 -5.73
N THR A 53 -26.30 -0.14 -6.18
CA THR A 53 -27.44 -0.45 -5.33
C THR A 53 -27.32 -1.86 -4.80
N LEU A 54 -26.86 -2.78 -5.63
CA LEU A 54 -26.72 -4.14 -5.17
C LEU A 54 -25.58 -4.27 -4.17
N HIS A 55 -24.40 -3.78 -4.52
CA HIS A 55 -23.27 -3.93 -3.62
C HIS A 55 -23.52 -3.24 -2.29
N GLY A 56 -24.46 -2.31 -2.24
CA GLY A 56 -24.79 -1.71 -0.97
C GLY A 56 -25.87 -2.45 -0.25
N VAL A 57 -27.01 -2.67 -0.89
CA VAL A 57 -28.11 -3.38 -0.25
C VAL A 57 -27.68 -4.77 0.16
N ILE A 58 -27.26 -5.58 -0.81
CA ILE A 58 -26.90 -6.96 -0.51
C ILE A 58 -25.94 -7.03 0.67
N ASN A 59 -25.01 -6.10 0.77
CA ASN A 59 -23.97 -6.21 1.77
C ASN A 59 -24.33 -5.65 3.12
N VAL A 60 -25.21 -4.67 3.22
CA VAL A 60 -25.44 -4.14 4.56
C VAL A 60 -26.91 -4.14 4.91
N ILE A 61 -27.73 -4.80 4.11
CA ILE A 61 -29.15 -4.82 4.43
C ILE A 61 -29.63 -6.25 4.43
N VAL A 62 -29.25 -7.03 3.41
CA VAL A 62 -29.69 -8.42 3.38
C VAL A 62 -28.62 -9.37 3.88
N TYR A 63 -27.36 -8.94 3.91
CA TYR A 63 -26.37 -9.85 4.47
C TYR A 63 -26.33 -9.77 5.97
N THR A 64 -25.99 -8.60 6.51
CA THR A 64 -25.90 -8.50 7.95
C THR A 64 -27.23 -8.80 8.61
N THR A 65 -28.25 -8.00 8.34
CA THR A 65 -29.53 -8.17 9.03
C THR A 65 -30.06 -9.60 9.02
N ILE A 66 -29.58 -10.46 8.13
CA ILE A 66 -29.96 -11.87 8.17
C ILE A 66 -28.96 -12.69 8.98
N PHE A 67 -27.67 -12.48 8.75
CA PHE A 67 -26.72 -13.22 9.55
C PHE A 67 -26.86 -12.88 11.02
N ILE A 68 -27.28 -11.66 11.34
CA ILE A 68 -27.43 -11.27 12.73
C ILE A 68 -28.51 -12.09 13.40
N VAL A 69 -29.66 -12.24 12.74
CA VAL A 69 -30.69 -13.05 13.36
C VAL A 69 -30.29 -14.51 13.39
N GLY A 70 -29.52 -14.97 12.41
CA GLY A 70 -29.06 -16.35 12.49
C GLY A 70 -28.14 -16.60 13.68
N PHE A 71 -27.07 -15.83 13.73
CA PHE A 71 -26.11 -15.97 14.80
C PHE A 71 -26.73 -15.67 16.15
N SER A 72 -27.74 -14.80 16.19
CA SER A 72 -28.36 -14.52 17.48
C SER A 72 -29.27 -15.65 17.93
N ASN A 73 -30.05 -16.23 17.00
CA ASN A 73 -30.70 -17.50 17.29
C ASN A 73 -29.71 -18.42 17.98
N ALA A 74 -28.56 -18.61 17.34
CA ALA A 74 -27.56 -19.53 17.89
C ALA A 74 -27.14 -19.13 19.29
N ILE A 75 -26.62 -17.92 19.44
CA ILE A 75 -25.95 -17.55 20.68
C ILE A 75 -26.94 -17.44 21.82
N VAL A 76 -28.19 -17.09 21.53
CA VAL A 76 -29.15 -16.98 22.60
C VAL A 76 -29.64 -18.36 23.02
N ALA A 77 -30.02 -19.19 22.05
CA ALA A 77 -30.38 -20.56 22.41
C ALA A 77 -29.29 -21.23 23.21
N TYR A 78 -28.03 -20.89 22.92
CA TYR A 78 -26.94 -21.53 23.64
C TYR A 78 -26.77 -20.94 25.03
N SER A 79 -26.53 -19.62 25.11
CA SER A 79 -26.22 -19.02 26.40
C SER A 79 -27.37 -19.12 27.38
N LEU A 80 -28.60 -19.15 26.88
CA LEU A 80 -29.71 -19.44 27.77
C LEU A 80 -29.96 -20.93 27.92
N LYS A 81 -29.26 -21.75 27.14
CA LYS A 81 -29.46 -23.20 27.13
C LYS A 81 -30.91 -23.57 26.82
N LYS A 82 -31.61 -22.70 26.14
CA LYS A 82 -32.98 -22.98 25.81
C LYS A 82 -33.09 -23.52 24.39
N PRO A 83 -34.11 -24.29 24.11
CA PRO A 83 -34.36 -24.72 22.72
C PRO A 83 -35.22 -23.72 21.98
N LEU A 84 -34.78 -23.33 20.79
CA LEU A 84 -35.50 -22.33 20.01
C LEU A 84 -36.89 -22.83 19.63
N ARG A 85 -37.74 -21.88 19.24
CA ARG A 85 -39.11 -22.17 18.86
C ARG A 85 -39.20 -22.25 17.35
N GLU A 86 -39.67 -23.38 16.84
CA GLU A 86 -39.61 -23.56 15.39
C GLU A 86 -40.71 -22.79 14.67
N LYS A 87 -41.93 -22.81 15.18
CA LYS A 87 -43.01 -22.14 14.49
C LYS A 87 -42.84 -20.62 14.47
N VAL A 88 -41.83 -20.10 15.15
CA VAL A 88 -41.48 -18.68 15.08
C VAL A 88 -40.30 -18.45 14.18
N GLN A 89 -39.23 -19.22 14.38
CA GLN A 89 -38.10 -19.17 13.47
C GLN A 89 -38.55 -19.34 12.04
N TRP A 90 -39.54 -20.19 11.82
CA TRP A 90 -39.95 -20.47 10.45
C TRP A 90 -40.54 -19.23 9.80
N ILE A 91 -41.44 -18.55 10.48
CA ILE A 91 -42.04 -17.38 9.87
C ILE A 91 -41.03 -16.24 9.81
N ALA A 92 -40.07 -16.22 10.73
CA ALA A 92 -39.03 -15.20 10.64
C ALA A 92 -38.19 -15.38 9.39
N LEU A 93 -37.68 -16.60 9.18
CA LEU A 93 -36.91 -16.85 7.98
C LEU A 93 -37.76 -16.67 6.74
N GLY A 94 -39.04 -17.04 6.79
CA GLY A 94 -39.89 -16.85 5.64
C GLY A 94 -40.00 -15.39 5.25
N MET A 95 -40.21 -14.52 6.23
CA MET A 95 -40.31 -13.10 5.91
C MET A 95 -38.97 -12.55 5.45
N MET A 96 -37.86 -12.94 6.05
CA MET A 96 -36.60 -12.37 5.59
C MET A 96 -36.27 -12.86 4.18
N VAL A 97 -36.59 -14.10 3.87
CA VAL A 97 -36.27 -14.62 2.55
C VAL A 97 -37.18 -13.99 1.50
N ILE A 98 -38.48 -13.92 1.77
CA ILE A 98 -39.38 -13.27 0.82
C ILE A 98 -39.00 -11.81 0.63
N GLY A 99 -38.64 -11.13 1.72
CA GLY A 99 -38.27 -9.74 1.60
C GLY A 99 -37.03 -9.53 0.78
N THR A 100 -36.00 -10.34 1.01
CA THR A 100 -34.78 -10.21 0.24
C THR A 100 -35.02 -10.58 -1.21
N LEU A 101 -35.89 -11.54 -1.48
CA LEU A 101 -36.14 -11.90 -2.88
C LEU A 101 -36.91 -10.78 -3.58
N MET A 102 -37.85 -10.14 -2.89
CA MET A 102 -38.57 -9.01 -3.48
C MET A 102 -37.67 -7.81 -3.65
N ALA A 103 -36.69 -7.64 -2.78
CA ALA A 103 -35.76 -6.53 -2.95
C ALA A 103 -34.73 -6.81 -4.03
N ALA A 104 -34.34 -8.06 -4.20
CA ALA A 104 -33.32 -8.40 -5.18
C ALA A 104 -33.89 -8.53 -6.58
N TRP A 105 -35.09 -9.09 -6.72
CA TRP A 105 -35.86 -8.72 -7.88
C TRP A 105 -36.15 -7.24 -7.79
N ALA A 106 -36.42 -6.63 -8.94
CA ALA A 106 -36.58 -5.18 -8.98
C ALA A 106 -35.40 -4.46 -8.38
N MET A 107 -34.25 -5.10 -8.34
CA MET A 107 -33.01 -4.38 -8.15
C MET A 107 -32.02 -4.96 -9.13
N PHE A 108 -32.19 -6.23 -9.46
CA PHE A 108 -31.41 -6.82 -10.54
C PHE A 108 -31.98 -6.44 -11.88
N THR A 109 -33.29 -6.47 -12.01
CA THR A 109 -33.91 -6.16 -13.29
C THR A 109 -33.71 -4.70 -13.66
N GLY A 110 -33.58 -3.83 -12.68
CA GLY A 110 -33.32 -2.43 -12.91
C GLY A 110 -34.40 -1.49 -12.47
N ARG A 111 -35.38 -1.97 -11.70
CA ARG A 111 -36.48 -1.14 -11.24
C ARG A 111 -36.12 -0.28 -10.06
N ALA A 112 -35.01 -0.52 -9.39
CA ALA A 112 -34.65 0.24 -8.20
C ALA A 112 -33.17 0.54 -8.17
N THR A 113 -32.62 1.01 -9.27
CA THR A 113 -31.25 1.49 -9.16
C THR A 113 -31.26 2.85 -8.47
N VAL A 114 -31.83 2.89 -7.27
CA VAL A 114 -31.97 4.17 -6.60
C VAL A 114 -30.75 4.45 -5.77
N LEU A 115 -30.53 3.68 -4.69
CA LEU A 115 -29.22 3.38 -4.14
C LEU A 115 -29.51 2.65 -2.85
N TYR A 116 -28.52 2.19 -2.10
CA TYR A 116 -28.93 1.49 -0.90
C TYR A 116 -29.51 2.41 0.16
N THR A 117 -29.35 3.72 0.03
CA THR A 117 -29.99 4.67 0.94
C THR A 117 -31.30 5.20 0.41
N PHE A 118 -31.62 4.95 -0.85
CA PHE A 118 -32.84 5.45 -1.52
C PHE A 118 -33.15 6.87 -1.11
N TYR A 119 -32.16 7.73 -1.26
CA TYR A 119 -32.38 9.16 -1.13
C TYR A 119 -33.49 9.60 -2.07
N PRO A 120 -34.65 9.99 -1.54
CA PRO A 120 -35.69 10.52 -2.39
C PRO A 120 -35.25 11.85 -2.97
N PRO A 121 -36.01 12.41 -3.91
CA PRO A 121 -37.25 12.04 -4.55
C PRO A 121 -36.93 11.21 -5.74
N LEU A 122 -36.10 10.21 -5.52
CA LEU A 122 -35.49 9.42 -6.58
C LEU A 122 -36.05 8.02 -6.52
N ILE A 123 -37.37 7.92 -6.47
CA ILE A 123 -38.06 6.72 -6.01
C ILE A 123 -37.72 5.49 -6.82
N ALA A 124 -38.08 4.33 -6.28
CA ALA A 124 -37.82 3.03 -6.86
C ALA A 124 -39.15 2.30 -7.03
N HIS A 125 -39.07 1.02 -7.37
CA HIS A 125 -40.26 0.20 -7.51
C HIS A 125 -40.70 -0.28 -6.15
N TRP A 126 -42.01 -0.26 -5.90
CA TRP A 126 -42.53 -0.56 -4.57
C TRP A 126 -42.04 -1.89 -4.04
N THR A 127 -41.75 -2.84 -4.91
CA THR A 127 -41.19 -4.10 -4.45
C THR A 127 -39.78 -3.95 -3.89
N PHE A 128 -39.16 -2.79 -4.03
CA PHE A 128 -37.90 -2.58 -3.33
C PHE A 128 -38.16 -2.07 -1.93
N TYR A 129 -39.13 -1.17 -1.77
CA TYR A 129 -39.39 -0.61 -0.46
C TYR A 129 -40.14 -1.59 0.42
N LEU A 130 -41.24 -2.15 -0.06
CA LEU A 130 -41.90 -3.19 0.69
C LEU A 130 -40.97 -4.35 0.93
N GLY A 131 -40.10 -4.65 -0.03
CA GLY A 131 -39.16 -5.74 0.17
C GLY A 131 -38.20 -5.47 1.30
N ALA A 132 -37.60 -4.28 1.32
CA ALA A 132 -36.63 -3.98 2.37
C ALA A 132 -37.31 -3.85 3.73
N VAL A 133 -38.50 -3.26 3.77
CA VAL A 133 -39.23 -3.17 5.03
C VAL A 133 -39.59 -4.56 5.54
N LEU A 134 -40.06 -5.43 4.65
CA LEU A 134 -40.44 -6.76 5.10
C LEU A 134 -39.20 -7.51 5.59
N LEU A 135 -38.09 -7.38 4.86
CA LEU A 135 -36.83 -7.95 5.31
C LEU A 135 -36.49 -7.50 6.71
N VAL A 136 -36.50 -6.20 6.95
CA VAL A 136 -36.09 -5.69 8.26
C VAL A 136 -37.10 -6.10 9.32
N LEU A 137 -38.33 -5.62 9.19
CA LEU A 137 -39.38 -5.89 10.15
C LEU A 137 -39.63 -7.38 10.35
N GLY A 138 -39.11 -8.24 9.50
CA GLY A 138 -39.29 -9.66 9.73
C GLY A 138 -38.18 -10.32 10.49
N SER A 139 -37.23 -9.57 11.01
CA SER A 139 -36.24 -10.13 11.92
C SER A 139 -36.56 -9.82 13.37
N LEU A 140 -37.59 -9.02 13.62
CA LEU A 140 -38.01 -8.79 14.99
C LEU A 140 -38.81 -9.94 15.54
N VAL A 141 -39.57 -10.65 14.69
CA VAL A 141 -40.42 -11.72 15.19
C VAL A 141 -39.64 -12.75 16.00
N PRO A 142 -38.37 -13.07 15.70
CA PRO A 142 -37.60 -13.82 16.68
C PRO A 142 -37.51 -13.08 18.00
N PHE A 143 -36.98 -11.86 17.98
CA PHE A 143 -36.76 -11.14 19.23
C PHE A 143 -38.00 -11.14 20.09
N PHE A 144 -39.13 -10.76 19.53
CA PHE A 144 -40.29 -10.51 20.35
C PHE A 144 -41.14 -11.74 20.61
N PHE A 145 -40.98 -12.81 19.83
CA PHE A 145 -41.83 -13.96 20.01
C PHE A 145 -41.08 -15.24 20.35
N ASP A 146 -39.76 -15.21 20.37
CA ASP A 146 -38.95 -16.39 20.62
C ASP A 146 -38.06 -16.24 21.83
N TRP A 147 -37.26 -15.17 21.91
CA TRP A 147 -36.30 -15.11 23.01
C TRP A 147 -36.42 -13.82 23.81
N ILE A 148 -37.58 -13.16 23.76
CA ILE A 148 -37.98 -12.32 24.89
C ILE A 148 -38.64 -13.24 25.91
N PRO A 149 -39.56 -14.13 25.53
CA PRO A 149 -39.80 -15.30 26.36
C PRO A 149 -38.55 -16.15 26.34
N SER A 150 -38.51 -17.16 27.20
CA SER A 150 -37.36 -18.04 27.24
C SER A 150 -36.10 -17.28 27.62
N ALA A 151 -36.23 -15.99 27.83
CA ALA A 151 -35.29 -15.21 28.61
C ALA A 151 -35.97 -14.53 29.76
N ILE A 152 -37.25 -14.20 29.62
CA ILE A 152 -38.05 -13.86 30.78
C ILE A 152 -38.33 -15.12 31.59
N GLN A 153 -38.35 -16.28 30.93
CA GLN A 153 -38.51 -17.52 31.67
C GLN A 153 -37.20 -17.96 32.31
N TRP A 154 -36.09 -17.83 31.59
CA TRP A 154 -34.82 -18.22 32.15
C TRP A 154 -34.42 -17.31 33.30
N LYS A 155 -34.72 -16.03 33.20
CA LYS A 155 -34.41 -15.12 34.27
C LYS A 155 -35.13 -15.50 35.55
N ARG A 156 -36.47 -15.43 35.52
CA ARG A 156 -37.26 -15.55 36.74
C ARG A 156 -37.04 -16.88 37.43
N GLU A 157 -36.65 -17.91 36.69
CA GLU A 157 -36.51 -19.21 37.32
C GLU A 157 -35.21 -19.34 38.11
N ASN A 158 -34.27 -18.42 37.97
CA ASN A 158 -32.98 -18.59 38.64
C ASN A 158 -33.04 -18.26 40.12
N PRO A 159 -33.49 -17.07 40.54
CA PRO A 159 -33.86 -15.81 39.88
C PRO A 159 -32.84 -14.70 40.10
N ASP A 160 -31.94 -14.91 41.05
CA ASP A 160 -30.89 -13.96 41.35
C ASP A 160 -29.66 -14.37 40.55
N GLN A 161 -29.65 -13.94 39.29
CA GLN A 161 -28.55 -14.26 38.40
C GLN A 161 -28.56 -13.27 37.24
N LYS A 162 -27.41 -12.69 36.96
CA LYS A 162 -27.32 -11.75 35.85
C LYS A 162 -27.64 -12.44 34.54
N LEU A 163 -28.10 -11.66 33.59
CA LEU A 163 -28.31 -12.19 32.27
C LEU A 163 -26.95 -12.40 31.62
N PRO A 164 -26.71 -13.55 30.99
CA PRO A 164 -25.40 -13.82 30.40
C PRO A 164 -24.97 -12.70 29.48
N LEU A 165 -23.67 -12.50 29.38
CA LEU A 165 -23.18 -11.42 28.53
C LEU A 165 -23.56 -11.64 27.08
N ALA A 166 -23.55 -12.88 26.63
CA ALA A 166 -23.83 -13.14 25.22
C ALA A 166 -25.27 -12.81 24.86
N VAL A 167 -26.18 -12.86 25.83
CA VAL A 167 -27.59 -12.66 25.52
C VAL A 167 -27.99 -11.27 25.97
N PHE A 168 -27.29 -10.71 26.94
CA PHE A 168 -27.47 -9.30 27.22
C PHE A 168 -26.99 -8.45 26.07
N GLY A 169 -25.95 -8.90 25.37
CA GLY A 169 -25.52 -8.20 24.17
C GLY A 169 -26.54 -8.25 23.06
N THR A 170 -27.12 -9.42 22.81
CA THR A 170 -28.15 -9.49 21.79
C THR A 170 -29.41 -8.74 22.23
N PHE A 171 -29.67 -8.64 23.53
CA PHE A 171 -30.82 -7.85 23.94
C PHE A 171 -30.60 -6.38 23.74
N VAL A 172 -29.46 -5.85 24.16
CA VAL A 172 -29.17 -4.45 23.86
C VAL A 172 -29.24 -4.22 22.37
N ASN A 173 -28.68 -5.14 21.60
CA ASN A 173 -28.65 -4.98 20.15
C ASN A 173 -30.05 -4.92 19.56
N PHE A 174 -30.90 -5.86 19.92
CA PHE A 174 -32.19 -5.88 19.29
C PHE A 174 -33.15 -4.88 19.89
N ILE A 175 -32.88 -4.38 21.09
CA ILE A 175 -33.63 -3.24 21.57
C ILE A 175 -33.30 -2.02 20.74
N LEU A 176 -32.00 -1.79 20.52
CA LEU A 176 -31.56 -0.77 19.58
C LEU A 176 -32.32 -0.86 18.28
N TRP A 177 -32.35 -2.05 17.71
CA TRP A 177 -32.91 -2.25 16.39
C TRP A 177 -34.43 -2.03 16.40
N THR A 178 -35.11 -2.59 17.39
CA THR A 178 -36.54 -2.37 17.54
C THR A 178 -36.87 -0.90 17.59
N ILE A 179 -36.01 -0.11 18.23
CA ILE A 179 -36.26 1.33 18.29
C ILE A 179 -36.02 1.96 16.93
N MET A 180 -34.85 1.72 16.35
CA MET A 180 -34.46 2.44 15.14
C MET A 180 -35.04 1.83 13.88
N ILE A 181 -36.02 0.95 13.99
CA ILE A 181 -36.80 0.66 12.80
C ILE A 181 -37.94 1.63 12.67
N VAL A 182 -38.45 2.14 13.78
CA VAL A 182 -39.53 3.12 13.74
C VAL A 182 -39.25 4.24 12.74
N PRO A 183 -38.10 4.89 12.72
CA PRO A 183 -37.89 5.97 11.76
C PRO A 183 -38.01 5.50 10.33
N VAL A 184 -37.25 4.50 9.92
CA VAL A 184 -37.27 4.15 8.51
C VAL A 184 -38.56 3.43 8.17
N ALA A 185 -39.16 2.72 9.12
CA ALA A 185 -40.44 2.12 8.79
C ALA A 185 -41.56 3.12 8.76
N ILE A 186 -41.33 4.33 9.24
CA ILE A 186 -42.28 5.42 8.99
C ILE A 186 -41.96 6.11 7.69
N GLU A 187 -40.69 6.41 7.45
CA GLU A 187 -40.29 7.06 6.21
C GLU A 187 -40.73 6.27 5.01
N ILE A 188 -40.34 4.99 4.95
CA ILE A 188 -40.73 4.18 3.80
C ILE A 188 -42.24 4.12 3.69
N LEU A 189 -42.89 3.54 4.70
CA LEU A 189 -44.32 3.26 4.60
C LEU A 189 -45.16 4.50 4.39
N PHE A 190 -44.68 5.69 4.72
CA PHE A 190 -45.52 6.87 4.64
C PHE A 190 -45.01 7.93 3.67
N GLN A 191 -43.88 7.72 3.07
CA GLN A 191 -43.39 8.68 2.10
C GLN A 191 -43.00 8.04 0.79
N LEU A 192 -42.41 6.86 0.82
CA LEU A 192 -41.88 6.27 -0.40
C LEU A 192 -42.72 5.12 -0.91
N LEU A 193 -43.36 4.39 -0.04
CA LEU A 193 -44.37 3.45 -0.48
C LEU A 193 -45.64 4.18 -0.92
N PRO A 194 -45.98 5.35 -0.40
CA PRO A 194 -47.08 6.09 -1.04
C PRO A 194 -46.66 6.74 -2.33
N LEU A 195 -45.44 7.27 -2.39
CA LEU A 195 -45.03 7.99 -3.59
C LEU A 195 -44.87 7.04 -4.76
N SER A 196 -44.14 5.95 -4.57
CA SER A 196 -44.23 4.88 -5.54
C SER A 196 -45.67 4.38 -5.56
N LEU A 197 -46.02 3.65 -6.60
CA LEU A 197 -47.40 3.29 -6.86
C LEU A 197 -48.31 4.48 -6.55
N GLY A 198 -48.08 5.55 -7.29
CA GLY A 198 -48.45 6.88 -6.84
C GLY A 198 -49.80 6.97 -6.18
N LEU A 199 -49.78 7.22 -4.88
CA LEU A 199 -50.95 7.61 -4.10
C LEU A 199 -50.83 9.05 -3.65
N VAL A 200 -49.69 9.41 -3.11
CA VAL A 200 -49.31 10.81 -2.98
C VAL A 200 -48.58 11.19 -4.25
N ASP A 201 -48.44 12.49 -4.46
CA ASP A 201 -47.73 12.98 -5.61
C ASP A 201 -46.56 13.87 -5.22
N GLU A 202 -46.30 14.00 -3.92
CA GLU A 202 -45.28 14.89 -3.39
C GLU A 202 -44.53 14.19 -2.29
N ILE A 203 -43.45 14.81 -1.84
CA ILE A 203 -42.56 14.21 -0.86
C ILE A 203 -41.76 15.35 -0.25
N ASN A 204 -41.21 15.13 0.94
CA ASN A 204 -40.38 16.13 1.59
C ASN A 204 -38.94 15.67 1.53
N PRO A 205 -38.23 15.99 0.48
CA PRO A 205 -36.94 15.33 0.23
C PRO A 205 -35.85 15.71 1.21
N LEU A 206 -36.19 16.42 2.27
CA LEU A 206 -35.31 16.58 3.42
C LEU A 206 -35.78 15.81 4.63
N LEU A 207 -37.09 15.71 4.82
CA LEU A 207 -37.62 14.91 5.90
C LEU A 207 -37.42 13.43 5.64
N ALA A 208 -37.22 13.04 4.38
CA ALA A 208 -36.94 11.66 4.08
C ALA A 208 -35.46 11.39 3.95
N ARG A 209 -34.62 12.38 4.25
CA ARG A 209 -33.20 12.19 4.45
C ARG A 209 -32.85 12.20 5.92
N THR A 210 -33.42 13.12 6.68
CA THR A 210 -33.72 12.78 8.06
C THR A 210 -34.79 11.71 8.05
N LEU A 211 -35.05 11.10 9.20
CA LEU A 211 -35.90 9.92 9.28
C LEU A 211 -35.30 8.78 8.50
N PHE A 212 -34.25 9.05 7.75
CA PHE A 212 -33.42 7.97 7.29
C PHE A 212 -32.16 7.95 8.10
N TRP A 213 -31.49 9.04 8.23
CA TRP A 213 -30.31 8.85 9.06
C TRP A 213 -30.63 8.72 10.54
N PHE A 214 -31.90 8.57 10.88
CA PHE A 214 -32.33 8.02 12.15
C PHE A 214 -32.48 6.50 12.07
N PHE A 215 -32.12 5.93 10.98
CA PHE A 215 -32.04 4.49 10.86
C PHE A 215 -30.72 4.06 10.28
N GLY A 216 -30.19 4.82 9.36
CA GLY A 216 -28.89 4.55 8.81
C GLY A 216 -27.79 4.64 9.83
N HIS A 217 -27.96 5.46 10.87
CA HIS A 217 -26.85 5.41 11.80
C HIS A 217 -26.94 4.44 12.97
N PRO A 218 -28.08 4.28 13.63
CA PRO A 218 -28.18 3.18 14.59
C PRO A 218 -28.01 1.83 13.97
N VAL A 219 -28.01 1.70 12.65
CA VAL A 219 -27.85 0.37 12.10
C VAL A 219 -26.37 0.00 12.06
N VAL A 220 -25.46 0.96 12.00
CA VAL A 220 -24.05 0.60 12.11
C VAL A 220 -23.78 -0.01 13.47
N TYR A 221 -24.36 0.56 14.52
CA TYR A 221 -24.14 -0.01 15.83
C TYR A 221 -24.98 -1.24 16.06
N PHE A 222 -26.07 -1.40 15.33
CA PHE A 222 -26.77 -2.68 15.37
C PHE A 222 -25.93 -3.79 14.79
N TRP A 223 -25.17 -3.52 13.72
CA TRP A 223 -24.23 -4.52 13.25
C TRP A 223 -23.08 -4.69 14.21
N LEU A 224 -22.55 -3.58 14.71
CA LEU A 224 -21.34 -3.61 15.53
C LEU A 224 -21.57 -4.35 16.83
N LEU A 225 -22.78 -4.41 17.34
CA LEU A 225 -22.94 -5.02 18.64
C LEU A 225 -22.77 -6.54 18.62
N PRO A 226 -23.19 -7.27 17.60
CA PRO A 226 -22.82 -8.68 17.57
C PRO A 226 -21.35 -8.93 17.35
N ALA A 227 -20.69 -8.12 16.52
CA ALA A 227 -19.24 -8.21 16.48
C ALA A 227 -18.65 -8.04 17.86
N TYR A 228 -19.26 -7.19 18.69
CA TYR A 228 -18.72 -6.97 20.02
C TYR A 228 -19.07 -8.07 20.98
N VAL A 229 -20.23 -8.70 20.85
CA VAL A 229 -20.49 -9.82 21.74
C VAL A 229 -19.59 -10.98 21.37
N ALA A 230 -19.23 -11.11 20.11
CA ALA A 230 -18.16 -12.04 19.75
C ALA A 230 -16.86 -11.63 20.44
N LEU A 231 -16.36 -10.44 20.14
CA LEU A 231 -15.09 -10.01 20.73
C LEU A 231 -15.06 -10.14 22.25
N TYR A 232 -16.21 -10.12 22.91
CA TYR A 232 -16.19 -10.22 24.36
C TYR A 232 -16.23 -11.65 24.83
N THR A 233 -17.11 -12.47 24.26
CA THR A 233 -17.30 -13.81 24.79
C THR A 233 -16.49 -14.87 24.07
N ILE A 234 -16.28 -14.74 22.77
CA ILE A 234 -15.64 -15.79 21.99
C ILE A 234 -14.17 -15.54 21.72
N LEU A 235 -13.71 -14.30 21.75
CA LEU A 235 -12.29 -14.07 21.49
C LEU A 235 -11.41 -14.61 22.61
N PRO A 236 -11.63 -14.28 23.88
CA PRO A 236 -10.76 -14.80 24.93
C PRO A 236 -10.84 -16.29 25.12
N LYS A 237 -11.66 -17.02 24.38
CA LYS A 237 -11.58 -18.47 24.45
C LYS A 237 -11.01 -19.10 23.20
N ILE A 238 -10.99 -18.39 22.07
CA ILE A 238 -10.24 -18.88 20.92
C ILE A 238 -8.78 -18.49 21.02
N VAL A 239 -8.45 -17.56 21.90
CA VAL A 239 -7.09 -17.49 22.42
C VAL A 239 -7.06 -18.59 23.47
N SER A 240 -5.89 -18.85 24.05
CA SER A 240 -5.69 -19.96 24.98
C SER A 240 -6.88 -20.19 25.90
N GLU A 241 -7.16 -21.44 26.18
CA GLU A 241 -8.34 -21.88 26.94
C GLU A 241 -8.33 -21.43 28.37
N LYS A 242 -7.43 -20.56 28.79
CA LYS A 242 -7.52 -19.91 30.08
C LYS A 242 -8.00 -18.48 29.99
N GLY A 243 -8.55 -18.07 28.84
CA GLY A 243 -8.96 -16.70 28.67
C GLY A 243 -10.21 -16.38 29.47
N LYS A 244 -10.39 -15.11 29.80
CA LYS A 244 -11.34 -14.80 30.86
C LYS A 244 -12.24 -13.61 30.64
N LEU A 245 -12.03 -12.75 29.64
CA LEU A 245 -12.86 -11.56 29.48
C LEU A 245 -12.79 -10.68 30.73
N TYR A 246 -11.63 -10.06 30.90
CA TYR A 246 -11.45 -9.04 31.92
C TYR A 246 -12.66 -8.11 31.99
N SER A 247 -13.19 -7.93 33.20
CA SER A 247 -14.15 -6.88 33.51
C SER A 247 -15.46 -7.04 32.73
N ASP A 248 -16.17 -8.11 33.03
CA ASP A 248 -17.55 -8.23 32.58
C ASP A 248 -18.40 -6.99 32.79
N PRO A 249 -18.38 -6.31 33.94
CA PRO A 249 -19.14 -5.06 34.04
C PRO A 249 -18.71 -4.02 33.04
N ALA A 250 -17.46 -4.01 32.60
CA ALA A 250 -17.06 -3.05 31.58
C ALA A 250 -17.72 -3.39 30.25
N ALA A 251 -17.86 -4.66 29.94
CA ALA A 251 -18.57 -5.01 28.72
C ALA A 251 -20.04 -4.61 28.83
N ARG A 252 -20.67 -4.89 29.96
CA ARG A 252 -22.07 -4.49 30.12
C ARG A 252 -22.23 -2.98 30.02
N LEU A 253 -21.26 -2.23 30.53
CA LEU A 253 -21.32 -0.78 30.41
C LEU A 253 -21.21 -0.34 28.95
N ALA A 254 -20.27 -0.92 28.21
CA ALA A 254 -20.14 -0.56 26.80
C ALA A 254 -21.44 -0.84 26.06
N PHE A 255 -22.10 -1.94 26.38
CA PHE A 255 -23.36 -2.19 25.72
C PHE A 255 -24.41 -1.16 26.11
N ILE A 256 -24.44 -0.76 27.38
CA ILE A 256 -25.43 0.24 27.78
C ILE A 256 -25.18 1.56 27.08
N LEU A 257 -23.91 1.89 26.83
CA LEU A 257 -23.62 3.09 26.05
C LEU A 257 -24.10 2.96 24.62
N PHE A 258 -23.84 1.83 23.98
CA PHE A 258 -24.36 1.69 22.63
C PHE A 258 -25.87 1.68 22.62
N LEU A 259 -26.49 1.44 23.76
CA LEU A 259 -27.94 1.56 23.81
C LEU A 259 -28.36 3.02 23.83
N ILE A 260 -27.77 3.82 24.72
CA ILE A 260 -28.29 5.18 24.89
C ILE A 260 -27.77 6.11 23.81
N PHE A 261 -26.50 6.01 23.46
CA PHE A 261 -25.84 7.03 22.66
C PHE A 261 -25.75 6.69 21.18
N SER A 262 -26.30 5.58 20.73
CA SER A 262 -26.21 5.27 19.30
C SER A 262 -27.44 5.75 18.56
N LEU A 263 -28.52 6.03 19.28
CA LEU A 263 -29.74 6.50 18.63
C LEU A 263 -29.72 7.99 18.31
N PRO A 264 -29.32 8.88 19.23
CA PRO A 264 -29.46 10.32 18.94
C PRO A 264 -28.41 10.87 18.01
N VAL A 265 -27.56 10.04 17.40
CA VAL A 265 -26.37 10.53 16.74
C VAL A 265 -26.54 10.68 15.24
N GLY A 266 -27.68 10.30 14.70
CA GLY A 266 -27.77 10.11 13.26
C GLY A 266 -27.74 11.39 12.45
N LEU A 267 -27.67 12.53 13.10
CA LEU A 267 -27.69 13.77 12.31
C LEU A 267 -26.30 14.12 11.83
N HIS A 268 -25.31 13.34 12.20
CA HIS A 268 -23.97 13.61 11.75
C HIS A 268 -23.66 12.95 10.43
N HIS A 269 -24.66 12.39 9.76
CA HIS A 269 -24.49 11.95 8.39
C HIS A 269 -24.91 13.04 7.43
N GLN A 270 -25.92 13.81 7.77
CA GLN A 270 -26.28 14.99 7.01
C GLN A 270 -25.76 16.21 7.74
N PHE A 271 -24.46 16.43 7.65
CA PHE A 271 -23.90 17.67 8.18
C PHE A 271 -24.00 18.80 7.21
N THR A 272 -24.02 18.50 5.92
CA THR A 272 -23.99 19.52 4.90
C THR A 272 -25.35 19.77 4.30
N ASP A 273 -26.36 19.00 4.68
CA ASP A 273 -27.71 19.32 4.24
C ASP A 273 -28.09 20.72 4.71
N PRO A 274 -28.75 21.49 3.90
CA PRO A 274 -28.92 22.91 4.18
C PRO A 274 -30.12 23.25 5.02
N GLY A 275 -31.08 22.34 5.13
CA GLY A 275 -32.26 22.64 5.91
C GLY A 275 -31.97 22.67 7.40
N ILE A 276 -31.55 21.52 7.94
CA ILE A 276 -31.37 21.33 9.38
C ILE A 276 -30.67 22.51 9.99
N THR A 277 -31.23 23.06 11.04
CA THR A 277 -30.60 24.20 11.70
C THR A 277 -29.28 23.77 12.29
N ASN A 278 -28.21 24.44 11.89
CA ASN A 278 -26.92 24.28 12.54
C ASN A 278 -27.11 24.56 14.03
N THR A 279 -26.15 24.12 14.86
CA THR A 279 -26.22 24.03 16.32
C THR A 279 -27.12 22.92 16.78
N TRP A 280 -27.76 22.19 15.87
CA TRP A 280 -28.20 20.84 16.16
C TRP A 280 -27.26 19.82 15.59
N LYS A 281 -26.74 20.08 14.40
CA LYS A 281 -25.63 19.30 13.90
C LYS A 281 -24.47 19.32 14.87
N LEU A 282 -24.33 20.39 15.65
CA LEU A 282 -23.24 20.43 16.62
C LEU A 282 -23.52 19.52 17.80
N ILE A 283 -24.75 19.53 18.31
CA ILE A 283 -25.12 18.60 19.37
C ILE A 283 -24.91 17.17 18.92
N HIS A 284 -25.16 16.88 17.64
CA HIS A 284 -24.98 15.51 17.20
C HIS A 284 -23.53 15.17 16.85
N ALA A 285 -22.72 16.16 16.49
CA ALA A 285 -21.29 15.92 16.47
C ALA A 285 -20.70 15.88 17.87
N LEU A 286 -21.49 16.16 18.90
CA LEU A 286 -21.10 15.88 20.27
C LEU A 286 -21.51 14.48 20.71
N PHE A 287 -22.77 14.11 20.45
CA PHE A 287 -23.19 12.74 20.72
C PHE A 287 -22.43 11.74 19.89
N THR A 288 -21.83 12.16 18.77
CA THR A 288 -20.99 11.21 18.05
C THR A 288 -19.68 10.99 18.75
N PHE A 289 -19.05 12.05 19.23
CA PHE A 289 -17.89 11.85 20.08
C PHE A 289 -18.26 11.21 21.40
N GLY A 290 -19.53 11.08 21.70
CA GLY A 290 -19.95 10.32 22.85
C GLY A 290 -20.16 8.84 22.56
N VAL A 291 -20.73 8.52 21.40
CA VAL A 291 -20.92 7.12 21.05
C VAL A 291 -19.67 6.49 20.49
N ALA A 292 -18.66 7.28 20.18
CA ALA A 292 -17.37 6.71 19.88
C ALA A 292 -16.58 6.43 21.13
N LEU A 293 -17.17 6.63 22.29
CA LEU A 293 -16.50 6.31 23.54
C LEU A 293 -16.64 4.83 23.87
N PRO A 294 -17.85 4.24 23.85
CA PRO A 294 -17.94 2.82 24.19
C PRO A 294 -17.06 1.96 23.33
N SER A 295 -16.80 2.34 22.09
CA SER A 295 -15.85 1.57 21.32
C SER A 295 -14.44 1.77 21.82
N MET A 296 -14.13 2.89 22.45
CA MET A 296 -12.82 3.02 23.08
C MET A 296 -12.78 2.45 24.48
N ILE A 297 -13.91 1.99 25.01
CA ILE A 297 -13.91 1.15 26.18
C ILE A 297 -13.77 -0.31 25.77
N THR A 298 -14.34 -0.66 24.63
CA THR A 298 -14.14 -2.00 24.10
C THR A 298 -12.70 -2.20 23.65
N ALA A 299 -12.09 -1.17 23.08
CA ALA A 299 -10.67 -1.28 22.74
C ALA A 299 -9.80 -1.49 23.96
N PHE A 300 -10.33 -1.36 25.15
CA PHE A 300 -9.60 -1.61 26.39
C PHE A 300 -9.96 -2.96 26.96
N THR A 301 -11.25 -3.26 27.01
CA THR A 301 -11.65 -4.54 27.58
C THR A 301 -11.19 -5.70 26.70
N VAL A 302 -11.29 -5.57 25.38
CA VAL A 302 -10.89 -6.66 24.49
C VAL A 302 -9.42 -6.57 24.12
N ALA A 303 -8.69 -5.63 24.67
CA ALA A 303 -7.24 -5.68 24.60
C ALA A 303 -6.63 -6.04 25.93
N THR A 304 -7.42 -6.09 26.99
CA THR A 304 -6.98 -6.69 28.24
C THR A 304 -7.34 -8.16 28.29
N SER A 305 -8.56 -8.51 27.95
CA SER A 305 -8.91 -9.92 27.84
C SER A 305 -8.03 -10.63 26.83
N LEU A 306 -7.42 -9.89 25.92
CA LEU A 306 -6.38 -10.49 25.09
C LEU A 306 -5.06 -10.56 25.83
N GLU A 307 -4.82 -9.67 26.77
CA GLU A 307 -3.59 -9.75 27.54
C GLU A 307 -3.72 -10.73 28.68
N TYR A 308 -4.84 -10.70 29.40
CA TYR A 308 -5.00 -11.67 30.47
C TYR A 308 -4.95 -13.09 29.93
N SER A 309 -5.55 -13.32 28.77
CA SER A 309 -5.58 -14.67 28.25
C SER A 309 -4.18 -15.11 27.86
N VAL A 310 -3.45 -14.27 27.14
CA VAL A 310 -2.10 -14.64 26.72
C VAL A 310 -1.18 -14.80 27.91
N LYS A 311 -1.14 -13.81 28.78
CA LYS A 311 -0.27 -13.96 29.92
C LYS A 311 -0.78 -14.92 30.92
N ALA A 312 -1.85 -15.63 30.69
CA ALA A 312 -2.20 -16.74 31.55
C ALA A 312 -1.61 -18.06 31.05
N GLU A 313 -1.42 -18.19 29.74
CA GLU A 313 -0.80 -19.40 29.20
C GLU A 313 0.70 -19.24 29.01
N HIS A 314 1.29 -18.13 29.42
CA HIS A 314 2.71 -17.89 29.26
C HIS A 314 3.22 -17.14 30.47
N PRO A 315 3.23 -17.77 31.62
CA PRO A 315 3.61 -17.07 32.85
C PRO A 315 4.97 -16.39 32.76
N GLU A 316 5.74 -16.76 31.74
CA GLU A 316 6.97 -16.02 31.47
C GLU A 316 6.66 -14.56 31.17
N LEU A 317 5.66 -14.31 30.33
CA LEU A 317 5.33 -12.98 29.84
C LEU A 317 4.81 -12.07 30.94
N LYS A 318 4.71 -12.58 32.16
CA LYS A 318 4.13 -11.80 33.23
C LYS A 318 4.80 -10.43 33.30
N ASN A 319 3.98 -9.41 33.59
CA ASN A 319 4.43 -8.03 33.71
C ASN A 319 5.34 -7.59 32.58
N SER A 320 5.03 -8.00 31.36
CA SER A 320 5.77 -7.57 30.18
C SER A 320 4.80 -6.86 29.26
N LYS A 321 5.02 -5.57 29.04
CA LYS A 321 4.25 -4.82 28.07
C LYS A 321 4.94 -4.84 26.72
N PHE A 322 4.15 -5.02 25.67
CA PHE A 322 4.50 -5.07 24.25
C PHE A 322 5.09 -6.38 23.78
N TYR A 323 5.47 -7.32 24.63
CA TYR A 323 6.08 -8.49 24.03
C TYR A 323 5.06 -9.58 23.74
N TRP A 324 3.97 -9.64 24.49
CA TRP A 324 2.81 -10.33 23.99
C TRP A 324 2.33 -9.49 22.81
N TRP A 325 1.23 -9.87 22.17
CA TRP A 325 0.89 -9.42 20.82
C TRP A 325 1.77 -10.13 19.83
N THR A 326 2.77 -10.84 20.33
CA THR A 326 3.56 -11.72 19.50
C THR A 326 3.26 -13.17 19.77
N PHE A 327 2.75 -13.48 20.95
CA PHE A 327 2.35 -14.82 21.30
C PHE A 327 0.88 -15.07 21.03
N LEU A 328 0.32 -14.33 20.25
CA LEU A 328 -1.06 -14.58 19.91
C LEU A 328 -1.15 -15.49 18.70
N PRO A 329 -2.13 -16.35 18.61
CA PRO A 329 -2.24 -17.24 17.46
C PRO A 329 -2.68 -16.50 16.21
N PHE A 330 -1.77 -15.78 15.57
CA PHE A 330 -2.14 -15.01 14.39
C PHE A 330 -2.56 -15.92 13.26
N MET A 331 -1.78 -16.95 12.99
CA MET A 331 -2.05 -17.83 11.87
C MET A 331 -1.97 -19.27 12.29
N ARG A 332 -2.65 -19.63 13.37
CA ARG A 332 -2.70 -21.00 13.83
C ARG A 332 -3.94 -21.69 13.30
N LEU A 333 -3.75 -22.88 12.78
CA LEU A 333 -4.83 -23.80 12.48
C LEU A 333 -5.22 -24.47 13.78
N GLU A 334 -5.86 -25.63 13.69
CA GLU A 334 -5.95 -26.58 14.79
C GLU A 334 -6.73 -26.07 15.99
N GLY A 335 -8.02 -25.83 15.78
CA GLY A 335 -9.01 -25.92 16.83
C GLY A 335 -9.38 -24.61 17.44
N ASN A 336 -10.48 -24.04 16.96
CA ASN A 336 -10.94 -22.73 17.36
C ASN A 336 -9.75 -21.79 17.53
N LYS A 337 -8.82 -21.83 16.61
CA LYS A 337 -7.74 -20.88 16.62
C LYS A 337 -7.48 -20.30 15.25
N TRP A 338 -8.11 -20.82 14.21
CA TRP A 338 -8.15 -20.06 12.98
C TRP A 338 -8.93 -18.78 13.18
N MET A 339 -9.99 -18.85 13.97
CA MET A 339 -10.85 -17.70 14.19
C MET A 339 -10.09 -16.51 14.71
N PHE A 340 -8.93 -16.70 15.31
CA PHE A 340 -8.22 -15.51 15.73
C PHE A 340 -7.70 -14.74 14.55
N SER A 341 -7.42 -15.40 13.44
CA SER A 341 -7.01 -14.64 12.27
C SER A 341 -8.09 -13.65 11.87
N TYR A 342 -9.34 -14.08 11.90
CA TYR A 342 -10.43 -13.18 11.56
C TYR A 342 -10.57 -12.09 12.60
N PHE A 343 -10.58 -12.47 13.87
CA PHE A 343 -10.84 -11.44 14.87
C PHE A 343 -9.73 -10.41 14.87
N PHE A 344 -8.50 -10.78 14.55
CA PHE A 344 -7.43 -9.80 14.57
C PHE A 344 -7.35 -8.99 13.29
N ALA A 345 -7.46 -9.62 12.13
CA ALA A 345 -7.52 -8.83 10.91
C ALA A 345 -8.78 -8.00 10.86
N GLY A 346 -9.72 -8.22 11.76
CA GLY A 346 -10.86 -7.34 11.85
C GLY A 346 -10.56 -6.23 12.82
N LEU A 347 -9.86 -6.55 13.90
CA LEU A 347 -9.57 -5.50 14.86
C LEU A 347 -8.61 -4.46 14.30
N VAL A 348 -7.71 -4.83 13.39
CA VAL A 348 -6.83 -3.83 12.80
C VAL A 348 -7.61 -2.89 11.90
N LEU A 349 -8.36 -3.45 10.96
CA LEU A 349 -9.23 -2.64 10.13
C LEU A 349 -10.16 -1.79 10.98
N PHE A 350 -10.56 -2.27 12.15
CA PHE A 350 -11.42 -1.43 12.95
C PHE A 350 -10.63 -0.33 13.62
N PHE A 351 -9.40 -0.61 14.03
CA PHE A 351 -8.52 0.45 14.50
C PHE A 351 -8.54 1.60 13.53
N ILE A 352 -8.50 1.32 12.24
CA ILE A 352 -8.47 2.41 11.27
C ILE A 352 -9.85 3.00 11.03
N GLY A 353 -10.87 2.17 10.95
CA GLY A 353 -12.22 2.67 10.78
C GLY A 353 -12.67 3.55 11.92
N GLY A 354 -12.07 3.39 13.08
CA GLY A 354 -12.46 4.20 14.22
C GLY A 354 -11.94 5.62 14.11
N ILE A 355 -10.65 5.78 13.83
CA ILE A 355 -10.16 7.14 13.64
C ILE A 355 -10.81 7.78 12.45
N THR A 356 -11.07 7.00 11.41
CA THR A 356 -11.69 7.60 10.25
C THR A 356 -13.11 8.06 10.57
N GLY A 357 -13.82 7.31 11.40
CA GLY A 357 -15.14 7.75 11.79
C GLY A 357 -15.10 8.96 12.72
N ILE A 358 -14.14 8.98 13.65
CA ILE A 358 -13.97 10.13 14.53
C ILE A 358 -13.73 11.38 13.72
N VAL A 359 -12.84 11.30 12.73
CA VAL A 359 -12.64 12.40 11.80
C VAL A 359 -13.95 12.80 11.16
N ASN A 360 -14.54 11.87 10.40
CA ASN A 360 -15.77 12.13 9.68
C ASN A 360 -16.80 12.86 10.51
N ALA A 361 -16.83 12.62 11.81
CA ALA A 361 -17.85 13.27 12.63
C ALA A 361 -17.47 14.67 13.08
N SER A 362 -16.22 15.08 12.95
CA SER A 362 -15.82 16.38 13.47
C SER A 362 -16.42 17.48 12.62
N TYR A 363 -17.66 17.85 12.92
CA TYR A 363 -18.58 18.38 11.91
C TYR A 363 -17.96 19.45 11.03
N ASN A 364 -17.05 20.27 11.57
CA ASN A 364 -16.25 21.08 10.68
C ASN A 364 -15.55 20.21 9.66
N VAL A 365 -14.75 19.26 10.13
CA VAL A 365 -13.94 18.41 9.29
C VAL A 365 -14.77 17.53 8.38
N ASN A 366 -16.07 17.52 8.57
CA ASN A 366 -16.90 16.77 7.65
C ASN A 366 -17.17 17.52 6.36
N LEU A 367 -16.59 18.70 6.19
CA LEU A 367 -16.65 19.38 4.90
C LEU A 367 -15.52 18.96 3.99
N VAL A 368 -14.38 18.59 4.58
CA VAL A 368 -13.25 18.12 3.81
C VAL A 368 -13.60 16.84 3.08
N VAL A 369 -14.38 15.98 3.71
CA VAL A 369 -14.46 14.58 3.31
C VAL A 369 -15.87 14.11 3.00
N HIS A 370 -16.89 14.93 3.15
CA HIS A 370 -18.24 14.42 3.00
C HIS A 370 -18.46 13.94 1.59
N ASN A 371 -18.99 12.75 1.46
CA ASN A 371 -19.28 12.12 0.17
C ASN A 371 -18.09 12.17 -0.77
N THR A 372 -16.87 12.29 -0.27
CA THR A 372 -15.71 12.01 -1.08
C THR A 372 -15.45 10.52 -1.02
N ALA A 373 -14.31 10.08 -1.53
CA ALA A 373 -13.99 8.67 -1.42
C ALA A 373 -13.47 8.31 -0.06
N TYR A 374 -13.40 9.28 0.84
CA TYR A 374 -13.01 8.99 2.21
C TYR A 374 -14.02 8.09 2.88
N VAL A 375 -15.30 8.38 2.71
CA VAL A 375 -16.31 7.67 3.45
C VAL A 375 -16.31 6.18 3.13
N PRO A 376 -16.08 5.72 1.90
CA PRO A 376 -15.89 4.29 1.72
C PRO A 376 -14.69 3.78 2.47
N GLY A 377 -13.69 4.62 2.69
CA GLY A 377 -12.63 4.24 3.59
C GLY A 377 -13.13 4.02 5.01
N HIS A 378 -14.06 4.85 5.45
CA HIS A 378 -14.58 4.67 6.80
C HIS A 378 -15.35 3.37 6.91
N PHE A 379 -16.35 3.20 6.08
CA PHE A 379 -17.26 2.07 6.27
C PHE A 379 -16.87 0.84 5.50
N HIS A 380 -15.69 0.79 4.92
CA HIS A 380 -15.18 -0.51 4.56
C HIS A 380 -14.29 -1.07 5.63
N THR A 381 -13.40 -0.27 6.20
CA THR A 381 -12.62 -0.75 7.31
C THR A 381 -13.47 -0.97 8.56
N THR A 382 -14.61 -0.30 8.73
CA THR A 382 -15.45 -0.71 9.85
C THR A 382 -16.29 -1.93 9.48
N VAL A 383 -17.21 -1.78 8.53
CA VAL A 383 -18.11 -2.89 8.21
C VAL A 383 -17.30 -4.04 7.68
N GLY A 384 -16.73 -3.90 6.50
CA GLY A 384 -16.05 -5.01 5.91
C GLY A 384 -14.73 -5.31 6.55
N GLY A 385 -14.36 -4.59 7.59
CA GLY A 385 -13.20 -4.97 8.33
C GLY A 385 -13.50 -5.77 9.56
N LEU A 386 -14.29 -5.23 10.48
CA LEU A 386 -14.57 -5.97 11.68
C LEU A 386 -15.87 -6.73 11.57
N VAL A 387 -16.94 -6.05 11.19
CA VAL A 387 -18.23 -6.71 11.26
C VAL A 387 -18.26 -7.87 10.29
N LEU A 388 -17.71 -7.66 9.11
CA LEU A 388 -17.75 -8.73 8.12
C LEU A 388 -16.79 -9.85 8.47
N LEU A 389 -15.61 -9.53 8.99
CA LEU A 389 -14.66 -10.60 9.26
C LEU A 389 -15.08 -11.42 10.47
N VAL A 390 -15.63 -10.78 11.49
CA VAL A 390 -16.16 -11.53 12.60
C VAL A 390 -17.35 -12.37 12.16
N PHE A 391 -18.18 -11.84 11.27
CA PHE A 391 -19.29 -12.65 10.79
C PHE A 391 -18.82 -13.80 9.94
N PHE A 392 -17.72 -13.62 9.22
CA PHE A 392 -17.13 -14.72 8.48
C PHE A 392 -16.62 -15.80 9.41
N ALA A 393 -15.90 -15.40 10.45
CA ALA A 393 -15.37 -16.38 11.38
C ALA A 393 -16.51 -17.17 12.00
N LEU A 394 -17.53 -16.49 12.47
CA LEU A 394 -18.62 -17.20 13.11
C LEU A 394 -19.42 -18.02 12.10
N SER A 395 -19.46 -17.62 10.83
CA SER A 395 -20.10 -18.45 9.84
C SER A 395 -19.38 -19.77 9.70
N LEU A 396 -18.06 -19.72 9.49
CA LEU A 396 -17.30 -20.96 9.40
C LEU A 396 -17.49 -21.80 10.64
N TYR A 397 -17.38 -21.18 11.81
CA TYR A 397 -17.44 -21.93 13.05
C TYR A 397 -18.79 -22.58 13.25
N MET A 398 -19.88 -21.85 13.00
CA MET A 398 -21.19 -22.43 13.27
C MET A 398 -21.58 -23.44 12.21
N VAL A 399 -21.27 -23.18 10.94
CA VAL A 399 -21.55 -24.17 9.91
C VAL A 399 -20.80 -25.46 10.20
N SER A 400 -19.59 -25.33 10.71
CA SER A 400 -18.92 -26.52 11.20
C SER A 400 -19.71 -27.15 12.33
N LYS A 401 -19.81 -26.43 13.44
CA LYS A 401 -20.19 -27.04 14.71
C LYS A 401 -21.60 -27.59 14.68
N LEU A 402 -22.48 -27.02 13.88
CA LEU A 402 -23.86 -27.49 13.90
C LEU A 402 -24.19 -28.36 12.70
N ARG A 403 -23.22 -28.68 11.87
CA ARG A 403 -23.42 -29.67 10.83
C ARG A 403 -22.58 -30.92 11.05
N GLY A 404 -21.47 -30.80 11.75
CA GLY A 404 -20.60 -31.93 12.02
C GLY A 404 -19.22 -31.78 11.42
N SER A 405 -19.15 -31.25 10.20
CA SER A 405 -17.86 -31.05 9.54
C SER A 405 -16.91 -30.34 10.47
N GLU A 406 -15.67 -30.82 10.54
CA GLU A 406 -14.74 -30.21 11.47
C GLU A 406 -14.46 -28.77 11.04
N VAL A 407 -13.72 -28.59 9.95
CA VAL A 407 -13.72 -27.41 9.08
C VAL A 407 -12.86 -27.87 7.91
N LYS A 408 -13.19 -27.49 6.70
CA LYS A 408 -12.43 -27.95 5.56
C LYS A 408 -11.62 -26.81 4.99
N LEU A 409 -10.51 -27.16 4.37
CA LEU A 409 -9.59 -26.19 3.78
C LEU A 409 -9.19 -25.13 4.81
N LYS A 410 -9.07 -25.54 6.06
CA LYS A 410 -8.85 -24.58 7.14
C LYS A 410 -7.68 -23.66 6.88
N GLY A 411 -6.73 -24.06 6.05
CA GLY A 411 -5.62 -23.18 5.74
C GLY A 411 -6.03 -22.01 4.87
N LEU A 412 -6.84 -22.26 3.85
CA LEU A 412 -7.37 -21.18 3.06
C LEU A 412 -8.15 -20.21 3.93
N ALA A 413 -8.96 -20.75 4.84
CA ALA A 413 -9.66 -19.92 5.81
C ALA A 413 -8.68 -19.01 6.54
N VAL A 414 -7.72 -19.60 7.24
CA VAL A 414 -6.78 -18.81 8.03
C VAL A 414 -6.12 -17.73 7.20
N LEU A 415 -5.88 -17.99 5.91
CA LEU A 415 -5.24 -16.96 5.10
C LEU A 415 -6.22 -15.84 4.77
N ALA A 416 -7.48 -16.18 4.53
CA ALA A 416 -8.44 -15.19 4.05
C ALA A 416 -8.42 -13.85 4.79
N PRO A 417 -8.39 -13.80 6.12
CA PRO A 417 -8.39 -12.49 6.76
C PRO A 417 -7.21 -11.64 6.42
N TYR A 418 -6.09 -12.22 6.05
CA TYR A 418 -4.93 -11.37 5.78
C TYR A 418 -4.94 -10.83 4.37
N PHE A 419 -5.34 -11.64 3.40
CA PHE A 419 -5.62 -11.06 2.10
C PHE A 419 -6.67 -9.99 2.21
N TRP A 420 -7.65 -10.18 3.08
CA TRP A 420 -8.70 -9.19 3.20
C TRP A 420 -8.20 -7.92 3.84
N MET A 421 -7.48 -8.03 4.96
CA MET A 421 -6.95 -6.85 5.60
C MET A 421 -5.98 -6.11 4.70
N GLN A 422 -5.22 -6.82 3.89
CA GLN A 422 -4.27 -6.10 3.06
C GLN A 422 -4.91 -5.53 1.81
N GLY A 423 -5.89 -6.20 1.24
CA GLY A 423 -6.66 -5.57 0.19
C GLY A 423 -7.33 -4.31 0.70
N MET A 424 -7.93 -4.39 1.87
CA MET A 424 -8.61 -3.22 2.39
C MET A 424 -7.63 -2.12 2.73
N PHE A 425 -6.42 -2.45 3.11
CA PHE A 425 -5.42 -1.41 3.31
C PHE A 425 -4.99 -0.79 1.99
N MET A 426 -4.53 -1.61 1.04
CA MET A 426 -4.07 -1.10 -0.23
C MET A 426 -5.15 -0.34 -0.98
N PHE A 427 -6.41 -0.54 -0.63
CA PHE A 427 -7.51 0.11 -1.33
C PHE A 427 -8.05 1.31 -0.57
N SER A 428 -8.37 1.14 0.71
CA SER A 428 -8.80 2.26 1.51
C SER A 428 -7.73 3.31 1.62
N TYR A 429 -6.46 2.95 1.58
CA TYR A 429 -5.45 3.98 1.68
C TYR A 429 -5.47 4.89 0.47
N ALA A 430 -5.41 4.31 -0.72
CA ALA A 430 -5.45 5.10 -1.94
C ALA A 430 -6.72 5.91 -2.00
N MET A 431 -7.85 5.31 -1.64
CA MET A 431 -9.10 6.05 -1.76
C MET A 431 -9.20 7.16 -0.73
N MET A 432 -8.73 6.94 0.49
CA MET A 432 -8.80 7.98 1.49
C MET A 432 -7.93 9.16 1.12
N VAL A 433 -6.69 8.90 0.69
CA VAL A 433 -5.86 10.02 0.30
C VAL A 433 -6.43 10.71 -0.92
N GLY A 434 -6.95 9.94 -1.88
CA GLY A 434 -7.50 10.57 -3.05
C GLY A 434 -8.83 11.21 -2.83
N GLY A 435 -9.45 11.00 -1.69
CA GLY A 435 -10.71 11.66 -1.43
C GLY A 435 -10.49 12.88 -0.59
N VAL A 436 -9.41 12.88 0.17
CA VAL A 436 -9.09 14.08 0.93
C VAL A 436 -8.43 15.11 0.04
N VAL A 437 -7.41 14.73 -0.73
CA VAL A 437 -6.60 15.75 -1.39
C VAL A 437 -7.17 16.16 -2.73
N VAL A 438 -7.77 15.27 -3.50
CA VAL A 438 -8.29 15.64 -4.80
C VAL A 438 -9.79 15.39 -4.92
N GLY A 439 -10.48 15.30 -3.80
CA GLY A 439 -11.93 15.26 -3.80
C GLY A 439 -12.56 14.15 -4.60
N PHE A 440 -11.90 13.03 -4.74
CA PHE A 440 -12.39 11.93 -5.58
C PHE A 440 -13.74 11.51 -5.07
N PRO A 441 -14.83 11.81 -5.76
CA PRO A 441 -16.15 11.77 -5.15
C PRO A 441 -16.67 10.34 -5.05
N ARG A 442 -17.80 10.21 -4.40
CA ARG A 442 -18.35 8.93 -4.01
C ARG A 442 -19.67 8.73 -4.75
N ARG A 443 -19.96 7.48 -5.10
CA ARG A 443 -21.09 7.18 -5.96
C ARG A 443 -20.96 7.92 -7.29
N THR A 444 -19.90 7.63 -8.01
CA THR A 444 -19.76 8.22 -9.33
C THR A 444 -18.97 7.27 -10.21
N ASN A 445 -19.49 7.05 -11.43
CA ASN A 445 -18.88 6.09 -12.33
C ASN A 445 -17.42 6.43 -12.55
N ALA A 446 -17.11 7.71 -12.70
CA ALA A 446 -15.77 8.23 -12.50
C ALA A 446 -14.71 7.48 -13.27
N GLY A 447 -15.11 6.63 -14.20
CA GLY A 447 -14.14 5.90 -14.96
C GLY A 447 -14.55 6.00 -16.40
N LEU A 448 -15.77 6.46 -16.60
CA LEU A 448 -16.28 6.74 -17.93
C LEU A 448 -16.04 8.19 -18.32
N THR A 449 -16.17 9.13 -17.39
CA THR A 449 -15.87 10.52 -17.72
C THR A 449 -14.70 11.08 -16.91
N TYR A 450 -14.79 11.12 -15.60
CA TYR A 450 -13.77 11.80 -14.83
C TYR A 450 -12.41 11.14 -14.93
N LEU A 451 -12.30 10.07 -15.69
CA LEU A 451 -11.00 9.44 -15.88
C LEU A 451 -10.84 8.96 -17.31
N ASN A 452 -11.68 9.45 -18.22
CA ASN A 452 -11.57 9.13 -19.62
C ASN A 452 -10.61 10.14 -20.24
N PRO A 453 -9.41 9.76 -20.64
CA PRO A 453 -8.43 10.77 -21.03
C PRO A 453 -8.83 11.47 -22.31
N ASP A 454 -10.05 11.20 -22.75
CA ASP A 454 -10.61 11.85 -23.92
C ASP A 454 -11.81 12.72 -23.60
N SER A 455 -12.56 12.41 -22.55
CA SER A 455 -13.78 13.14 -22.28
C SER A 455 -13.45 14.57 -21.85
N PRO A 456 -14.26 15.55 -22.23
CA PRO A 456 -13.99 16.94 -21.82
C PRO A 456 -14.13 17.16 -20.33
N LEU A 457 -14.50 16.13 -19.56
CA LEU A 457 -14.49 16.21 -18.10
C LEU A 457 -13.41 15.24 -17.67
N TYR A 458 -12.16 15.66 -17.73
CA TYR A 458 -11.13 14.67 -17.51
C TYR A 458 -10.63 14.64 -16.08
N ARG A 459 -10.23 15.77 -15.54
CA ARG A 459 -9.67 15.78 -14.19
C ARG A 459 -8.52 14.80 -14.07
N PRO A 460 -7.35 15.10 -14.62
CA PRO A 460 -6.29 14.10 -14.62
C PRO A 460 -5.85 13.68 -13.23
N GLU A 461 -5.81 14.59 -12.27
CA GLU A 461 -5.14 14.29 -11.01
C GLU A 461 -5.69 13.06 -10.33
N TRP A 462 -6.87 12.58 -10.72
CA TRP A 462 -7.50 11.49 -10.04
C TRP A 462 -7.03 10.13 -10.49
N THR A 463 -6.28 10.03 -11.58
CA THR A 463 -5.97 8.71 -12.12
C THR A 463 -5.06 7.94 -11.19
N GLY A 464 -4.11 8.62 -10.55
CA GLY A 464 -3.22 7.91 -9.66
C GLY A 464 -3.95 7.19 -8.56
N TYR A 465 -4.72 7.94 -7.78
CA TYR A 465 -5.44 7.38 -6.65
C TYR A 465 -6.49 6.39 -7.06
N ALA A 466 -6.85 6.33 -8.33
CA ALA A 466 -7.86 5.39 -8.75
C ALA A 466 -7.27 4.15 -9.40
N GLN A 467 -6.04 4.22 -9.87
CA GLN A 467 -5.35 3.07 -10.43
C GLN A 467 -4.41 2.41 -9.43
N LEU A 468 -4.23 3.00 -8.26
CA LEU A 468 -3.55 2.34 -7.16
C LEU A 468 -4.51 1.71 -6.17
N ALA A 469 -5.78 1.59 -6.52
CA ALA A 469 -6.75 0.89 -5.71
C ALA A 469 -7.25 -0.38 -6.36
N ALA A 470 -7.11 -0.50 -7.67
CA ALA A 470 -7.46 -1.75 -8.32
C ALA A 470 -6.75 -2.92 -7.69
N VAL A 471 -5.54 -2.73 -7.16
CA VAL A 471 -4.87 -3.87 -6.57
C VAL A 471 -5.53 -4.23 -5.25
N GLY A 472 -6.04 -3.26 -4.51
CA GLY A 472 -6.79 -3.60 -3.33
C GLY A 472 -8.05 -4.36 -3.69
N GLY A 473 -8.71 -3.93 -4.75
CA GLY A 473 -9.89 -4.65 -5.18
C GLY A 473 -9.59 -6.10 -5.51
N VAL A 474 -8.54 -6.32 -6.31
CA VAL A 474 -8.14 -7.68 -6.65
C VAL A 474 -7.79 -8.47 -5.42
N LEU A 475 -7.02 -7.85 -4.53
CA LEU A 475 -6.45 -8.57 -3.41
C LEU A 475 -7.54 -9.03 -2.45
N LEU A 476 -8.53 -8.18 -2.22
CA LEU A 476 -9.60 -8.66 -1.36
C LEU A 476 -10.63 -9.49 -2.11
N ALA A 477 -10.66 -9.44 -3.44
CA ALA A 477 -11.44 -10.47 -4.14
C ALA A 477 -10.86 -11.83 -3.89
N ILE A 478 -9.54 -11.96 -3.94
CA ILE A 478 -8.90 -13.23 -3.60
C ILE A 478 -9.13 -13.56 -2.15
N GLY A 479 -9.04 -12.57 -1.27
CA GLY A 479 -9.25 -12.82 0.14
C GLY A 479 -10.65 -13.29 0.46
N PHE A 480 -11.64 -12.85 -0.29
CA PHE A 480 -12.97 -13.38 -0.05
C PHE A 480 -13.17 -14.71 -0.75
N ALA A 481 -12.58 -14.92 -1.91
CA ALA A 481 -12.70 -16.22 -2.55
C ALA A 481 -12.14 -17.31 -1.68
N PHE A 482 -11.08 -17.01 -0.94
CA PHE A 482 -10.53 -18.00 -0.01
C PHE A 482 -11.56 -18.42 1.03
N TYR A 483 -12.08 -17.45 1.78
CA TYR A 483 -13.07 -17.77 2.79
C TYR A 483 -14.25 -18.47 2.18
N PHE A 484 -14.63 -18.11 0.96
CA PHE A 484 -15.81 -18.72 0.38
C PHE A 484 -15.56 -20.17 0.00
N ALA A 485 -14.39 -20.46 -0.56
CA ALA A 485 -14.03 -21.86 -0.76
C ALA A 485 -14.06 -22.61 0.55
N SER A 486 -13.55 -22.01 1.62
CA SER A 486 -13.53 -22.69 2.90
C SER A 486 -14.94 -22.94 3.41
N LEU A 487 -15.82 -21.96 3.27
CA LEU A 487 -17.20 -22.12 3.73
C LEU A 487 -17.94 -23.17 2.92
N ILE A 488 -17.77 -23.17 1.60
CA ILE A 488 -18.49 -24.16 0.79
C ILE A 488 -17.97 -25.55 1.08
N ALA A 489 -16.65 -25.70 1.21
CA ALA A 489 -16.12 -27.01 1.55
C ALA A 489 -16.56 -27.44 2.94
N THR A 490 -16.77 -26.49 3.85
CA THR A 490 -17.22 -26.85 5.19
C THR A 490 -18.67 -27.25 5.19
N ALA A 491 -19.51 -26.48 4.51
CA ALA A 491 -20.93 -26.82 4.45
C ALA A 491 -21.14 -28.16 3.76
N LEU A 492 -20.37 -28.43 2.71
CA LEU A 492 -20.65 -29.60 1.88
C LEU A 492 -20.50 -30.89 2.65
N ALA A 493 -19.29 -31.19 3.11
CA ALA A 493 -19.13 -32.55 3.60
C ALA A 493 -17.90 -32.68 4.48
N PRO A 494 -17.72 -33.83 5.17
CA PRO A 494 -18.66 -34.90 5.49
C PRO A 494 -19.01 -34.92 6.97
N LYS A 495 -20.20 -35.41 7.32
CA LYS A 495 -20.59 -35.40 8.72
C LYS A 495 -19.78 -36.43 9.50
N VAL A 496 -19.20 -36.00 10.62
CA VAL A 496 -18.34 -36.89 11.40
C VAL A 496 -18.91 -37.15 12.78
N ARG A 497 -19.66 -36.19 13.34
CA ARG A 497 -20.10 -36.32 14.71
C ARG A 497 -21.43 -35.61 14.90
N GLU A 498 -21.91 -35.61 16.14
CA GLU A 498 -23.21 -35.05 16.46
C GLU A 498 -23.23 -33.55 16.21
N SER A 499 -24.30 -33.09 15.58
CA SER A 499 -24.47 -31.68 15.24
C SER A 499 -24.97 -30.93 16.46
N THR A 500 -24.06 -30.29 17.17
CA THR A 500 -24.37 -29.54 18.38
C THR A 500 -24.29 -28.04 18.10
N LEU A 501 -24.59 -27.25 19.11
CA LEU A 501 -24.64 -25.80 18.96
C LEU A 501 -23.65 -25.11 19.87
N GLU A 502 -22.44 -25.66 19.96
CA GLU A 502 -21.47 -25.14 20.91
C GLU A 502 -21.02 -23.74 20.52
N PHE A 503 -20.28 -23.14 21.42
CA PHE A 503 -19.69 -21.81 21.28
C PHE A 503 -18.66 -21.67 22.38
N PRO A 504 -17.46 -21.28 22.09
CA PRO A 504 -16.50 -20.99 23.16
C PRO A 504 -16.87 -19.66 23.80
N ILE A 505 -17.45 -19.70 24.99
CA ILE A 505 -17.85 -18.51 25.69
C ILE A 505 -16.93 -18.30 26.88
N ALA A 506 -16.11 -17.24 26.81
CA ALA A 506 -15.25 -16.88 27.92
C ALA A 506 -16.09 -16.32 29.05
N ASP A 507 -15.48 -16.21 30.23
CA ASP A 507 -16.29 -15.89 31.40
C ASP A 507 -15.51 -15.06 32.42
N ALA A 508 -15.60 -13.74 32.30
CA ALA A 508 -15.71 -12.86 33.45
C ALA A 508 -14.56 -13.00 34.44
N TYR A 509 -13.39 -12.49 34.04
CA TYR A 509 -12.34 -12.36 35.04
C TYR A 509 -12.84 -11.56 36.23
N HIS A 510 -13.10 -10.28 36.03
CA HIS A 510 -13.70 -9.44 37.06
C HIS A 510 -15.20 -9.45 36.88
N ASP A 511 -15.90 -10.17 37.73
CA ASP A 511 -17.34 -10.28 37.65
C ASP A 511 -17.98 -9.39 38.70
N ALA A 512 -19.15 -8.86 38.39
CA ALA A 512 -19.86 -8.02 39.34
C ALA A 512 -21.34 -8.14 39.09
N PRO A 513 -22.16 -8.16 40.13
CA PRO A 513 -23.61 -8.27 39.96
C PRO A 513 -24.28 -6.93 39.73
N ALA A 514 -23.52 -5.92 39.30
CA ALA A 514 -23.94 -4.52 39.19
C ALA A 514 -25.36 -4.36 38.67
N PRO A 515 -26.28 -3.87 39.50
CA PRO A 515 -27.68 -3.75 39.10
C PRO A 515 -28.10 -2.37 38.58
N LEU A 516 -27.20 -1.39 38.60
CA LEU A 516 -27.52 -0.12 37.93
C LEU A 516 -27.70 -0.33 36.45
N LEU A 517 -26.70 -0.93 35.82
CA LEU A 517 -26.86 -1.61 34.53
C LEU A 517 -27.41 -3.00 34.81
N ASN A 518 -27.36 -3.90 33.83
CA ASN A 518 -28.07 -5.18 33.91
C ASN A 518 -29.58 -4.93 33.92
N ASN A 519 -29.96 -3.67 33.83
CA ASN A 519 -31.34 -3.22 33.98
C ASN A 519 -31.71 -2.56 32.66
N LEU A 520 -32.21 -3.35 31.73
CA LEU A 520 -32.47 -2.79 30.41
C LEU A 520 -33.69 -1.89 30.45
N LYS A 521 -34.68 -2.22 31.25
CA LYS A 521 -35.64 -1.22 31.66
C LYS A 521 -34.91 -0.14 32.45
N THR A 522 -35.37 1.11 32.32
CA THR A 522 -34.73 2.28 32.90
C THR A 522 -33.38 2.57 32.28
N TRP A 523 -33.01 1.85 31.23
CA TRP A 523 -31.98 2.28 30.29
C TRP A 523 -32.49 2.31 28.87
N THR A 524 -33.37 1.38 28.51
CA THR A 524 -34.13 1.52 27.28
C THR A 524 -34.95 2.79 27.30
N VAL A 525 -35.57 3.10 28.43
CA VAL A 525 -36.34 4.34 28.54
C VAL A 525 -35.44 5.53 28.33
N ALA A 526 -34.23 5.48 28.86
CA ALA A 526 -33.28 6.55 28.62
C ALA A 526 -32.98 6.67 27.14
N ALA A 527 -32.72 5.54 26.48
CA ALA A 527 -32.38 5.57 25.07
C ALA A 527 -33.54 6.06 24.21
N ILE A 528 -34.77 5.89 24.69
CA ILE A 528 -35.92 6.36 23.93
C ILE A 528 -36.23 7.81 24.21
N ILE A 529 -36.04 8.29 25.44
CA ILE A 529 -36.32 9.68 25.74
C ILE A 529 -35.25 10.56 25.12
N LEU A 530 -33.98 10.23 25.35
CA LEU A 530 -32.97 10.72 24.44
C LEU A 530 -33.26 10.14 23.06
N ALA A 531 -32.74 10.79 22.03
CA ALA A 531 -33.01 10.46 20.63
C ALA A 531 -34.42 10.80 20.22
N VAL A 532 -35.25 11.28 21.14
CA VAL A 532 -36.41 12.08 20.82
C VAL A 532 -36.18 13.51 21.22
N LEU A 533 -35.64 13.72 22.41
CA LEU A 533 -35.18 15.05 22.80
C LEU A 533 -34.00 15.50 21.97
N SER A 534 -33.57 14.70 21.01
CA SER A 534 -32.50 15.10 20.10
C SER A 534 -32.90 14.99 18.65
N TYR A 535 -34.16 14.73 18.37
CA TYR A 535 -34.71 14.81 17.03
C TYR A 535 -35.91 15.74 16.92
N ILE A 536 -36.46 16.20 18.02
CA ILE A 536 -37.44 17.28 17.93
C ILE A 536 -36.93 18.44 17.09
N PRO A 537 -35.72 18.94 17.27
CA PRO A 537 -35.28 20.09 16.48
C PRO A 537 -35.13 19.75 15.00
N PRO A 538 -34.35 18.74 14.62
CA PRO A 538 -34.17 18.50 13.19
C PRO A 538 -35.43 18.05 12.50
N LEU A 539 -36.35 17.42 13.21
CA LEU A 539 -37.62 17.08 12.60
C LEU A 539 -38.60 18.23 12.62
N TYR A 540 -38.40 19.22 13.48
CA TYR A 540 -39.14 20.46 13.32
C TYR A 540 -38.70 21.14 12.05
N ASP A 541 -37.39 21.28 11.86
CA ASP A 541 -36.89 21.56 10.53
C ASP A 541 -37.23 20.39 9.62
N ALA A 542 -36.99 20.58 8.33
CA ALA A 542 -37.19 19.52 7.37
C ALA A 542 -38.67 19.16 7.27
N SER A 543 -39.48 19.72 8.14
CA SER A 543 -40.93 19.58 8.12
C SER A 543 -41.61 20.93 8.01
N VAL A 544 -41.24 21.87 8.86
CA VAL A 544 -41.54 23.28 8.65
C VAL A 544 -40.22 24.00 8.86
N ARG A 545 -40.16 25.26 8.45
CA ARG A 545 -38.99 26.09 8.63
C ARG A 545 -37.79 25.56 7.85
N GLY A 546 -37.92 24.44 7.15
CA GLY A 546 -36.80 23.87 6.43
C GLY A 546 -37.00 23.74 4.93
N VAL A 547 -38.23 23.59 4.48
CA VAL A 547 -38.52 23.44 3.07
C VAL A 547 -39.55 24.47 2.65
N PHE A 548 -39.61 24.71 1.33
CA PHE A 548 -40.51 25.70 0.77
C PHE A 548 -41.44 25.13 -0.28
N PHE A 549 -41.34 23.83 -0.57
CA PHE A 549 -42.31 23.11 -1.38
C PHE A 549 -41.89 21.65 -1.41
N LYS A 550 -42.81 20.81 -1.86
CA LYS A 550 -42.57 19.38 -1.92
C LYS A 550 -42.35 18.96 -3.36
N SER A 551 -41.62 17.86 -3.52
CA SER A 551 -41.02 17.49 -4.80
C SER A 551 -41.64 16.22 -5.36
N PRO A 552 -41.95 16.19 -6.65
CA PRO A 552 -42.44 14.95 -7.25
C PRO A 552 -41.34 13.91 -7.33
N ALA A 553 -41.63 12.77 -7.94
CA ALA A 553 -40.71 11.64 -7.94
C ALA A 553 -40.05 11.51 -9.29
N TYR A 554 -38.73 11.38 -9.30
CA TYR A 554 -37.95 11.27 -10.53
C TYR A 554 -37.34 9.89 -10.64
N ASN A 555 -37.55 9.24 -11.77
CA ASN A 555 -36.81 8.03 -12.07
C ASN A 555 -35.35 8.38 -12.31
N GLU A 556 -34.51 7.37 -12.28
CA GLU A 556 -33.08 7.61 -12.38
C GLU A 556 -32.62 7.91 -13.79
N LYS A 557 -33.47 7.76 -14.80
CA LYS A 557 -33.06 7.94 -16.19
C LYS A 557 -33.85 9.00 -16.91
N PHE A 558 -34.46 9.93 -16.20
CA PHE A 558 -35.39 10.84 -16.84
C PHE A 558 -35.61 12.06 -15.96
N PRO A 559 -35.41 13.25 -16.45
CA PRO A 559 -35.85 14.44 -15.71
C PRO A 559 -37.37 14.63 -15.76
N MET A 560 -38.08 13.99 -14.83
CA MET A 560 -39.54 14.13 -14.68
C MET A 560 -39.94 15.50 -14.19
N GLY A 567 -44.68 17.14 9.10
CA GLY A 567 -45.92 17.44 9.80
C GLY A 567 -46.43 16.24 10.55
N ALA A 568 -47.66 15.83 10.25
CA ALA A 568 -48.19 14.60 10.83
C ALA A 568 -47.27 13.43 10.53
N GLU A 569 -46.67 13.41 9.35
CA GLU A 569 -45.69 12.41 8.94
C GLU A 569 -44.45 12.41 9.81
N LYS A 570 -44.30 13.38 10.70
CA LYS A 570 -43.28 13.38 11.77
C LYS A 570 -43.87 13.06 13.12
N LYS A 571 -44.89 13.81 13.53
CA LYS A 571 -45.52 13.56 14.82
C LYS A 571 -45.91 12.10 14.96
N GLU A 572 -46.15 11.41 13.85
CA GLU A 572 -46.46 10.00 13.96
C GLU A 572 -45.28 9.22 14.46
N GLU A 573 -44.08 9.47 13.93
CA GLU A 573 -42.95 8.69 14.40
C GLU A 573 -42.53 9.14 15.79
N LYS A 574 -42.82 10.39 16.13
CA LYS A 574 -42.52 10.86 17.49
C LYS A 574 -43.41 10.16 18.52
N LYS A 575 -44.72 10.28 18.36
CA LYS A 575 -45.67 9.59 19.21
C LYS A 575 -45.69 8.10 18.96
N GLU A 576 -44.82 7.60 18.10
CA GLU A 576 -44.60 6.16 17.99
C GLU A 576 -43.41 5.71 18.81
N LEU A 577 -42.27 6.39 18.70
CA LEU A 577 -41.15 6.10 19.59
C LEU A 577 -41.55 6.26 21.03
N SER A 578 -42.11 7.42 21.40
CA SER A 578 -42.39 7.67 22.80
C SER A 578 -43.44 6.70 23.33
N LYS A 579 -44.09 5.95 22.45
CA LYS A 579 -45.04 4.97 22.94
C LYS A 579 -44.49 3.55 22.83
N ALA A 580 -43.34 3.39 22.18
CA ALA A 580 -42.64 2.12 22.23
C ALA A 580 -42.16 1.82 23.65
N GLU A 581 -42.35 2.76 24.58
CA GLU A 581 -41.91 2.54 25.95
C GLU A 581 -42.80 1.55 26.68
N GLY A 582 -44.11 1.66 26.53
CA GLY A 582 -44.97 0.62 27.07
C GLY A 582 -44.55 -0.76 26.59
N GLY A 583 -44.26 -0.88 25.29
CA GLY A 583 -43.81 -2.14 24.75
C GLY A 583 -42.55 -2.65 25.41
N ILE A 584 -41.48 -1.86 25.37
CA ILE A 584 -40.20 -2.33 25.88
C ILE A 584 -40.13 -2.31 27.40
N THR A 585 -41.16 -1.81 28.08
CA THR A 585 -41.21 -1.94 29.53
C THR A 585 -41.95 -3.18 29.98
N GLN A 586 -43.13 -3.43 29.43
CA GLN A 586 -43.77 -4.73 29.68
C GLN A 586 -42.86 -5.85 29.24
N LYS A 587 -42.08 -5.64 28.18
CA LYS A 587 -41.04 -6.55 27.75
C LYS A 587 -41.63 -7.89 27.35
N PHE B 1 -3.56 -8.71 39.10
CA PHE B 1 -3.20 -8.56 37.69
C PHE B 1 -3.52 -7.18 37.16
N PHE B 2 -2.52 -6.50 36.62
CA PHE B 2 -2.67 -5.14 36.15
C PHE B 2 -2.46 -5.10 34.64
N PRO B 3 -3.48 -4.77 33.86
CA PRO B 3 -3.32 -4.80 32.41
C PRO B 3 -2.38 -3.73 31.92
N SER B 4 -1.10 -3.93 32.19
CA SER B 4 -0.07 -2.95 31.87
C SER B 4 0.20 -2.85 30.37
N GLY B 5 -0.36 -3.72 29.57
CA GLY B 5 -0.07 -3.66 28.15
C GLY B 5 -1.05 -2.81 27.38
N THR B 6 -2.33 -2.91 27.72
CA THR B 6 -3.33 -2.15 26.99
C THR B 6 -3.21 -0.67 27.23
N ILE B 7 -2.70 -0.26 28.40
CA ILE B 7 -2.50 1.16 28.64
C ILE B 7 -1.50 1.72 27.64
N ALA B 8 -0.42 1.00 27.39
CA ALA B 8 0.53 1.45 26.39
C ALA B 8 -0.03 1.31 24.98
N PHE B 9 -0.86 0.30 24.74
CA PHE B 9 -1.51 0.21 23.44
C PHE B 9 -2.44 1.39 23.20
N PHE B 10 -3.14 1.84 24.24
CA PHE B 10 -3.91 3.05 24.10
C PHE B 10 -3.02 4.24 23.82
N ILE B 11 -2.00 4.44 24.62
CA ILE B 11 -1.08 5.55 24.37
C ILE B 11 -0.69 5.55 22.90
N PHE B 12 -0.57 4.36 22.30
CA PHE B 12 -0.30 4.30 20.86
C PHE B 12 -1.52 4.71 20.04
N MET B 13 -2.69 4.19 20.37
CA MET B 13 -3.91 4.80 19.89
C MET B 13 -3.94 6.26 20.35
N MET B 14 -4.83 7.03 19.76
CA MET B 14 -5.10 8.39 20.24
C MET B 14 -3.84 9.25 20.27
N VAL B 15 -2.71 8.66 19.91
CA VAL B 15 -1.62 9.37 19.27
C VAL B 15 -1.44 8.93 17.83
N PHE B 16 -2.09 7.84 17.43
CA PHE B 16 -2.32 7.63 16.01
C PHE B 16 -3.53 8.42 15.54
N TYR B 17 -4.62 8.34 16.31
CA TYR B 17 -5.63 9.37 16.26
C TYR B 17 -4.91 10.63 16.70
N ALA B 18 -5.51 11.80 16.60
CA ALA B 18 -4.82 13.02 16.97
C ALA B 18 -3.53 13.21 16.20
N VAL B 19 -3.28 12.36 15.21
CA VAL B 19 -2.36 12.61 14.12
C VAL B 19 -3.06 12.49 12.78
N LEU B 20 -3.79 11.40 12.57
CA LEU B 20 -4.67 11.33 11.41
C LEU B 20 -5.71 12.43 11.46
N TRP B 21 -6.37 12.57 12.60
CA TRP B 21 -7.37 13.62 12.73
C TRP B 21 -6.74 14.98 12.52
N PHE B 22 -5.53 15.20 13.02
CA PHE B 22 -4.96 16.52 12.87
C PHE B 22 -4.52 16.79 11.45
N MET B 23 -4.15 15.76 10.71
CA MET B 23 -3.87 15.98 9.29
C MET B 23 -5.12 16.40 8.55
N ILE B 24 -6.23 15.72 8.78
CA ILE B 24 -7.43 16.13 8.05
C ILE B 24 -7.93 17.48 8.54
N TYR B 25 -7.76 17.79 9.83
CA TYR B 25 -8.10 19.11 10.30
C TYR B 25 -7.25 20.18 9.65
N TRP B 26 -5.97 19.90 9.46
CA TRP B 26 -5.14 20.90 8.81
C TRP B 26 -5.49 21.03 7.34
N VAL B 27 -5.97 19.97 6.70
CA VAL B 27 -6.54 20.13 5.37
C VAL B 27 -7.76 21.04 5.42
N LEU B 28 -8.54 20.93 6.49
CA LEU B 28 -9.69 21.81 6.61
C LEU B 28 -9.27 23.25 6.68
N LEU B 29 -8.30 23.56 7.53
CA LEU B 29 -7.88 24.96 7.66
C LEU B 29 -7.20 25.47 6.39
N GLU B 30 -6.35 24.65 5.78
CA GLU B 30 -5.59 25.05 4.59
C GLU B 30 -6.48 25.28 3.38
N ARG B 31 -7.78 25.03 3.48
CA ARG B 31 -8.68 25.17 2.35
C ARG B 31 -9.52 26.42 2.50
N GLY B 32 -9.21 27.43 1.70
CA GLY B 32 -10.00 28.64 1.65
C GLY B 32 -10.52 28.92 0.26
N ARG C 1 -7.93 2.07 39.04
CA ARG C 1 -7.65 0.90 38.23
C ARG C 1 -6.83 1.27 37.02
N ALA C 2 -7.01 0.48 35.97
CA ALA C 2 -6.49 0.80 34.65
C ALA C 2 -7.58 1.23 33.67
N GLU C 3 -8.81 0.78 33.89
CA GLU C 3 -9.91 1.26 33.06
C GLU C 3 -10.07 2.76 33.20
N LYS C 4 -9.83 3.29 34.39
CA LYS C 4 -9.92 4.73 34.58
C LYS C 4 -8.83 5.45 33.81
N THR C 5 -7.65 4.85 33.68
CA THR C 5 -6.60 5.47 32.90
C THR C 5 -6.93 5.45 31.42
N GLY C 6 -7.38 4.31 30.92
CA GLY C 6 -7.84 4.26 29.54
C GLY C 6 -8.94 5.27 29.28
N LEU C 7 -9.84 5.43 30.24
CA LEU C 7 -10.99 6.29 30.04
C LEU C 7 -10.61 7.76 30.10
N THR C 8 -9.69 8.13 31.00
CA THR C 8 -9.26 9.53 31.00
C THR C 8 -8.43 9.84 29.77
N LEU C 9 -7.75 8.85 29.21
CA LEU C 9 -7.05 9.07 27.95
C LEU C 9 -8.03 9.30 26.82
N ALA C 10 -9.02 8.42 26.66
CA ALA C 10 -10.02 8.61 25.63
C ALA C 10 -10.74 9.94 25.81
N LEU C 11 -11.02 10.30 27.05
CA LEU C 11 -11.77 11.53 27.29
C LEU C 11 -10.94 12.76 26.97
N ILE C 12 -9.67 12.79 27.36
CA ILE C 12 -8.85 13.96 27.00
C ILE C 12 -8.69 14.04 25.49
N LEU C 13 -8.60 12.89 24.83
CA LEU C 13 -8.53 12.88 23.38
C LEU C 13 -9.75 13.54 22.77
N LEU C 14 -10.93 12.98 23.06
CA LEU C 14 -12.14 13.47 22.41
C LEU C 14 -12.48 14.90 22.83
N LEU C 15 -12.18 15.30 24.07
CA LEU C 15 -12.38 16.68 24.44
C LEU C 15 -11.48 17.60 23.65
N THR C 16 -10.24 17.18 23.36
CA THR C 16 -9.37 18.01 22.54
C THR C 16 -9.91 18.12 21.12
N PHE C 17 -10.30 16.99 20.53
CA PHE C 17 -10.92 17.00 19.21
C PHE C 17 -12.08 17.97 19.14
N PHE C 18 -12.96 17.91 20.13
CA PHE C 18 -14.17 18.71 20.08
C PHE C 18 -13.90 20.17 20.37
N SER C 19 -13.04 20.47 21.33
CA SER C 19 -12.69 21.86 21.57
C SER C 19 -12.13 22.48 20.31
N LEU C 20 -11.33 21.74 19.56
CA LEU C 20 -10.79 22.32 18.32
C LEU C 20 -11.85 22.47 17.23
N ILE C 21 -12.75 21.50 17.07
CA ILE C 21 -13.71 21.71 15.99
C ILE C 21 -14.66 22.85 16.34
N VAL C 22 -15.00 23.02 17.61
CA VAL C 22 -15.85 24.15 17.95
C VAL C 22 -15.06 25.45 17.84
N TYR C 23 -13.76 25.42 18.13
CA TYR C 23 -12.95 26.62 17.91
C TYR C 23 -12.94 27.00 16.45
N ALA C 24 -12.64 26.05 15.57
CA ALA C 24 -12.60 26.38 14.14
C ALA C 24 -13.97 26.78 13.62
N ALA C 25 -15.04 26.29 14.23
CA ALA C 25 -16.35 26.64 13.75
C ALA C 25 -16.84 27.98 14.27
N LYS C 26 -16.30 28.45 15.39
CA LYS C 26 -16.72 29.74 15.93
C LYS C 26 -15.72 30.85 15.57
N GLY C 27 -14.48 30.71 16.00
CA GLY C 27 -13.44 31.58 15.50
C GLY C 27 -12.97 31.11 14.14
N LEU C 28 -12.42 32.03 13.37
CA LEU C 28 -12.10 31.81 11.96
C LEU C 28 -13.23 31.05 11.28
N LYS C 29 -14.41 31.67 11.26
CA LYS C 29 -15.65 30.96 11.00
C LYS C 29 -15.59 30.11 9.74
N ILE C 30 -15.60 28.79 9.90
CA ILE C 30 -15.84 27.89 8.79
C ILE C 30 -17.19 27.25 9.05
N ASP C 31 -18.25 27.95 8.66
CA ASP C 31 -19.57 27.59 9.14
C ASP C 31 -20.13 26.50 8.25
N ILE C 32 -20.57 25.42 8.86
CA ILE C 32 -21.24 24.35 8.12
C ILE C 32 -22.55 24.94 7.59
N PRO C 33 -23.10 24.45 6.50
CA PRO C 33 -24.30 25.08 5.94
C PRO C 33 -25.49 24.96 6.87
N THR C 34 -26.11 26.10 7.16
CA THR C 34 -27.24 26.19 8.07
C THR C 34 -28.50 26.56 7.31
N CYS C 35 -29.57 26.76 8.07
CA CYS C 35 -30.85 27.13 7.49
C CYS C 35 -30.85 28.62 7.20
N VAL C 36 -31.08 28.98 5.94
CA VAL C 36 -31.25 30.36 5.55
C VAL C 36 -32.59 30.51 4.85
N THR C 37 -33.29 31.61 5.13
CA THR C 37 -34.63 31.79 4.58
C THR C 37 -34.89 33.30 4.48
N ASP C 38 -34.88 33.83 3.27
CA ASP C 38 -35.44 35.15 3.01
C ASP C 38 -36.59 35.10 2.02
N VAL C 39 -36.33 34.75 0.76
CA VAL C 39 -37.39 34.42 -0.20
C VAL C 39 -37.03 33.15 -0.97
N GLU C 40 -35.89 33.19 -1.65
CA GLU C 40 -35.25 32.03 -2.26
C GLU C 40 -36.14 31.17 -3.17
N PRO C 41 -36.72 31.74 -4.23
CA PRO C 41 -37.35 30.92 -5.28
C PRO C 41 -36.33 30.18 -6.14
N PHE C 42 -35.35 30.91 -6.66
CA PHE C 42 -34.10 30.32 -7.13
C PHE C 42 -34.14 29.36 -8.31
N GLN C 43 -34.37 29.85 -9.55
CA GLN C 43 -33.88 29.15 -10.75
C GLN C 43 -33.15 30.13 -11.68
N GLU C 44 -31.89 30.44 -11.39
CA GLU C 44 -31.22 31.58 -12.00
C GLU C 44 -29.74 31.60 -11.57
N GLY C 45 -29.07 32.72 -11.88
CA GLY C 45 -28.30 33.45 -10.88
C GLY C 45 -26.83 33.74 -10.96
N LYS C 46 -26.46 35.03 -10.97
CA LYS C 46 -25.18 35.53 -10.48
C LYS C 46 -25.12 37.06 -10.42
N LEU C 47 -24.71 37.64 -9.29
CA LEU C 47 -24.71 39.08 -9.15
C LEU C 47 -23.38 39.58 -8.61
N ILE C 48 -22.87 40.64 -9.22
CA ILE C 48 -21.62 41.28 -8.81
C ILE C 48 -21.98 42.30 -7.74
N LYS C 49 -22.08 41.84 -6.50
CA LYS C 49 -22.78 42.60 -5.46
C LYS C 49 -22.03 43.87 -5.08
N HIS C 50 -20.82 43.72 -4.51
CA HIS C 50 -20.01 44.87 -4.10
C HIS C 50 -18.88 45.15 -5.09
N GLY C 51 -19.05 44.76 -6.34
CA GLY C 51 -18.09 45.18 -7.32
C GLY C 51 -16.86 44.31 -7.41
N ASP C 52 -15.81 44.71 -6.72
CA ASP C 52 -14.52 44.08 -6.95
C ASP C 52 -14.41 42.71 -6.26
N LYS C 53 -14.85 42.60 -5.02
CA LYS C 53 -14.64 41.38 -4.27
C LYS C 53 -15.94 40.64 -3.96
N ARG C 54 -16.88 41.27 -3.27
CA ARG C 54 -18.07 40.54 -2.87
C ARG C 54 -18.85 40.13 -4.10
N TYR C 55 -19.48 38.96 -4.03
CA TYR C 55 -20.33 38.47 -5.08
C TYR C 55 -21.53 37.79 -4.45
N GLU C 56 -22.43 37.31 -5.29
CA GLU C 56 -23.49 36.41 -4.84
C GLU C 56 -23.73 35.43 -5.96
N LEU C 57 -23.41 34.18 -5.71
CA LEU C 57 -23.45 33.13 -6.71
C LEU C 57 -24.66 32.25 -6.45
N HIS C 58 -25.40 31.92 -7.49
CA HIS C 58 -26.62 31.14 -7.36
C HIS C 58 -26.48 29.94 -8.28
N ILE C 59 -25.87 28.85 -7.80
CA ILE C 59 -25.59 27.70 -8.65
C ILE C 59 -26.76 26.73 -8.51
N LEU C 60 -27.83 27.01 -9.24
CA LEU C 60 -28.88 26.04 -9.35
C LEU C 60 -28.37 24.81 -10.07
N ALA C 61 -28.73 23.64 -9.56
CA ALA C 61 -28.20 22.37 -10.04
C ALA C 61 -29.32 21.59 -10.70
N ARG C 62 -29.53 21.82 -11.99
CA ARG C 62 -30.52 21.04 -12.73
C ARG C 62 -30.07 19.61 -12.80
N MET C 63 -30.87 18.74 -13.38
CA MET C 63 -30.48 17.34 -13.48
C MET C 63 -29.43 17.20 -14.56
N TRP C 64 -28.22 16.82 -14.14
CA TRP C 64 -27.08 16.43 -14.96
C TRP C 64 -26.38 17.61 -15.61
N TYR C 65 -26.42 18.78 -14.97
CA TYR C 65 -25.46 19.86 -15.23
C TYR C 65 -25.74 20.99 -14.27
N PHE C 66 -24.73 21.78 -13.93
CA PHE C 66 -24.95 22.91 -13.05
C PHE C 66 -25.31 24.13 -13.88
N ASP C 67 -25.73 25.19 -13.21
CA ASP C 67 -26.23 26.37 -13.91
C ASP C 67 -25.69 27.61 -13.21
N PHE C 68 -24.50 28.05 -13.60
CA PHE C 68 -23.84 29.10 -12.85
C PHE C 68 -24.32 30.49 -13.27
N ASN C 69 -24.45 30.72 -14.55
CA ASN C 69 -25.13 31.87 -15.11
C ASN C 69 -26.30 31.32 -15.91
N LYS C 70 -26.92 32.15 -16.73
CA LYS C 70 -28.17 31.69 -17.33
C LYS C 70 -27.91 30.55 -18.31
N GLY C 71 -27.49 29.39 -17.80
CA GLY C 71 -27.21 28.22 -18.59
C GLY C 71 -25.77 28.11 -19.06
N ALA C 72 -24.81 28.28 -18.15
CA ALA C 72 -23.40 28.32 -18.52
C ALA C 72 -22.62 27.52 -17.50
N THR C 73 -22.32 26.27 -17.82
CA THR C 73 -21.68 25.37 -16.88
C THR C 73 -20.37 25.91 -16.33
N GLU C 74 -19.79 26.96 -16.90
CA GLU C 74 -18.56 27.53 -16.39
C GLU C 74 -18.78 29.00 -16.07
N ILE C 75 -17.82 29.57 -15.35
CA ILE C 75 -17.96 30.94 -14.86
C ILE C 75 -16.58 31.48 -14.57
N LYS C 76 -16.42 32.79 -14.70
CA LYS C 76 -15.13 33.43 -14.48
C LYS C 76 -15.30 34.55 -13.47
N ILE C 77 -14.39 34.60 -12.50
CA ILE C 77 -14.53 35.44 -11.33
C ILE C 77 -13.18 36.07 -11.01
N PRO C 78 -13.11 37.35 -10.69
CA PRO C 78 -11.81 37.96 -10.38
C PRO C 78 -11.20 37.40 -9.11
N VAL C 79 -9.87 37.42 -9.06
CA VAL C 79 -9.15 36.76 -7.98
C VAL C 79 -9.37 37.49 -6.67
N GLY C 80 -9.22 36.76 -5.57
CA GLY C 80 -9.39 37.29 -4.25
C GLY C 80 -10.82 37.52 -3.84
N SER C 81 -11.75 37.47 -4.78
CA SER C 81 -13.14 37.77 -4.50
C SER C 81 -13.67 36.85 -3.41
N VAL C 82 -14.76 37.27 -2.80
CA VAL C 82 -15.38 36.56 -1.69
C VAL C 82 -16.84 36.33 -2.05
N VAL C 83 -17.11 35.19 -2.66
CA VAL C 83 -18.45 34.95 -3.17
C VAL C 83 -19.36 34.53 -2.02
N ASP C 84 -20.65 34.67 -2.27
CA ASP C 84 -21.71 34.20 -1.38
C ASP C 84 -22.47 33.17 -2.17
N ILE C 85 -22.17 31.90 -1.97
CA ILE C 85 -22.66 30.84 -2.83
C ILE C 85 -23.94 30.27 -2.27
N PHE C 86 -25.03 30.37 -3.02
CA PHE C 86 -26.28 29.73 -2.68
C PHE C 86 -26.53 28.60 -3.66
N THR C 87 -27.02 27.47 -3.17
CA THR C 87 -27.20 26.30 -4.01
C THR C 87 -28.56 25.68 -3.75
N THR C 88 -29.25 25.31 -4.81
CA THR C 88 -30.58 24.73 -4.69
C THR C 88 -30.87 23.92 -5.93
N SER C 89 -31.14 22.64 -5.76
CA SER C 89 -31.40 21.85 -6.94
C SER C 89 -32.79 22.17 -7.48
N LYS C 90 -33.02 21.74 -8.71
CA LYS C 90 -34.33 21.86 -9.31
C LYS C 90 -35.19 20.64 -9.02
N ASP C 91 -34.62 19.45 -9.12
CA ASP C 91 -35.43 18.24 -9.05
C ASP C 91 -35.02 17.28 -7.94
N VAL C 92 -33.77 16.82 -7.90
CA VAL C 92 -33.43 15.77 -6.94
C VAL C 92 -32.30 16.23 -6.05
N VAL C 93 -31.89 15.35 -5.12
CA VAL C 93 -30.85 15.70 -4.16
C VAL C 93 -29.52 15.66 -4.88
N HIS C 94 -28.80 16.77 -4.85
CA HIS C 94 -27.64 17.00 -5.69
C HIS C 94 -26.50 17.45 -4.82
N GLY C 95 -25.34 16.83 -5.00
CA GLY C 95 -24.16 17.29 -4.32
C GLY C 95 -23.58 18.48 -5.05
N VAL C 96 -22.94 19.38 -4.30
CA VAL C 96 -22.20 20.50 -4.87
C VAL C 96 -20.87 20.54 -4.13
N HIS C 97 -19.87 19.90 -4.66
CA HIS C 97 -18.53 19.97 -4.12
C HIS C 97 -17.72 20.91 -4.99
N ILE C 98 -17.03 21.85 -4.38
CA ILE C 98 -16.21 22.81 -5.12
C ILE C 98 -14.78 22.51 -4.73
N HIS C 99 -14.04 21.86 -5.63
CA HIS C 99 -12.93 21.03 -5.20
C HIS C 99 -11.85 21.83 -4.48
N GLY C 100 -11.55 23.03 -4.93
CA GLY C 100 -10.47 23.77 -4.30
C GLY C 100 -10.76 24.09 -2.85
N THR C 101 -11.96 24.59 -2.58
CA THR C 101 -12.35 25.09 -1.29
C THR C 101 -13.10 24.02 -0.51
N ASN C 102 -13.43 24.33 0.73
CA ASN C 102 -14.28 23.45 1.50
C ASN C 102 -15.70 23.98 1.44
N TYR C 103 -16.26 23.83 0.25
CA TYR C 103 -17.67 24.09 0.00
C TYR C 103 -18.26 22.78 -0.43
N ASN C 104 -18.95 22.11 0.47
CA ASN C 104 -19.42 20.75 0.24
C ASN C 104 -20.84 20.72 0.76
N VAL C 105 -21.80 21.02 -0.10
CA VAL C 105 -23.17 21.26 0.33
C VAL C 105 -24.08 20.44 -0.54
N MET C 106 -25.19 19.99 0.02
CA MET C 106 -26.20 19.32 -0.77
C MET C 106 -27.22 20.31 -1.29
N ALA C 107 -27.73 20.05 -2.47
CA ALA C 107 -28.73 20.90 -3.09
C ALA C 107 -30.04 20.14 -2.99
N ILE C 108 -30.74 20.30 -1.88
CA ILE C 108 -31.98 19.56 -1.69
C ILE C 108 -33.13 20.38 -2.25
N PRO C 109 -34.03 19.78 -3.02
CA PRO C 109 -35.10 20.55 -3.66
C PRO C 109 -36.01 21.24 -2.65
N GLY C 110 -36.10 22.54 -2.76
CA GLY C 110 -36.84 23.30 -1.79
C GLY C 110 -36.03 23.81 -0.63
N THR C 111 -34.71 23.79 -0.73
CA THR C 111 -33.82 24.31 0.29
C THR C 111 -32.75 25.14 -0.39
N VAL C 112 -32.07 25.99 0.36
CA VAL C 112 -31.10 26.92 -0.20
C VAL C 112 -29.83 26.86 0.64
N GLY C 113 -28.88 26.03 0.22
CA GLY C 113 -27.65 25.89 0.94
C GLY C 113 -26.81 27.13 0.83
N TYR C 114 -26.56 27.80 1.94
CA TYR C 114 -25.76 29.00 1.94
C TYR C 114 -24.37 28.67 2.46
N MET C 115 -23.37 29.21 1.79
CA MET C 115 -22.03 29.18 2.35
C MET C 115 -21.22 30.24 1.63
N ARG C 116 -20.24 30.78 2.34
CA ARG C 116 -19.55 31.98 1.92
C ARG C 116 -18.06 31.72 1.90
N ILE C 117 -17.51 31.54 0.72
CA ILE C 117 -16.10 31.23 0.56
C ILE C 117 -15.44 32.35 -0.21
N LYS C 118 -14.13 32.42 -0.11
CA LYS C 118 -13.37 33.38 -0.88
C LYS C 118 -12.25 32.67 -1.61
N PHE C 119 -12.05 33.06 -2.88
CA PHE C 119 -11.14 32.36 -3.78
C PHE C 119 -9.78 33.06 -3.77
N GLU C 120 -9.00 32.76 -2.73
CA GLU C 120 -7.75 33.47 -2.51
C GLU C 120 -6.73 33.18 -3.61
N LYS C 121 -6.60 31.92 -4.00
CA LYS C 121 -5.56 31.51 -4.94
C LYS C 121 -6.20 31.27 -6.30
N PRO C 122 -5.74 31.90 -7.36
CA PRO C 122 -6.36 31.73 -8.68
C PRO C 122 -6.18 30.33 -9.20
N GLY C 123 -6.78 30.08 -10.36
CA GLY C 123 -6.82 28.77 -10.93
C GLY C 123 -8.20 28.44 -11.46
N VAL C 124 -8.55 27.17 -11.49
CA VAL C 124 -9.87 26.72 -11.88
C VAL C 124 -10.39 25.82 -10.78
N TYR C 125 -11.64 26.01 -10.40
CA TYR C 125 -12.24 25.32 -9.26
C TYR C 125 -13.40 24.48 -9.78
N HIS C 126 -13.18 23.20 -9.98
CA HIS C 126 -14.22 22.37 -10.55
C HIS C 126 -15.33 22.18 -9.55
N VAL C 127 -16.57 22.35 -9.99
CA VAL C 127 -17.74 22.18 -9.13
C VAL C 127 -18.30 20.81 -9.44
N VAL C 128 -17.81 19.80 -8.76
CA VAL C 128 -18.23 18.44 -9.02
C VAL C 128 -19.42 18.14 -8.13
N CYS C 129 -20.18 17.12 -8.49
CA CYS C 129 -21.36 16.70 -7.75
C CYS C 129 -21.18 15.26 -7.31
N HIS C 130 -21.28 15.01 -6.00
CA HIS C 130 -21.01 13.67 -5.49
C HIS C 130 -22.25 12.82 -5.23
N GLU C 131 -23.27 13.33 -4.53
CA GLU C 131 -24.48 12.54 -4.31
C GLU C 131 -25.05 12.03 -5.61
N PHE C 132 -25.77 10.91 -5.53
CA PHE C 132 -26.27 10.29 -6.75
C PHE C 132 -27.51 11.01 -7.25
N CYS C 133 -27.58 11.20 -8.57
CA CYS C 133 -28.67 11.93 -9.18
C CYS C 133 -29.13 11.26 -10.47
N GLY C 134 -28.97 9.96 -10.60
CA GLY C 134 -29.42 9.24 -11.77
C GLY C 134 -28.30 9.02 -12.78
N VAL C 135 -28.61 8.22 -13.81
CA VAL C 135 -27.67 8.07 -14.91
C VAL C 135 -27.37 9.44 -15.46
N GLY C 136 -26.23 9.57 -16.12
CA GLY C 136 -25.82 10.90 -16.50
C GLY C 136 -25.43 11.75 -15.33
N HIS C 137 -25.08 11.14 -14.21
CA HIS C 137 -24.46 11.82 -13.08
C HIS C 137 -22.98 12.02 -13.29
N HIS C 138 -22.30 11.02 -13.83
CA HIS C 138 -20.86 11.07 -13.97
C HIS C 138 -20.41 12.16 -14.92
N ALA C 139 -21.33 12.77 -15.63
CA ALA C 139 -21.06 13.86 -16.55
C ALA C 139 -21.67 15.16 -16.04
N MET C 140 -21.60 15.38 -14.74
CA MET C 140 -22.18 16.56 -14.10
C MET C 140 -21.08 17.26 -13.34
N GLN C 141 -20.51 18.28 -13.95
CA GLN C 141 -19.60 19.18 -13.28
C GLN C 141 -19.64 20.51 -14.00
N GLY C 142 -18.79 21.43 -13.56
CA GLY C 142 -18.69 22.74 -14.16
C GLY C 142 -17.69 23.52 -13.36
N LYS C 143 -17.01 24.44 -14.03
CA LYS C 143 -15.86 25.08 -13.43
C LYS C 143 -16.22 26.48 -12.96
N ILE C 144 -15.56 26.91 -11.90
CA ILE C 144 -15.56 28.31 -11.49
C ILE C 144 -14.17 28.84 -11.75
N ILE C 145 -13.92 29.39 -12.93
CA ILE C 145 -12.57 29.82 -13.27
C ILE C 145 -12.27 31.13 -12.57
N VAL C 146 -11.18 31.16 -11.82
CA VAL C 146 -10.71 32.36 -11.15
C VAL C 146 -9.34 32.68 -11.72
N GLU C 147 -9.28 33.62 -12.66
CA GLU C 147 -8.06 33.86 -13.42
C GLU C 147 -7.09 34.77 -12.71
N VAL D 1 39.57 -12.75 19.88
CA VAL D 1 39.83 -11.68 18.94
C VAL D 1 40.93 -10.80 19.50
N SER D 2 41.47 -9.93 18.67
CA SER D 2 42.55 -9.05 19.07
C SER D 2 41.98 -7.83 19.78
N ASN D 3 42.83 -6.82 19.96
CA ASN D 3 42.40 -5.56 20.55
C ASN D 3 42.24 -4.47 19.51
N ALA D 4 43.05 -4.50 18.45
CA ALA D 4 42.91 -3.54 17.37
C ALA D 4 42.01 -4.05 16.26
N ILE D 5 41.99 -5.36 16.03
CA ILE D 5 41.08 -5.91 15.02
C ILE D 5 39.64 -5.66 15.41
N LYS D 6 39.34 -5.74 16.71
CA LYS D 6 37.99 -5.39 17.12
C LYS D 6 37.71 -3.93 16.83
N PHE D 7 38.72 -3.07 16.94
CA PHE D 7 38.50 -1.67 16.60
C PHE D 7 38.31 -1.48 15.10
N ILE D 8 39.08 -2.20 14.30
CA ILE D 8 38.90 -2.14 12.84
C ILE D 8 37.47 -2.53 12.49
N ILE D 9 37.05 -3.72 12.91
CA ILE D 9 35.72 -4.19 12.59
C ILE D 9 34.67 -3.23 13.12
N LEU D 10 34.89 -2.67 14.30
CA LEU D 10 33.90 -1.76 14.84
C LEU D 10 33.80 -0.50 13.99
N THR D 11 34.93 0.01 13.53
CA THR D 11 34.87 1.16 12.65
C THR D 11 34.15 0.81 11.36
N GLU D 12 34.49 -0.31 10.75
CA GLU D 12 33.82 -0.66 9.52
C GLU D 12 32.40 -1.13 9.73
N ILE D 13 31.89 -1.18 10.95
CA ILE D 13 30.47 -1.46 11.11
C ILE D 13 29.75 -0.18 11.46
N ILE D 14 30.43 0.75 12.12
CA ILE D 14 29.79 1.97 12.64
C ILE D 14 29.95 3.14 11.70
N PHE D 15 31.16 3.41 11.24
CA PHE D 15 31.39 4.44 10.23
C PHE D 15 30.52 4.30 9.00
N PRO D 16 30.30 3.12 8.42
CA PRO D 16 29.37 3.04 7.29
C PRO D 16 27.95 3.38 7.65
N THR D 17 27.47 2.97 8.83
CA THR D 17 26.10 3.30 9.18
C THR D 17 25.99 4.73 9.69
N LEU D 18 26.98 5.20 10.44
CA LEU D 18 27.01 6.61 10.77
C LEU D 18 27.06 7.48 9.53
N LEU D 19 27.53 6.96 8.41
CA LEU D 19 27.47 7.74 7.19
C LEU D 19 26.18 7.53 6.45
N LEU D 20 25.67 6.30 6.44
CA LEU D 20 24.39 6.00 5.80
C LEU D 20 23.24 6.74 6.46
N VAL D 21 23.43 7.26 7.67
CA VAL D 21 22.33 8.04 8.24
C VAL D 21 22.01 9.23 7.35
N PHE D 22 23.00 9.82 6.68
CA PHE D 22 22.66 10.86 5.73
C PHE D 22 22.04 10.30 4.47
N GLY D 23 22.50 9.15 4.01
CA GLY D 23 21.87 8.54 2.85
C GLY D 23 20.39 8.34 3.06
N ILE D 24 20.00 7.89 4.24
CA ILE D 24 18.59 7.69 4.51
C ILE D 24 17.88 9.03 4.69
N TYR D 25 18.54 9.99 5.35
CA TYR D 25 17.92 11.30 5.50
C TYR D 25 17.56 11.87 4.16
N HIS D 26 18.50 11.89 3.23
CA HIS D 26 18.16 12.44 1.95
C HIS D 26 17.32 11.50 1.12
N GLY D 27 17.26 10.22 1.43
CA GLY D 27 16.27 9.39 0.77
C GLY D 27 14.87 9.86 1.10
N VAL D 28 14.63 10.14 2.37
CA VAL D 28 13.32 10.64 2.75
C VAL D 28 13.07 11.98 2.10
N MET D 29 14.06 12.87 2.15
CA MET D 29 13.86 14.17 1.53
C MET D 29 13.65 14.04 0.03
N GLN D 30 14.12 12.98 -0.59
CA GLN D 30 13.86 12.82 -2.00
C GLN D 30 12.45 12.35 -2.27
N VAL D 31 11.94 11.45 -1.45
CA VAL D 31 10.60 10.98 -1.72
C VAL D 31 9.65 12.08 -1.29
N PHE D 32 10.20 13.16 -0.73
CA PHE D 32 9.38 14.35 -0.57
C PHE D 32 9.56 15.33 -1.70
N TYR D 33 10.76 15.40 -2.27
CA TYR D 33 11.04 16.28 -3.39
C TYR D 33 10.24 15.83 -4.61
N ARG D 34 10.36 14.54 -4.91
CA ARG D 34 9.70 13.94 -6.07
C ARG D 34 8.18 13.90 -5.99
N SER D 35 7.64 13.91 -4.78
CA SER D 35 6.19 13.87 -4.60
C SER D 35 5.60 15.25 -4.39
N GLY D 36 6.39 16.28 -4.70
CA GLY D 36 5.86 17.61 -4.93
C GLY D 36 5.38 18.31 -3.68
N ILE D 37 5.98 17.97 -2.54
CA ILE D 37 5.58 18.61 -1.28
C ILE D 37 6.68 19.50 -0.71
N ILE D 38 7.93 19.26 -1.10
CA ILE D 38 9.01 20.09 -0.61
C ILE D 38 9.61 20.82 -1.79
N LYS D 39 8.73 21.09 -2.76
CA LYS D 39 9.11 21.79 -3.99
C LYS D 39 10.45 22.50 -3.84
N ALA D 40 10.43 23.81 -4.04
CA ALA D 40 11.65 24.58 -4.21
C ALA D 40 12.65 23.93 -5.15
N GLU D 41 13.90 23.87 -4.71
CA GLU D 41 15.01 23.31 -5.47
C GLU D 41 16.21 23.18 -4.54
N SER D 42 15.95 22.88 -3.27
CA SER D 42 17.06 22.80 -2.31
C SER D 42 16.46 22.64 -0.94
N PHE D 43 17.32 22.32 0.01
CA PHE D 43 16.91 22.22 1.39
C PHE D 43 18.15 22.18 2.26
N LEU D 44 18.26 23.09 3.22
CA LEU D 44 19.40 23.15 4.10
C LEU D 44 20.70 23.21 3.32
N GLY D 45 20.64 23.77 2.13
CA GLY D 45 21.84 23.98 1.34
C GLY D 45 22.34 22.77 0.62
N ILE D 46 21.48 21.80 0.35
CA ILE D 46 21.83 20.58 -0.37
C ILE D 46 20.75 20.38 -1.42
N ASP D 47 20.97 20.87 -2.62
CA ASP D 47 19.93 20.79 -3.63
C ASP D 47 19.69 19.35 -4.01
N TYR D 48 18.69 19.13 -4.86
CA TYR D 48 18.18 17.78 -5.04
C TYR D 48 19.22 16.88 -5.65
N TYR D 49 19.88 17.33 -6.70
CA TYR D 49 20.78 16.43 -7.39
C TYR D 49 22.04 16.17 -6.60
N GLN D 50 22.47 17.13 -5.78
CA GLN D 50 23.64 16.87 -4.95
C GLN D 50 23.30 15.95 -3.79
N GLY D 51 22.16 16.17 -3.15
CA GLY D 51 21.68 15.19 -2.22
C GLY D 51 21.41 13.85 -2.84
N LEU D 52 21.16 13.80 -4.15
CA LEU D 52 20.96 12.52 -4.78
C LEU D 52 22.29 11.83 -5.04
N THR D 53 23.29 12.58 -5.49
CA THR D 53 24.63 12.04 -5.52
C THR D 53 24.99 11.44 -4.18
N LEU D 54 24.60 12.10 -3.11
CA LEU D 54 24.92 11.57 -1.80
C LEU D 54 24.12 10.32 -1.50
N HIS D 55 22.80 10.37 -1.65
CA HIS D 55 21.99 9.21 -1.34
C HIS D 55 22.37 8.02 -2.18
N GLY D 56 23.03 8.23 -3.30
CA GLY D 56 23.48 7.11 -4.09
C GLY D 56 24.85 6.64 -3.70
N VAL D 57 25.83 7.55 -3.69
CA VAL D 57 27.19 7.19 -3.32
C VAL D 57 27.23 6.64 -1.91
N ILE D 58 26.81 7.44 -0.94
CA ILE D 58 26.89 7.02 0.46
C ILE D 58 26.29 5.64 0.64
N ASN D 59 25.20 5.34 -0.06
CA ASN D 59 24.49 4.10 0.21
C ASN D 59 25.00 2.90 -0.54
N VAL D 60 25.61 3.06 -1.71
CA VAL D 60 26.00 1.84 -2.41
C VAL D 60 27.47 1.87 -2.78
N ILE D 61 28.21 2.83 -2.27
CA ILE D 61 29.62 2.88 -2.61
C ILE D 61 30.43 2.95 -1.33
N VAL D 62 30.04 3.81 -0.40
CA VAL D 62 30.79 3.91 0.85
C VAL D 62 30.14 3.13 1.97
N TYR D 63 28.86 2.79 1.85
CA TYR D 63 28.28 1.98 2.92
C TYR D 63 28.58 0.51 2.69
N THR D 64 28.11 -0.06 1.59
CA THR D 64 28.32 -1.48 1.38
C THR D 64 29.80 -1.77 1.31
N THR D 65 30.50 -1.24 0.32
CA THR D 65 31.90 -1.59 0.11
C THR D 65 32.75 -1.49 1.38
N ILE D 66 32.32 -0.78 2.40
CA ILE D 66 33.03 -0.78 3.67
C ILE D 66 32.48 -1.83 4.63
N PHE D 67 31.17 -1.92 4.74
CA PHE D 67 30.65 -2.96 5.61
C PHE D 67 31.04 -4.34 5.11
N ILE D 68 31.21 -4.50 3.81
CA ILE D 68 31.57 -5.80 3.27
C ILE D 68 32.95 -6.20 3.75
N VAL D 69 33.91 -5.28 3.68
CA VAL D 69 35.24 -5.65 4.14
C VAL D 69 35.22 -5.83 5.66
N GLY D 70 34.40 -5.08 6.39
CA GLY D 70 34.32 -5.32 7.81
C GLY D 70 33.81 -6.71 8.16
N PHE D 71 32.61 -7.00 7.67
CA PHE D 71 32.00 -8.29 7.92
C PHE D 71 32.82 -9.43 7.35
N SER D 72 33.57 -9.19 6.27
CA SER D 72 34.39 -10.27 5.74
C SER D 72 35.62 -10.50 6.58
N ASN D 73 36.28 -9.44 7.05
CA ASN D 73 37.27 -9.58 8.09
C ASN D 73 36.75 -10.53 9.15
N ALA D 74 35.56 -10.22 9.66
CA ALA D 74 34.99 -11.02 10.74
C ALA D 74 34.82 -12.47 10.32
N ILE D 75 34.05 -12.71 9.26
CA ILE D 75 33.63 -14.07 8.96
C ILE D 75 34.79 -14.91 8.50
N VAL D 76 35.82 -14.31 7.89
CA VAL D 76 36.95 -15.11 7.46
C VAL D 76 37.84 -15.43 8.64
N ALA D 77 38.19 -14.42 9.44
CA ALA D 77 38.95 -14.72 10.65
C ALA D 77 38.28 -15.80 11.47
N TYR D 78 36.95 -15.82 11.48
CA TYR D 78 36.25 -16.81 12.29
C TYR D 78 36.26 -18.18 11.62
N SER D 79 35.74 -18.27 10.40
CA SER D 79 35.59 -19.58 9.77
C SER D 79 36.93 -20.24 9.51
N LEU D 80 37.98 -19.45 9.29
CA LEU D 80 39.31 -20.05 9.23
C LEU D 80 39.94 -20.17 10.59
N LYS D 81 39.31 -19.62 11.63
CA LYS D 81 39.86 -19.60 12.98
C LYS D 81 41.24 -18.96 13.03
N LYS D 82 41.52 -18.11 12.08
CA LYS D 82 42.80 -17.44 12.07
C LYS D 82 42.70 -16.06 12.69
N PRO D 83 43.79 -15.55 13.23
CA PRO D 83 43.81 -14.17 13.71
C PRO D 83 44.19 -13.20 12.61
N LEU D 84 43.40 -12.14 12.45
CA LEU D 84 43.64 -11.18 11.39
C LEU D 84 44.98 -10.48 11.57
N ARG D 85 45.44 -9.85 10.50
CA ARG D 85 46.72 -9.16 10.48
C ARG D 85 46.46 -7.68 10.68
N GLU D 86 47.07 -7.10 11.71
CA GLU D 86 46.72 -5.72 12.04
C GLU D 86 47.39 -4.72 11.10
N LYS D 87 48.67 -4.92 10.79
CA LYS D 87 49.35 -3.94 9.94
C LYS D 87 48.79 -3.92 8.52
N VAL D 88 47.87 -4.82 8.19
CA VAL D 88 47.19 -4.79 6.90
C VAL D 88 45.80 -4.21 7.04
N GLN D 89 45.04 -4.70 8.03
CA GLN D 89 43.75 -4.10 8.32
C GLN D 89 43.88 -2.60 8.51
N TRP D 90 44.97 -2.17 9.14
CA TRP D 90 45.10 -0.76 9.43
C TRP D 90 45.19 0.06 8.16
N ILE D 91 46.04 -0.36 7.22
CA ILE D 91 46.16 0.44 6.00
C ILE D 91 44.92 0.27 5.15
N ALA D 92 44.21 -0.85 5.26
CA ALA D 92 42.97 -1.00 4.53
C ALA D 92 41.94 -0.01 5.02
N LEU D 93 41.71 0.03 6.33
CA LEU D 93 40.78 0.99 6.88
C LEU D 93 41.23 2.41 6.62
N GLY D 94 42.54 2.66 6.67
CA GLY D 94 43.02 4.01 6.39
C GLY D 94 42.67 4.46 4.98
N MET D 95 42.88 3.58 4.01
CA MET D 95 42.53 3.96 2.65
C MET D 95 41.02 4.10 2.46
N MET D 96 40.22 3.22 3.04
CA MET D 96 38.79 3.38 2.84
C MET D 96 38.27 4.63 3.52
N VAL D 97 38.81 4.97 4.68
CA VAL D 97 38.34 6.16 5.38
C VAL D 97 38.78 7.42 4.65
N ILE D 98 40.05 7.50 4.24
CA ILE D 98 40.50 8.66 3.49
C ILE D 98 39.73 8.79 2.19
N GLY D 99 39.48 7.67 1.51
CA GLY D 99 38.76 7.75 0.27
C GLY D 99 37.34 8.23 0.43
N THR D 100 36.64 7.71 1.44
CA THR D 100 35.29 8.16 1.68
C THR D 100 35.26 9.62 2.11
N LEU D 101 36.25 10.06 2.87
CA LEU D 101 36.25 11.47 3.27
C LEU D 101 36.53 12.38 2.09
N MET D 102 37.41 11.96 1.17
CA MET D 102 37.67 12.74 -0.03
C MET D 102 36.48 12.73 -0.97
N ALA D 103 35.72 11.64 -0.98
CA ALA D 103 34.53 11.61 -1.82
C ALA D 103 33.38 12.38 -1.20
N ALA D 104 33.29 12.41 0.11
CA ALA D 104 32.18 13.09 0.77
C ALA D 104 32.43 14.59 0.89
N TRP D 105 33.65 15.00 1.16
CA TRP D 105 34.02 16.33 0.74
C TRP D 105 33.94 16.38 -0.78
N ALA D 106 33.77 17.57 -1.33
CA ALA D 106 33.55 17.70 -2.75
C ALA D 106 32.40 16.84 -3.23
N MET D 107 31.49 16.50 -2.34
CA MET D 107 30.19 16.03 -2.77
C MET D 107 29.17 16.71 -1.89
N PHE D 108 29.57 17.03 -0.66
CA PHE D 108 28.74 17.85 0.19
C PHE D 108 28.86 19.32 -0.18
N THR D 109 30.08 19.77 -0.46
CA THR D 109 30.27 21.17 -0.78
C THR D 109 29.63 21.53 -2.11
N GLY D 110 29.52 20.57 -3.01
CA GLY D 110 28.88 20.77 -4.28
C GLY D 110 29.76 20.65 -5.48
N ARG D 111 30.97 20.13 -5.32
CA ARG D 111 31.91 19.99 -6.43
C ARG D 111 31.63 18.79 -7.30
N ALA D 112 30.80 17.85 -6.86
CA ALA D 112 30.55 16.64 -7.62
C ALA D 112 29.09 16.25 -7.56
N THR D 113 28.20 17.18 -7.78
CA THR D 113 26.82 16.75 -7.94
C THR D 113 26.66 16.14 -9.31
N VAL D 114 27.45 15.11 -9.62
CA VAL D 114 27.44 14.54 -10.94
C VAL D 114 26.40 13.44 -11.00
N LEU D 115 26.65 12.32 -10.31
CA LEU D 115 25.62 11.45 -9.76
C LEU D 115 26.38 10.25 -9.24
N TYR D 116 25.73 9.26 -8.63
CA TYR D 116 26.58 8.18 -8.16
C TYR D 116 27.14 7.33 -9.28
N THR D 117 26.64 7.46 -10.51
CA THR D 117 27.21 6.77 -11.65
C THR D 117 28.19 7.63 -12.44
N PHE D 118 28.26 8.92 -12.15
CA PHE D 118 29.11 9.88 -12.86
C PHE D 118 29.14 9.62 -14.35
N TYR D 119 27.96 9.54 -14.92
CA TYR D 119 27.84 9.52 -16.37
C TYR D 119 28.57 10.71 -16.97
N PRO D 120 29.67 10.51 -17.68
CA PRO D 120 30.32 11.60 -18.35
C PRO D 120 29.44 12.11 -19.47
N PRO D 121 29.78 13.22 -20.11
CA PRO D 121 30.89 14.14 -19.99
C PRO D 121 30.53 15.19 -19.00
N LEU D 122 30.04 14.73 -17.86
CA LEU D 122 29.42 15.57 -16.85
C LEU D 122 30.32 15.62 -15.62
N ILE D 123 31.60 15.89 -15.85
CA ILE D 123 32.65 15.58 -14.89
C ILE D 123 32.45 16.24 -13.55
N ALA D 124 33.19 15.77 -12.56
CA ALA D 124 33.15 16.22 -11.19
C ALA D 124 34.53 16.70 -10.77
N HIS D 125 34.71 16.97 -9.48
CA HIS D 125 36.00 17.37 -8.97
C HIS D 125 36.86 16.14 -8.73
N TRP D 126 38.14 16.24 -9.08
CA TRP D 126 39.01 15.07 -9.04
C TRP D 126 39.01 14.38 -7.69
N THR D 127 38.77 15.14 -6.61
CA THR D 127 38.67 14.50 -5.30
C THR D 127 37.44 13.61 -5.18
N PHE D 128 36.53 13.63 -6.14
CA PHE D 128 35.46 12.64 -6.11
C PHE D 128 35.90 11.37 -6.80
N TYR D 129 36.62 11.48 -7.91
CA TYR D 129 37.04 10.30 -8.64
C TYR D 129 38.19 9.60 -7.94
N LEU D 130 39.26 10.34 -7.62
CA LEU D 130 40.31 9.73 -6.84
C LEU D 130 39.79 9.24 -5.51
N GLY D 131 38.83 9.94 -4.93
CA GLY D 131 38.25 9.48 -3.68
C GLY D 131 37.55 8.15 -3.82
N ALA D 132 36.69 8.01 -4.83
CA ALA D 132 35.95 6.76 -4.99
C ALA D 132 36.88 5.63 -5.40
N VAL D 133 37.86 5.90 -6.25
CA VAL D 133 38.82 4.87 -6.63
C VAL D 133 39.62 4.43 -5.43
N LEU D 134 40.08 5.37 -4.60
CA LEU D 134 40.87 4.98 -3.45
C LEU D 134 40.01 4.20 -2.48
N LEU D 135 38.76 4.61 -2.28
CA LEU D 135 37.82 3.85 -1.48
C LEU D 135 37.72 2.42 -1.96
N VAL D 136 37.47 2.22 -3.24
CA VAL D 136 37.26 0.89 -3.76
C VAL D 136 38.56 0.09 -3.70
N LEU D 137 39.56 0.54 -4.44
CA LEU D 137 40.84 -0.13 -4.51
C LEU D 137 41.50 -0.31 -3.15
N GLY D 138 41.03 0.35 -2.11
CA GLY D 138 41.60 0.12 -0.81
C GLY D 138 40.91 -0.91 0.03
N SER D 139 39.95 -1.62 -0.53
CA SER D 139 39.39 -2.77 0.17
C SER D 139 39.93 -4.08 -0.35
N LEU D 140 40.76 -4.05 -1.39
CA LEU D 140 41.42 -5.25 -1.85
C LEU D 140 42.59 -5.62 -0.96
N VAL D 141 43.28 -4.63 -0.38
CA VAL D 141 44.46 -4.94 0.41
C VAL D 141 44.18 -5.95 1.51
N PRO D 142 43.00 -5.99 2.15
CA PRO D 142 42.70 -7.16 2.97
C PRO D 142 42.73 -8.42 2.15
N PHE D 143 41.92 -8.50 1.10
CA PHE D 143 41.82 -9.73 0.33
C PHE D 143 43.20 -10.27 -0.03
N PHE D 144 44.03 -9.42 -0.62
CA PHE D 144 45.26 -9.93 -1.21
C PHE D 144 46.42 -10.01 -0.24
N PHE D 145 46.35 -9.33 0.90
CA PHE D 145 47.49 -9.32 1.81
C PHE D 145 47.18 -9.88 3.17
N ASP D 146 45.94 -10.24 3.46
CA ASP D 146 45.53 -10.71 4.76
C ASP D 146 44.94 -12.10 4.73
N TRP D 147 43.94 -12.34 3.88
CA TRP D 147 43.29 -13.64 3.93
C TRP D 147 43.27 -14.34 2.58
N ILE D 148 44.17 -13.99 1.68
CA ILE D 148 44.60 -14.95 0.67
C ILE D 148 45.70 -15.81 1.30
N PRO D 149 46.69 -15.24 1.98
CA PRO D 149 47.41 -16.02 2.98
C PRO D 149 46.44 -16.34 4.10
N SER D 150 46.86 -17.22 5.00
CA SER D 150 46.00 -17.57 6.13
C SER D 150 44.73 -18.23 5.65
N ALA D 151 44.57 -18.35 4.34
CA ALA D 151 43.67 -19.32 3.75
C ALA D 151 44.41 -20.25 2.82
N ILE D 152 45.49 -19.78 2.21
CA ILE D 152 46.44 -20.69 1.59
C ILE D 152 47.21 -21.43 2.66
N GLN D 153 47.36 -20.84 3.84
CA GLN D 153 47.99 -21.55 4.94
C GLN D 153 47.03 -22.52 5.60
N TRP D 154 45.79 -22.08 5.81
CA TRP D 154 44.81 -22.96 6.44
C TRP D 154 44.49 -24.14 5.55
N LYS D 155 44.43 -23.93 4.25
CA LYS D 155 44.15 -25.02 3.33
C LYS D 155 45.24 -26.08 3.42
N ARG D 156 46.45 -25.71 3.04
CA ARG D 156 47.51 -26.70 2.85
C ARG D 156 47.82 -27.46 4.13
N GLU D 157 47.52 -26.88 5.29
CA GLU D 157 47.86 -27.58 6.51
C GLU D 157 46.88 -28.67 6.88
N ASN D 158 45.72 -28.73 6.21
CA ASN D 158 44.71 -29.71 6.62
C ASN D 158 45.03 -31.12 6.15
N PRO D 159 45.26 -31.38 4.85
CA PRO D 159 45.13 -30.61 3.61
C PRO D 159 43.94 -31.04 2.76
N ASP D 160 43.37 -32.19 3.09
CA ASP D 160 42.21 -32.71 2.37
C ASP D 160 40.98 -32.25 3.14
N GLN D 161 40.56 -31.02 2.85
CA GLN D 161 39.40 -30.45 3.49
C GLN D 161 38.90 -29.29 2.64
N LYS D 162 37.60 -29.29 2.38
CA LYS D 162 37.02 -28.21 1.59
C LYS D 162 37.19 -26.89 2.31
N LEU D 163 37.21 -25.83 1.54
CA LEU D 163 37.22 -24.51 2.12
C LEU D 163 35.85 -24.23 2.72
N PRO D 164 35.76 -23.72 3.94
CA PRO D 164 34.45 -23.49 4.56
C PRO D 164 33.56 -22.67 3.66
N LEU D 165 32.26 -22.89 3.78
CA LEU D 165 31.33 -22.16 2.94
C LEU D 165 31.42 -20.66 3.19
N ALA D 166 31.60 -20.27 4.44
CA ALA D 166 31.60 -18.85 4.75
C ALA D 166 32.79 -18.13 4.13
N VAL D 167 33.88 -18.84 3.87
CA VAL D 167 35.08 -18.18 3.38
C VAL D 167 35.22 -18.46 1.89
N PHE D 168 34.64 -19.57 1.43
CA PHE D 168 34.52 -19.74 -0.01
C PHE D 168 33.59 -18.72 -0.61
N GLY D 169 32.56 -18.32 0.14
CA GLY D 169 31.70 -17.25 -0.33
C GLY D 169 32.41 -15.92 -0.41
N THR D 170 33.19 -15.57 0.60
CA THR D 170 33.93 -14.33 0.51
C THR D 170 35.03 -14.41 -0.54
N PHE D 171 35.56 -15.60 -0.81
CA PHE D 171 36.55 -15.69 -1.88
C PHE D 171 35.91 -15.49 -3.24
N VAL D 172 34.80 -16.18 -3.53
CA VAL D 172 34.12 -15.91 -4.78
C VAL D 172 33.77 -14.44 -4.89
N ASN D 173 33.30 -13.86 -3.79
CA ASN D 173 32.88 -12.46 -3.80
C ASN D 173 34.05 -11.54 -4.13
N PHE D 174 35.16 -11.71 -3.45
CA PHE D 174 36.24 -10.77 -3.68
C PHE D 174 37.03 -11.09 -4.93
N ILE D 175 36.93 -12.29 -5.47
CA ILE D 175 37.46 -12.54 -6.79
C ILE D 175 36.64 -11.78 -7.81
N LEU D 176 35.32 -11.88 -7.71
CA LEU D 176 34.43 -11.05 -8.51
C LEU D 176 34.86 -9.60 -8.48
N TRP D 177 35.05 -9.08 -7.28
CA TRP D 177 35.32 -7.68 -7.10
C TRP D 177 36.68 -7.29 -7.66
N THR D 178 37.71 -8.11 -7.38
CA THR D 178 39.03 -7.88 -7.94
C THR D 178 38.98 -7.80 -9.45
N ILE D 179 38.13 -8.61 -10.07
CA ILE D 179 38.01 -8.56 -11.53
C ILE D 179 37.32 -7.29 -11.96
N MET D 180 36.14 -7.02 -11.40
CA MET D 180 35.31 -5.92 -11.88
C MET D 180 35.70 -4.58 -11.31
N ILE D 181 36.88 -4.47 -10.69
CA ILE D 181 37.40 -3.13 -10.50
C ILE D 181 38.20 -2.69 -11.69
N VAL D 182 38.80 -3.62 -12.39
CA VAL D 182 39.56 -3.29 -13.60
C VAL D 182 38.80 -2.34 -14.52
N PRO D 183 37.54 -2.59 -14.88
CA PRO D 183 36.84 -1.68 -15.79
C PRO D 183 36.74 -0.28 -15.23
N VAL D 184 36.17 -0.11 -14.05
CA VAL D 184 35.96 1.25 -13.58
C VAL D 184 37.28 1.88 -13.15
N ALA D 185 38.23 1.09 -12.70
CA ALA D 185 39.52 1.71 -12.37
C ALA D 185 40.31 2.05 -13.61
N ILE D 186 39.90 1.57 -14.78
CA ILE D 186 40.45 2.08 -16.03
C ILE D 186 39.68 3.29 -16.50
N GLU D 187 38.36 3.21 -16.46
CA GLU D 187 37.52 4.32 -16.89
C GLU D 187 37.85 5.57 -16.11
N ILE D 188 37.80 5.50 -14.79
CA ILE D 188 38.09 6.67 -13.98
C ILE D 188 39.50 7.16 -14.26
N LEU D 189 40.49 6.33 -13.95
CA LEU D 189 41.88 6.76 -14.01
C LEU D 189 42.32 7.22 -15.39
N PHE D 190 41.64 6.83 -16.46
CA PHE D 190 42.12 7.15 -17.79
C PHE D 190 41.15 7.99 -18.60
N GLN D 191 39.99 8.29 -18.08
CA GLN D 191 39.06 9.13 -18.80
C GLN D 191 38.56 10.28 -17.97
N LEU D 192 38.29 10.07 -16.68
CA LEU D 192 37.67 11.10 -15.88
C LEU D 192 38.62 11.76 -14.92
N LEU D 193 39.60 11.05 -14.44
CA LEU D 193 40.69 11.70 -13.73
C LEU D 193 41.59 12.47 -14.69
N PRO D 194 41.75 12.10 -15.96
CA PRO D 194 42.45 13.01 -16.86
C PRO D 194 41.57 14.17 -17.29
N LEU D 195 40.29 13.94 -17.52
CA LEU D 195 39.44 15.03 -18.00
C LEU D 195 39.25 16.09 -16.92
N SER D 196 38.88 15.69 -15.72
CA SER D 196 39.02 16.62 -14.62
C SER D 196 40.49 16.96 -14.47
N LEU D 197 40.75 18.05 -13.75
CA LEU D 197 42.08 18.64 -13.70
C LEU D 197 42.70 18.59 -15.08
N GLY D 198 42.04 19.29 -16.01
CA GLY D 198 42.17 18.99 -17.41
C GLY D 198 43.57 18.70 -17.88
N LEU D 199 43.79 17.43 -18.24
CA LEU D 199 44.97 17.00 -18.96
C LEU D 199 44.61 16.57 -20.37
N VAL D 200 43.58 15.77 -20.51
CA VAL D 200 42.89 15.60 -21.77
C VAL D 200 41.82 16.65 -21.85
N ASP D 201 41.31 16.87 -23.05
CA ASP D 201 40.24 17.83 -23.27
C ASP D 201 39.02 17.17 -23.89
N GLU D 202 39.04 15.86 -24.08
CA GLU D 202 37.99 15.13 -24.75
C GLU D 202 37.72 13.85 -23.98
N ILE D 203 36.65 13.16 -24.38
CA ILE D 203 36.20 11.96 -23.68
C ILE D 203 35.30 11.21 -24.65
N ASN D 204 35.13 9.92 -24.42
CA ASN D 204 34.24 9.11 -25.25
C ASN D 204 33.00 8.80 -24.46
N PRO D 205 32.00 9.64 -24.51
CA PRO D 205 30.90 9.54 -23.55
C PRO D 205 30.01 8.33 -23.74
N LEU D 206 30.40 7.42 -24.61
CA LEU D 206 29.80 6.09 -24.67
C LEU D 206 30.72 5.01 -24.14
N LEU D 207 32.01 5.14 -24.38
CA LEU D 207 32.97 4.21 -23.82
C LEU D 207 33.09 4.38 -22.32
N ALA D 208 32.71 5.52 -21.78
CA ALA D 208 32.72 5.70 -20.35
C ALA D 208 31.36 5.44 -19.73
N ARG D 209 30.41 4.98 -20.52
CA ARG D 209 29.16 4.42 -20.02
C ARG D 209 29.18 2.91 -20.08
N THR D 210 29.66 2.35 -21.18
CA THR D 210 30.35 1.08 -21.06
C THR D 210 31.62 1.32 -20.26
N LEU D 211 32.29 0.25 -19.84
CA LEU D 211 33.41 0.35 -18.91
C LEU D 211 32.95 0.92 -17.59
N PHE D 212 31.71 1.39 -17.54
CA PHE D 212 31.10 1.58 -16.25
C PHE D 212 30.11 0.48 -16.00
N TRP D 213 29.24 0.23 -16.92
CA TRP D 213 28.37 -0.87 -16.53
C TRP D 213 29.05 -2.23 -16.63
N PHE D 214 30.36 -2.24 -16.80
CA PHE D 214 31.21 -3.38 -16.49
C PHE D 214 31.70 -3.32 -15.06
N PHE D 215 31.25 -2.38 -14.32
CA PHE D 215 31.51 -2.32 -12.89
C PHE D 215 30.24 -2.11 -12.12
N GLY D 216 29.33 -1.32 -12.64
CA GLY D 216 28.05 -1.14 -12.02
C GLY D 216 27.24 -2.39 -11.95
N HIS D 217 27.45 -3.32 -12.86
CA HIS D 217 26.63 -4.50 -12.65
C HIS D 217 27.24 -5.65 -11.85
N PRO D 218 28.50 -6.00 -12.02
CA PRO D 218 29.09 -6.94 -11.07
C PRO D 218 29.12 -6.43 -9.66
N VAL D 219 28.84 -5.16 -9.42
CA VAL D 219 28.89 -4.71 -8.04
C VAL D 219 27.60 -5.04 -7.33
N VAL D 220 26.49 -5.19 -8.04
CA VAL D 220 25.28 -5.66 -7.37
C VAL D 220 25.50 -7.06 -6.85
N TYR D 221 26.14 -7.91 -7.62
CA TYR D 221 26.39 -9.26 -7.15
C TYR D 221 27.54 -9.31 -6.17
N PHE D 222 28.43 -8.33 -6.21
CA PHE D 222 29.42 -8.24 -5.15
C PHE D 222 28.78 -7.92 -3.81
N TRP D 223 27.74 -7.07 -3.80
CA TRP D 223 27.00 -6.88 -2.57
C TRP D 223 26.19 -8.10 -2.22
N LEU D 224 25.52 -8.68 -3.22
CA LEU D 224 24.60 -9.78 -2.98
C LEU D 224 25.30 -11.01 -2.43
N LEU D 225 26.57 -11.20 -2.71
CA LEU D 225 27.18 -12.44 -2.27
C LEU D 225 27.40 -12.52 -0.76
N PRO D 226 27.73 -11.44 -0.06
CA PRO D 226 27.73 -11.55 1.39
C PRO D 226 26.36 -11.71 1.99
N ALA D 227 25.35 -11.05 1.44
CA ALA D 227 24.00 -11.37 1.88
C ALA D 227 23.73 -12.86 1.71
N TYR D 228 24.29 -13.47 0.68
CA TYR D 228 24.03 -14.89 0.47
C TYR D 228 24.86 -15.78 1.37
N VAL D 229 26.08 -15.37 1.71
CA VAL D 229 26.82 -16.20 2.65
C VAL D 229 26.17 -16.11 4.02
N ALA D 230 25.57 -14.98 4.35
CA ALA D 230 24.71 -14.93 5.53
C ALA D 230 23.56 -15.91 5.38
N LEU D 231 22.71 -15.72 4.38
CA LEU D 231 21.55 -16.60 4.20
C LEU D 231 21.91 -18.06 4.19
N TYR D 232 23.13 -18.42 3.84
CA TYR D 232 23.48 -19.83 3.80
C TYR D 232 23.99 -20.33 5.14
N THR D 233 24.89 -19.58 5.78
CA THR D 233 25.53 -20.09 6.97
C THR D 233 24.88 -19.63 8.26
N ILE D 234 24.34 -18.41 8.31
CA ILE D 234 23.82 -17.85 9.54
C ILE D 234 22.31 -17.95 9.68
N LEU D 235 21.57 -18.05 8.58
CA LEU D 235 20.12 -18.16 8.73
C LEU D 235 19.70 -19.48 9.35
N PRO D 236 20.12 -20.64 8.85
CA PRO D 236 19.67 -21.89 9.47
C PRO D 236 20.17 -22.10 10.87
N LYS D 237 20.95 -21.20 11.45
CA LYS D 237 21.25 -21.34 12.86
C LYS D 237 20.58 -20.29 13.73
N ILE D 238 20.13 -19.18 13.14
CA ILE D 238 19.27 -18.29 13.91
C ILE D 238 17.82 -18.73 13.86
N VAL D 239 17.48 -19.63 12.96
CA VAL D 239 16.31 -20.47 13.16
C VAL D 239 16.80 -21.53 14.14
N SER D 240 15.90 -22.40 14.60
CA SER D 240 16.23 -23.38 15.64
C SER D 240 17.60 -23.97 15.50
N GLU D 241 18.25 -24.22 16.62
CA GLU D 241 19.64 -24.67 16.70
C GLU D 241 19.87 -26.04 16.12
N LYS D 242 18.89 -26.64 15.45
CA LYS D 242 19.13 -27.86 14.69
C LYS D 242 19.19 -27.59 13.20
N GLY D 243 19.33 -26.34 12.78
CA GLY D 243 19.34 -26.03 11.37
C GLY D 243 20.63 -26.47 10.69
N LYS D 244 20.55 -26.72 9.39
CA LYS D 244 21.61 -27.49 8.77
C LYS D 244 22.11 -27.01 7.42
N LEU D 245 21.45 -26.07 6.74
CA LEU D 245 21.90 -25.67 5.40
C LEU D 245 21.91 -26.86 4.45
N TYR D 246 20.71 -27.29 4.10
CA TYR D 246 20.53 -28.30 3.07
C TYR D 246 21.43 -28.03 1.87
N SER D 247 22.17 -29.07 1.47
CA SER D 247 22.89 -29.09 0.20
C SER D 247 23.97 -28.01 0.12
N ASP D 248 24.97 -28.16 0.96
CA ASP D 248 26.19 -27.37 0.80
C ASP D 248 26.73 -27.33 -0.63
N PRO D 249 26.81 -28.43 -1.38
CA PRO D 249 27.23 -28.29 -2.79
C PRO D 249 26.34 -27.39 -3.60
N ALA D 250 25.06 -27.29 -3.27
CA ALA D 250 24.21 -26.37 -4.01
C ALA D 250 24.59 -24.92 -3.72
N ALA D 251 24.97 -24.63 -2.49
CA ALA D 251 25.45 -23.29 -2.20
C ALA D 251 26.75 -23.01 -2.94
N ARG D 252 27.68 -23.96 -2.93
CA ARG D 252 28.92 -23.74 -3.66
C ARG D 252 28.67 -23.56 -5.15
N LEU D 253 27.69 -24.27 -5.70
CA LEU D 253 27.36 -24.09 -7.10
C LEU D 253 26.80 -22.70 -7.36
N ALA D 254 25.89 -22.24 -6.51
CA ALA D 254 25.35 -20.89 -6.70
C ALA D 254 26.46 -19.86 -6.67
N PHE D 255 27.44 -20.04 -5.78
CA PHE D 255 28.53 -19.09 -5.77
C PHE D 255 29.35 -19.18 -7.05
N ILE D 256 29.57 -20.38 -7.58
CA ILE D 256 30.35 -20.48 -8.80
C ILE D 256 29.62 -19.83 -9.97
N LEU D 257 28.29 -19.89 -9.96
CA LEU D 257 27.52 -19.18 -10.98
C LEU D 257 27.67 -17.68 -10.84
N PHE D 258 27.55 -17.16 -9.61
CA PHE D 258 27.76 -15.73 -9.47
C PHE D 258 29.18 -15.33 -9.82
N LEU D 259 30.09 -16.29 -9.85
CA LEU D 259 31.43 -15.98 -10.30
C LEU D 259 31.47 -15.85 -11.81
N ILE D 260 30.93 -16.83 -12.53
CA ILE D 260 31.11 -16.82 -13.98
C ILE D 260 30.13 -15.88 -14.66
N PHE D 261 28.88 -15.85 -14.24
CA PHE D 261 27.83 -15.20 -15.00
C PHE D 261 27.47 -13.81 -14.50
N SER D 262 28.17 -13.27 -13.52
CA SER D 262 27.82 -11.94 -13.07
C SER D 262 28.68 -10.89 -13.75
N LEU D 263 29.80 -11.31 -14.35
CA LEU D 263 30.67 -10.35 -15.03
C LEU D 263 30.20 -10.01 -16.43
N PRO D 264 29.82 -10.96 -17.29
CA PRO D 264 29.52 -10.60 -18.67
C PRO D 264 28.19 -9.94 -18.87
N VAL D 265 27.46 -9.59 -17.82
CA VAL D 265 26.05 -9.24 -17.95
C VAL D 265 25.82 -7.74 -18.00
N GLY D 266 26.86 -6.94 -17.86
CA GLY D 266 26.66 -5.53 -17.55
C GLY D 266 26.12 -4.71 -18.70
N LEU D 267 25.91 -5.33 -19.86
CA LEU D 267 25.44 -4.52 -20.99
C LEU D 267 23.93 -4.38 -20.95
N HIS D 268 23.29 -5.02 -20.01
CA HIS D 268 21.85 -4.91 -19.90
C HIS D 268 21.42 -3.73 -19.08
N HIS D 269 22.33 -2.85 -18.71
CA HIS D 269 21.97 -1.59 -18.11
C HIS D 269 21.87 -0.51 -19.17
N GLN D 270 22.70 -0.57 -20.18
CA GLN D 270 22.56 0.30 -21.34
C GLN D 270 21.94 -0.51 -22.47
N PHE D 271 20.64 -0.73 -22.36
CA PHE D 271 19.93 -1.35 -23.47
C PHE D 271 19.51 -0.34 -24.51
N THR D 272 19.30 0.89 -24.10
CA THR D 272 18.78 1.91 -24.99
C THR D 272 19.86 2.85 -25.50
N ASP D 273 21.08 2.71 -25.03
CA ASP D 273 22.16 3.48 -25.61
C ASP D 273 22.28 3.17 -27.09
N PRO D 274 22.52 4.15 -27.92
CA PRO D 274 22.38 3.95 -29.37
C PRO D 274 23.63 3.45 -30.05
N GLY D 275 24.78 3.57 -29.41
CA GLY D 275 25.99 3.10 -30.04
C GLY D 275 26.07 1.60 -30.14
N ILE D 276 26.10 0.93 -28.98
CA ILE D 276 26.31 -0.51 -28.89
C ILE D 276 25.49 -1.23 -29.93
N THR D 277 26.13 -2.10 -30.69
CA THR D 277 25.41 -2.85 -31.70
C THR D 277 24.42 -3.77 -31.04
N ASN D 278 23.14 -3.63 -31.40
CA ASN D 278 22.14 -4.60 -31.00
C ASN D 278 22.59 -5.98 -31.45
N THR D 279 21.99 -7.03 -30.88
CA THR D 279 22.41 -8.43 -30.94
C THR D 279 23.66 -8.68 -30.12
N TRP D 280 24.22 -7.67 -29.48
CA TRP D 280 25.05 -7.88 -28.31
C TRP D 280 24.28 -7.60 -27.04
N LYS D 281 23.45 -6.57 -27.07
CA LYS D 281 22.49 -6.39 -25.99
C LYS D 281 21.62 -7.61 -25.84
N LEU D 282 21.41 -8.38 -26.92
CA LEU D 282 20.59 -9.59 -26.78
C LEU D 282 21.37 -10.69 -26.07
N ILE D 283 22.63 -10.88 -26.43
CA ILE D 283 23.46 -11.84 -25.71
C ILE D 283 23.52 -11.49 -24.24
N HIS D 284 23.53 -10.21 -23.90
CA HIS D 284 23.60 -9.87 -22.48
C HIS D 284 22.25 -9.91 -21.80
N ALA D 285 21.15 -9.73 -22.52
CA ALA D 285 19.86 -10.07 -21.95
C ALA D 285 19.65 -11.58 -21.91
N LEU D 286 20.57 -12.37 -22.45
CA LEU D 286 20.59 -13.81 -22.22
C LEU D 286 21.43 -14.16 -21.00
N PHE D 287 22.64 -13.62 -20.91
CA PHE D 287 23.44 -13.82 -19.71
C PHE D 287 22.79 -13.23 -18.49
N THR D 288 21.85 -12.29 -18.64
CA THR D 288 21.14 -11.83 -17.47
C THR D 288 20.12 -12.85 -17.01
N PHE D 289 19.38 -13.44 -17.93
CA PHE D 289 18.54 -14.55 -17.55
C PHE D 289 19.35 -15.76 -17.14
N GLY D 290 20.66 -15.73 -17.34
CA GLY D 290 21.51 -16.76 -16.81
C GLY D 290 22.00 -16.48 -15.41
N VAL D 291 22.35 -15.23 -15.11
CA VAL D 291 22.81 -14.89 -13.77
C VAL D 291 21.65 -14.68 -12.82
N ALA D 292 20.43 -14.60 -13.32
CA ALA D 292 19.30 -14.66 -12.43
C ALA D 292 18.93 -16.07 -12.09
N LEU D 293 19.69 -17.04 -12.54
CA LEU D 293 19.45 -18.42 -12.19
C LEU D 293 20.02 -18.76 -10.82
N PRO D 294 21.29 -18.46 -10.53
CA PRO D 294 21.81 -18.80 -9.21
C PRO D 294 21.00 -18.22 -8.09
N SER D 295 20.37 -17.07 -8.29
CA SER D 295 19.50 -16.60 -7.24
C SER D 295 18.24 -17.43 -7.15
N MET D 296 17.82 -18.08 -8.21
CA MET D 296 16.70 -19.01 -8.10
C MET D 296 17.14 -20.39 -7.66
N ILE D 297 18.43 -20.63 -7.54
CA ILE D 297 18.92 -21.80 -6.83
C ILE D 297 19.06 -21.48 -5.34
N THR D 298 19.41 -20.24 -5.03
CA THR D 298 19.43 -19.84 -3.64
C THR D 298 18.03 -19.77 -3.07
N ALA D 299 17.07 -19.33 -3.87
CA ALA D 299 15.69 -19.36 -3.39
C ALA D 299 15.20 -20.76 -3.10
N PHE D 300 15.95 -21.78 -3.46
CA PHE D 300 15.61 -23.16 -3.16
C PHE D 300 16.43 -23.67 -2.00
N THR D 301 17.73 -23.41 -2.01
CA THR D 301 18.55 -23.90 -0.91
C THR D 301 18.21 -23.21 0.39
N VAL D 302 17.95 -21.89 0.37
CA VAL D 302 17.65 -21.17 1.59
C VAL D 302 16.16 -21.17 1.90
N ALA D 303 15.37 -21.86 1.10
CA ALA D 303 14.00 -22.16 1.50
C ALA D 303 13.83 -23.61 1.87
N THR D 304 14.83 -24.44 1.62
CA THR D 304 14.87 -25.78 2.19
C THR D 304 15.58 -25.79 3.53
N SER D 305 16.75 -25.16 3.62
CA SER D 305 17.39 -25.01 4.89
C SER D 305 16.52 -24.28 5.88
N LEU D 306 15.53 -23.53 5.41
CA LEU D 306 14.52 -23.01 6.29
C LEU D 306 13.47 -24.05 6.61
N GLU D 307 13.24 -25.00 5.72
CA GLU D 307 12.28 -26.05 6.02
C GLU D 307 12.92 -27.16 6.82
N TYR D 308 14.13 -27.57 6.47
CA TYR D 308 14.77 -28.60 7.27
C TYR D 308 14.97 -28.13 8.70
N SER D 309 15.32 -26.86 8.89
CA SER D 309 15.54 -26.39 10.25
C SER D 309 14.26 -26.39 11.04
N VAL D 310 13.19 -25.85 10.46
CA VAL D 310 11.92 -25.78 11.18
C VAL D 310 11.38 -27.18 11.43
N LYS D 311 11.29 -27.99 10.41
CA LYS D 311 10.79 -29.33 10.64
C LYS D 311 11.73 -30.19 11.36
N ALA D 312 12.87 -29.72 11.82
CA ALA D 312 13.67 -30.51 12.74
C ALA D 312 13.34 -30.21 14.19
N GLU D 313 12.88 -29.00 14.49
CA GLU D 313 12.47 -28.68 15.85
C GLU D 313 10.99 -28.85 16.07
N HIS D 314 10.25 -29.36 15.10
CA HIS D 314 8.81 -29.56 15.22
C HIS D 314 8.43 -30.83 14.49
N PRO D 315 8.85 -31.97 15.00
CA PRO D 315 8.61 -33.23 14.31
C PRO D 315 7.14 -33.46 13.97
N GLU D 316 6.26 -32.68 14.60
CA GLU D 316 4.86 -32.70 14.20
C GLU D 316 4.72 -32.29 12.74
N LEU D 317 5.40 -31.21 12.35
CA LEU D 317 5.25 -30.62 11.03
C LEU D 317 5.78 -31.51 9.92
N LYS D 318 6.28 -32.69 10.28
CA LYS D 318 6.88 -33.56 9.29
C LYS D 318 5.94 -33.75 8.11
N ASN D 319 6.51 -33.79 6.91
CA ASN D 319 5.77 -33.98 5.66
C ASN D 319 4.55 -33.10 5.55
N SER D 320 4.65 -31.85 6.00
CA SER D 320 3.58 -30.87 5.86
C SER D 320 4.09 -29.72 5.03
N LYS D 321 3.50 -29.52 3.86
CA LYS D 321 3.81 -28.37 3.04
C LYS D 321 2.85 -27.23 3.35
N PHE D 322 3.39 -26.02 3.43
CA PHE D 322 2.74 -24.74 3.70
C PHE D 322 2.41 -24.48 5.15
N TYR D 323 2.48 -25.43 6.07
CA TYR D 323 2.07 -25.04 7.41
C TYR D 323 3.22 -24.53 8.25
N TRP D 324 4.43 -24.99 7.97
CA TRP D 324 5.58 -24.23 8.41
C TRP D 324 5.55 -22.94 7.60
N TRP D 325 6.52 -22.06 7.77
CA TRP D 325 6.43 -20.66 7.38
C TRP D 325 5.53 -19.95 8.36
N THR D 326 4.89 -20.70 9.24
CA THR D 326 4.17 -20.13 10.35
C THR D 326 4.88 -20.36 11.66
N PHE D 327 5.72 -21.38 11.73
CA PHE D 327 6.52 -21.66 12.91
C PHE D 327 7.89 -21.05 12.82
N LEU D 328 8.05 -20.12 12.05
CA LEU D 328 9.34 -19.46 12.00
C LEU D 328 9.36 -18.29 12.98
N PRO D 329 10.48 -17.99 13.58
CA PRO D 329 10.52 -16.88 14.52
C PRO D 329 10.46 -15.53 13.82
N PHE D 330 9.27 -15.11 13.39
CA PHE D 330 9.15 -13.86 12.67
C PHE D 330 9.50 -12.69 13.56
N MET D 331 8.98 -12.66 14.77
CA MET D 331 9.19 -11.53 15.66
C MET D 331 9.58 -12.01 17.04
N ARG D 332 10.56 -12.90 17.11
CA ARG D 332 11.06 -13.37 18.39
C ARG D 332 12.27 -12.57 18.82
N LEU D 333 12.26 -12.15 20.07
CA LEU D 333 13.44 -11.62 20.72
C LEU D 333 14.29 -12.81 21.15
N GLU D 334 15.15 -12.60 22.13
CA GLU D 334 15.73 -13.67 22.94
C GLU D 334 16.62 -14.63 22.15
N GLY D 335 17.72 -14.08 21.63
CA GLY D 335 18.92 -14.86 21.40
C GLY D 335 19.08 -15.31 19.97
N ASN D 336 19.86 -14.55 19.21
CA ASN D 336 20.05 -14.79 17.79
C ASN D 336 18.75 -15.21 17.15
N LYS D 337 17.66 -14.56 17.50
CA LYS D 337 16.41 -14.80 16.82
C LYS D 337 15.70 -13.53 16.46
N TRP D 338 16.18 -12.38 16.90
CA TRP D 338 15.73 -11.15 16.29
C TRP D 338 16.18 -11.10 14.84
N MET D 339 17.38 -11.62 14.58
CA MET D 339 17.96 -11.56 13.25
C MET D 339 17.07 -12.23 12.22
N PHE D 340 16.17 -13.11 12.63
CA PHE D 340 15.31 -13.65 11.60
C PHE D 340 14.34 -12.61 11.09
N SER D 341 13.98 -11.63 11.90
CA SER D 341 13.13 -10.58 11.37
C SER D 341 13.81 -9.90 10.19
N TYR D 342 15.10 -9.62 10.31
CA TYR D 342 15.81 -8.98 9.22
C TYR D 342 15.93 -9.93 8.04
N PHE D 343 16.32 -11.16 8.28
CA PHE D 343 16.53 -12.03 7.12
C PHE D 343 15.24 -12.27 6.38
N PHE D 344 14.10 -12.28 7.08
CA PHE D 344 12.86 -12.54 6.38
C PHE D 344 12.29 -11.30 5.73
N ALA D 345 12.27 -10.16 6.43
CA ALA D 345 11.85 -8.95 5.75
C ALA D 345 12.80 -8.55 4.66
N GLY D 346 13.95 -9.20 4.57
CA GLY D 346 14.82 -8.97 3.44
C GLY D 346 14.50 -9.95 2.35
N LEU D 347 14.17 -11.18 2.72
CA LEU D 347 13.85 -12.15 1.68
C LEU D 347 12.56 -11.81 0.96
N VAL D 348 11.61 -11.16 1.61
CA VAL D 348 10.38 -10.79 0.90
C VAL D 348 10.67 -9.68 -0.12
N LEU D 349 11.29 -8.61 0.35
CA LEU D 349 11.71 -7.57 -0.57
C LEU D 349 12.57 -8.13 -1.68
N PHE D 350 13.34 -9.17 -1.41
CA PHE D 350 14.12 -9.70 -2.52
C PHE D 350 13.27 -10.51 -3.46
N PHE D 351 12.28 -11.23 -2.94
CA PHE D 351 11.29 -11.86 -3.79
C PHE D 351 10.78 -10.89 -4.83
N ILE D 352 10.53 -9.65 -4.41
CA ILE D 352 9.99 -8.69 -5.37
C ILE D 352 11.08 -8.10 -6.25
N GLY D 353 12.24 -7.79 -5.68
CA GLY D 353 13.33 -7.28 -6.46
C GLY D 353 13.80 -8.23 -7.52
N GLY D 354 13.55 -9.52 -7.34
CA GLY D 354 13.98 -10.48 -8.33
C GLY D 354 13.11 -10.47 -9.56
N ILE D 355 11.80 -10.51 -9.39
CA ILE D 355 10.95 -10.41 -10.57
C ILE D 355 11.12 -9.06 -11.23
N THR D 356 11.31 -8.02 -10.45
CA THR D 356 11.49 -6.73 -11.06
C THR D 356 12.76 -6.67 -11.87
N GLY D 357 13.83 -7.32 -11.39
CA GLY D 357 15.04 -7.36 -12.16
C GLY D 357 14.92 -8.22 -13.41
N ILE D 358 14.23 -9.35 -13.28
CA ILE D 358 13.99 -10.22 -14.44
C ILE D 358 13.26 -9.45 -15.53
N VAL D 359 12.22 -8.72 -15.14
CA VAL D 359 11.52 -7.84 -16.07
C VAL D 359 12.50 -6.88 -16.71
N ASN D 360 13.11 -6.03 -15.87
CA ASN D 360 14.03 -5.01 -16.35
C ASN D 360 15.02 -5.53 -17.38
N ALA D 361 15.41 -6.79 -17.28
CA ALA D 361 16.39 -7.31 -18.21
C ALA D 361 15.81 -7.79 -19.52
N SER D 362 14.49 -7.97 -19.61
CA SER D 362 13.90 -8.53 -20.82
C SER D 362 13.99 -7.52 -21.95
N TYR D 363 15.13 -7.49 -22.64
CA TYR D 363 15.63 -6.26 -23.27
C TYR D 363 14.58 -5.53 -24.07
N ASN D 364 13.65 -6.25 -24.70
CA ASN D 364 12.48 -5.57 -25.21
C ASN D 364 11.79 -4.78 -24.11
N VAL D 365 11.40 -5.47 -23.05
CA VAL D 365 10.65 -4.88 -21.96
C VAL D 365 11.44 -3.83 -21.22
N ASN D 366 12.71 -3.68 -21.53
CA ASN D 366 13.46 -2.61 -20.92
C ASN D 366 13.22 -1.27 -21.58
N LEU D 367 12.34 -1.21 -22.57
CA LEU D 367 11.92 0.07 -23.12
C LEU D 367 10.75 0.65 -22.36
N VAL D 368 9.92 -0.22 -21.79
CA VAL D 368 8.79 0.23 -21.01
C VAL D 368 9.27 0.99 -19.78
N VAL D 369 10.38 0.54 -19.19
CA VAL D 369 10.70 0.91 -17.82
C VAL D 369 12.07 1.55 -17.67
N HIS D 370 12.86 1.68 -18.72
CA HIS D 370 14.22 2.15 -18.53
C HIS D 370 14.21 3.55 -17.98
N ASN D 371 14.98 3.77 -16.94
CA ASN D 371 15.10 5.06 -16.28
C ASN D 371 13.75 5.68 -15.96
N THR D 372 12.70 4.89 -15.83
CA THR D 372 11.48 5.38 -15.22
C THR D 372 11.62 5.22 -13.72
N ALA D 373 10.54 5.40 -12.97
CA ALA D 373 10.63 5.17 -11.55
C ALA D 373 10.56 3.71 -11.21
N TYR D 374 10.46 2.85 -12.21
CA TYR D 374 10.48 1.43 -11.97
C TYR D 374 11.81 1.00 -11.39
N VAL D 375 12.89 1.50 -11.96
CA VAL D 375 14.21 1.01 -11.57
C VAL D 375 14.51 1.28 -10.12
N PRO D 376 14.12 2.40 -9.50
CA PRO D 376 14.25 2.47 -8.05
C PRO D 376 13.43 1.43 -7.35
N GLY D 377 12.33 0.99 -7.95
CA GLY D 377 11.64 -0.16 -7.40
C GLY D 377 12.50 -1.41 -7.46
N HIS D 378 13.27 -1.58 -8.51
CA HIS D 378 14.12 -2.76 -8.58
C HIS D 378 15.20 -2.72 -7.52
N PHE D 379 15.99 -1.66 -7.51
CA PHE D 379 17.16 -1.66 -6.66
C PHE D 379 16.93 -1.06 -5.30
N HIS D 380 15.70 -0.80 -4.92
CA HIS D 380 15.46 -0.62 -3.50
C HIS D 380 15.01 -1.89 -2.84
N THR D 381 14.11 -2.63 -3.47
CA THR D 381 13.76 -3.92 -2.92
C THR D 381 14.90 -4.93 -3.03
N THR D 382 15.84 -4.79 -3.96
CA THR D 382 17.01 -5.67 -3.86
C THR D 382 18.01 -5.14 -2.86
N VAL D 383 18.62 -3.99 -3.13
CA VAL D 383 19.66 -3.49 -2.23
C VAL D 383 19.07 -3.22 -0.88
N GLY D 384 18.21 -2.21 -0.78
CA GLY D 384 17.71 -1.85 0.51
C GLY D 384 16.72 -2.81 1.06
N GLY D 385 16.42 -3.88 0.35
CA GLY D 385 15.59 -4.90 0.92
C GLY D 385 16.37 -6.05 1.52
N LEU D 386 17.19 -6.72 0.72
CA LEU D 386 17.92 -7.83 1.27
C LEU D 386 19.31 -7.43 1.70
N VAL D 387 20.06 -6.76 0.82
CA VAL D 387 21.45 -6.53 1.15
C VAL D 387 21.54 -5.62 2.36
N LEU D 388 20.69 -4.62 2.40
CA LEU D 388 20.76 -3.67 3.51
C LEU D 388 20.22 -4.29 4.78
N LEU D 389 19.16 -5.08 4.71
CA LEU D 389 18.60 -5.62 5.94
C LEU D 389 19.49 -6.70 6.51
N VAL D 390 20.09 -7.53 5.67
CA VAL D 390 21.04 -8.51 6.18
C VAL D 390 22.25 -7.81 6.75
N PHE D 391 22.70 -6.71 6.12
CA PHE D 391 23.83 -6.00 6.68
C PHE D 391 23.47 -5.34 7.99
N PHE D 392 22.23 -4.91 8.15
CA PHE D 392 21.78 -4.37 9.42
C PHE D 392 21.78 -5.45 10.50
N ALA D 393 21.25 -6.62 10.19
CA ALA D 393 21.23 -7.68 11.17
C ALA D 393 22.62 -8.01 11.61
N LEU D 394 23.53 -8.20 10.66
CA LEU D 394 24.89 -8.56 11.04
C LEU D 394 25.61 -7.42 11.74
N SER D 395 25.24 -6.18 11.45
CA SER D 395 25.82 -5.07 12.20
C SER D 395 25.43 -5.17 13.67
N LEU D 396 24.14 -5.28 13.94
CA LEU D 396 23.71 -5.43 15.33
C LEU D 396 24.40 -6.61 15.98
N TYR D 397 24.41 -7.75 15.29
CA TYR D 397 24.94 -8.95 15.89
C TYR D 397 26.42 -8.83 16.18
N MET D 398 27.21 -8.29 15.25
CA MET D 398 28.64 -8.24 15.47
C MET D 398 29.02 -7.16 16.46
N VAL D 399 28.36 -5.99 16.40
CA VAL D 399 28.64 -4.96 17.38
C VAL D 399 28.31 -5.47 18.78
N SER D 400 27.27 -6.26 18.90
CA SER D 400 27.06 -6.95 20.16
C SER D 400 28.22 -7.86 20.47
N LYS D 401 28.39 -8.89 19.66
CA LYS D 401 29.20 -10.04 20.03
C LYS D 401 30.65 -9.67 20.24
N LEU D 402 31.16 -8.66 19.55
CA LEU D 402 32.57 -8.35 19.69
C LEU D 402 32.82 -7.14 20.56
N ARG D 403 31.79 -6.58 21.18
CA ARG D 403 31.98 -5.56 22.19
C ARG D 403 31.56 -6.02 23.57
N GLY D 404 30.65 -6.98 23.65
CA GLY D 404 30.19 -7.48 24.93
C GLY D 404 28.71 -7.25 25.15
N SER D 405 28.22 -6.07 24.77
CA SER D 405 26.81 -5.75 24.94
C SER D 405 25.95 -6.87 24.39
N GLU D 406 24.93 -7.26 25.14
CA GLU D 406 24.12 -8.37 24.68
C GLU D 406 23.39 -7.98 23.40
N VAL D 407 22.41 -7.10 23.50
CA VAL D 407 21.89 -6.23 22.46
C VAL D 407 20.93 -5.33 23.20
N LYS D 408 20.86 -4.06 22.87
CA LYS D 408 20.01 -3.16 23.60
C LYS D 408 18.81 -2.77 22.73
N LEU D 409 17.71 -2.45 23.40
CA LEU D 409 16.47 -2.09 22.72
C LEU D 409 16.06 -3.14 21.70
N LYS D 410 16.35 -4.41 22.00
CA LYS D 410 16.16 -5.48 21.03
C LYS D 410 14.77 -5.48 20.44
N GLY D 411 13.78 -4.93 21.13
CA GLY D 411 12.44 -4.89 20.57
C GLY D 411 12.33 -3.91 19.42
N LEU D 412 12.92 -2.72 19.58
CA LEU D 412 12.95 -1.78 18.46
C LEU D 412 13.65 -2.41 17.27
N ALA D 413 14.76 -3.10 17.51
CA ALA D 413 15.43 -3.83 16.45
C ALA D 413 14.46 -4.75 15.74
N VAL D 414 13.87 -5.70 16.47
CA VAL D 414 12.97 -6.66 15.85
C VAL D 414 11.89 -5.98 15.04
N LEU D 415 11.42 -4.82 15.47
CA LEU D 415 10.38 -4.16 14.69
C LEU D 415 10.93 -3.56 13.43
N ALA D 416 12.15 -3.03 13.46
CA ALA D 416 12.68 -2.28 12.33
C ALA D 416 12.50 -2.96 10.98
N PRO D 417 12.77 -4.24 10.80
CA PRO D 417 12.61 -4.83 9.48
C PRO D 417 11.21 -4.78 8.96
N TYR D 418 10.20 -4.71 9.82
CA TYR D 418 8.85 -4.71 9.30
C TYR D 418 8.39 -3.32 8.91
N PHE D 419 8.74 -2.31 9.68
CA PHE D 419 8.54 -0.96 9.18
C PHE D 419 9.29 -0.78 7.88
N TRP D 420 10.46 -1.38 7.76
CA TRP D 420 11.23 -1.20 6.55
C TRP D 420 10.59 -1.91 5.37
N MET D 421 10.21 -3.17 5.54
CA MET D 421 9.56 -3.89 4.46
C MET D 421 8.26 -3.22 4.06
N GLN D 422 7.52 -2.67 5.01
CA GLN D 422 6.26 -2.07 4.62
C GLN D 422 6.43 -0.69 4.03
N GLY D 423 7.38 0.09 4.50
CA GLY D 423 7.70 1.32 3.79
C GLY D 423 8.13 1.03 2.38
N MET D 424 8.98 0.04 2.20
CA MET D 424 9.46 -0.25 0.86
C MET D 424 8.34 -0.78 -0.01
N PHE D 425 7.37 -1.48 0.57
CA PHE D 425 6.22 -1.88 -0.22
C PHE D 425 5.35 -0.69 -0.60
N MET D 426 4.91 0.08 0.39
CA MET D 426 4.04 1.22 0.14
C MET D 426 4.69 2.24 -0.78
N PHE D 427 6.01 2.22 -0.93
CA PHE D 427 6.72 3.18 -1.75
C PHE D 427 7.10 2.62 -3.11
N SER D 428 7.73 1.46 -3.14
CA SER D 428 8.06 0.83 -4.40
C SER D 428 6.81 0.49 -5.18
N TYR D 429 5.69 0.20 -4.53
CA TYR D 429 4.50 -0.12 -5.29
C TYR D 429 4.02 1.08 -6.07
N ALA D 430 3.83 2.21 -5.37
CA ALA D 430 3.39 3.42 -6.04
C ALA D 430 4.36 3.82 -7.11
N MET D 431 5.66 3.74 -6.83
CA MET D 431 6.61 4.19 -7.84
C MET D 431 6.67 3.25 -9.03
N MET D 432 6.57 1.95 -8.81
CA MET D 432 6.62 1.03 -9.93
C MET D 432 5.41 1.21 -10.84
N VAL D 433 4.22 1.31 -10.26
CA VAL D 433 3.05 1.51 -11.10
C VAL D 433 3.14 2.86 -11.79
N GLY D 434 3.59 3.89 -11.08
CA GLY D 434 3.68 5.19 -11.70
C GLY D 434 4.82 5.33 -12.66
N GLY D 435 5.72 4.37 -12.71
CA GLY D 435 6.79 4.46 -13.67
C GLY D 435 6.48 3.63 -14.87
N VAL D 436 5.64 2.62 -14.69
CA VAL D 436 5.22 1.85 -15.85
C VAL D 436 4.13 2.57 -16.61
N VAL D 437 3.09 3.05 -15.93
CA VAL D 437 1.92 3.51 -16.66
C VAL D 437 2.03 4.97 -17.07
N VAL D 438 2.65 5.84 -16.27
CA VAL D 438 2.73 7.24 -16.64
C VAL D 438 4.17 7.72 -16.74
N GLY D 439 5.11 6.80 -16.92
CA GLY D 439 6.48 7.17 -17.21
C GLY D 439 7.17 8.07 -16.22
N PHE D 440 6.79 8.00 -14.96
CA PHE D 440 7.33 8.90 -13.94
C PHE D 440 8.84 8.73 -13.90
N PRO D 441 9.61 9.69 -14.38
CA PRO D 441 11.01 9.42 -14.70
C PRO D 441 11.87 9.41 -13.45
N ARG D 442 13.12 9.06 -13.66
CA ARG D 442 14.06 8.79 -12.59
C ARG D 442 15.16 9.82 -12.62
N ARG D 443 15.67 10.20 -11.46
CA ARG D 443 16.61 11.30 -11.34
C ARG D 443 15.98 12.57 -11.90
N THR D 444 14.89 13.00 -11.32
CA THR D 444 14.30 14.25 -11.72
C THR D 444 13.60 14.89 -10.55
N ASN D 445 13.85 16.17 -10.34
CA ASN D 445 13.30 16.87 -9.19
C ASN D 445 11.80 16.73 -9.15
N ALA D 446 11.15 16.84 -10.30
CA ALA D 446 9.80 16.33 -10.51
C ALA D 446 8.82 16.78 -9.46
N GLY D 447 9.19 17.75 -8.64
CA GLY D 447 8.29 18.22 -7.65
C GLY D 447 8.30 19.72 -7.71
N LEU D 448 9.30 20.23 -8.41
CA LEU D 448 9.39 21.66 -8.68
C LEU D 448 8.71 22.02 -9.99
N THR D 449 8.81 21.19 -11.02
CA THR D 449 8.11 21.47 -12.26
C THR D 449 7.06 20.43 -12.60
N TYR D 450 7.44 19.17 -12.78
CA TYR D 450 6.49 18.18 -13.28
C TYR D 450 5.36 17.92 -12.31
N LEU D 451 5.34 18.60 -11.17
CA LEU D 451 4.25 18.44 -10.24
C LEU D 451 3.88 19.77 -9.61
N ASN D 452 4.32 20.87 -10.19
CA ASN D 452 3.96 22.20 -9.72
C ASN D 452 2.68 22.59 -10.42
N PRO D 453 1.55 22.66 -9.73
CA PRO D 453 0.28 22.82 -10.44
C PRO D 453 0.19 24.18 -11.09
N ASP D 454 1.29 24.90 -11.08
CA ASP D 454 1.38 26.19 -11.73
C ASP D 454 2.37 26.22 -12.88
N SER D 455 3.38 25.37 -12.86
CA SER D 455 4.41 25.45 -13.88
C SER D 455 3.84 25.00 -15.22
N PRO D 456 4.27 25.61 -16.33
CA PRO D 456 3.77 25.18 -17.64
C PRO D 456 4.19 23.78 -18.03
N LEU D 457 4.97 23.09 -17.19
CA LEU D 457 5.29 21.68 -17.39
C LEU D 457 4.62 20.95 -16.25
N TYR D 458 3.33 20.71 -16.37
CA TYR D 458 2.66 20.22 -15.18
C TYR D 458 2.53 18.70 -15.17
N ARG D 459 2.00 18.12 -16.21
CA ARG D 459 1.79 16.68 -16.22
C ARG D 459 0.99 16.24 -15.01
N PRO D 460 -0.32 16.48 -14.97
CA PRO D 460 -1.07 16.19 -13.75
C PRO D 460 -1.05 14.73 -13.37
N GLU D 461 -1.09 13.81 -14.34
CA GLU D 461 -1.35 12.42 -14.01
C GLU D 461 -0.35 11.85 -13.02
N TRP D 462 0.77 12.52 -12.80
CA TRP D 462 1.81 11.97 -11.94
C TRP D 462 1.59 12.26 -10.47
N THR D 463 0.66 13.12 -10.10
CA THR D 463 0.58 13.51 -8.71
C THR D 463 0.13 12.36 -7.83
N GLY D 464 -0.77 11.53 -8.32
CA GLY D 464 -1.23 10.42 -7.52
C GLY D 464 -0.10 9.52 -7.09
N TYR D 465 0.61 8.98 -8.07
CA TYR D 465 1.70 8.04 -7.81
C TYR D 465 2.84 8.67 -7.06
N ALA D 466 2.88 9.99 -6.96
CA ALA D 466 3.98 10.62 -6.25
C ALA D 466 3.58 11.07 -4.86
N GLN D 467 2.29 11.22 -4.59
CA GLN D 467 1.81 11.54 -3.26
C GLN D 467 1.33 10.32 -2.48
N LEU D 468 1.29 9.16 -3.12
CA LEU D 468 1.06 7.90 -2.43
C LEU D 468 2.35 7.16 -2.14
N ALA D 469 3.50 7.82 -2.30
CA ALA D 469 4.78 7.25 -1.92
C ALA D 469 5.42 7.96 -0.75
N ALA D 470 5.01 9.19 -0.47
CA ALA D 470 5.49 9.88 0.72
C ALA D 470 5.26 9.05 1.96
N VAL D 471 4.20 8.24 2.00
CA VAL D 471 4.01 7.46 3.21
C VAL D 471 5.02 6.34 3.28
N GLY D 472 5.43 5.78 2.15
CA GLY D 472 6.50 4.82 2.18
C GLY D 472 7.79 5.46 2.66
N GLY D 473 8.06 6.66 2.20
CA GLY D 473 9.24 7.36 2.66
C GLY D 473 9.24 7.55 4.15
N VAL D 474 8.13 8.05 4.69
CA VAL D 474 8.01 8.25 6.13
C VAL D 474 8.17 6.93 6.87
N LEU D 475 7.50 5.89 6.37
CA LEU D 475 7.41 4.65 7.10
C LEU D 475 8.77 3.99 7.18
N LEU D 476 9.55 4.03 6.12
CA LEU D 476 10.88 3.45 6.24
C LEU D 476 11.87 4.41 6.87
N ALA D 477 11.57 5.70 6.95
CA ALA D 477 12.39 6.55 7.82
C ALA D 477 12.26 6.11 9.26
N ILE D 478 11.03 5.82 9.69
CA ILE D 478 10.83 5.30 11.04
C ILE D 478 11.47 3.93 11.18
N GLY D 479 11.35 3.10 10.14
CA GLY D 479 11.94 1.79 10.21
C GLY D 479 13.45 1.80 10.30
N PHE D 480 14.09 2.79 9.71
CA PHE D 480 15.52 2.88 9.90
C PHE D 480 15.89 3.55 11.20
N ALA D 481 15.10 4.52 11.65
CA ALA D 481 15.40 5.14 12.94
C ALA D 481 15.35 4.12 14.06
N PHE D 482 14.45 3.14 13.95
CA PHE D 482 14.40 2.08 14.93
C PHE D 482 15.72 1.32 15.00
N TYR D 483 16.14 0.75 13.87
CA TYR D 483 17.39 0.02 13.86
C TYR D 483 18.54 0.87 14.31
N PHE D 484 18.51 2.15 13.99
CA PHE D 484 19.63 3.00 14.36
C PHE D 484 19.68 3.26 15.85
N ALA D 485 18.52 3.50 16.47
CA ALA D 485 18.48 3.56 17.92
C ALA D 485 19.01 2.28 18.52
N SER D 486 18.62 1.14 17.96
CA SER D 486 19.09 -0.13 18.50
C SER D 486 20.59 -0.29 18.36
N LEU D 487 21.14 0.10 17.21
CA LEU D 487 22.58 -0.01 17.00
C LEU D 487 23.35 0.93 17.92
N ILE D 488 22.88 2.17 18.09
CA ILE D 488 23.60 3.09 18.94
C ILE D 488 23.54 2.64 20.39
N ALA D 489 22.38 2.18 20.83
CA ALA D 489 22.28 1.67 22.19
C ALA D 489 23.12 0.42 22.37
N THR D 490 23.31 -0.37 21.32
CA THR D 490 24.13 -1.56 21.44
C THR D 490 25.60 -1.21 21.49
N ALA D 491 26.03 -0.32 20.61
CA ALA D 491 27.43 0.08 20.60
C ALA D 491 27.80 0.75 21.91
N LEU D 492 26.90 1.57 22.45
CA LEU D 492 27.26 2.41 23.60
C LEU D 492 27.62 1.58 24.82
N ALA D 493 26.68 0.83 25.34
CA ALA D 493 26.99 0.26 26.65
C ALA D 493 26.06 -0.89 27.00
N PRO D 494 26.34 -1.64 28.07
CA PRO D 494 27.58 -1.76 28.86
C PRO D 494 28.25 -3.09 28.67
N LYS D 495 29.57 -3.16 28.81
CA LYS D 495 30.26 -4.42 28.59
C LYS D 495 29.96 -5.40 29.70
N VAL D 496 29.57 -6.62 29.32
CA VAL D 496 29.16 -7.62 30.31
C VAL D 496 30.08 -8.82 30.30
N ARG D 497 30.67 -9.14 29.15
CA ARG D 497 31.45 -10.36 29.04
C ARG D 497 32.57 -10.18 28.02
N GLU D 498 33.30 -11.27 27.79
CA GLU D 498 34.45 -11.23 26.91
C GLU D 498 34.04 -10.94 25.48
N SER D 499 34.79 -10.05 24.84
CA SER D 499 34.51 -9.63 23.48
C SER D 499 35.07 -10.66 22.51
N THR D 500 34.22 -11.56 22.04
CA THR D 500 34.61 -12.62 21.12
C THR D 500 34.11 -12.32 19.72
N LEU D 501 34.42 -13.20 18.79
CA LEU D 501 34.07 -13.00 17.40
C LEU D 501 33.18 -14.11 16.87
N GLU D 502 32.20 -14.51 17.69
CA GLU D 502 31.39 -15.65 17.32
C GLU D 502 30.52 -15.34 16.11
N PHE D 503 29.88 -16.38 15.61
CA PHE D 503 28.97 -16.35 14.48
C PHE D 503 28.22 -17.67 14.49
N PRO D 504 26.92 -17.68 14.41
CA PRO D 504 26.20 -18.94 14.26
C PRO D 504 26.36 -19.42 12.83
N ILE D 505 27.20 -20.43 12.64
CA ILE D 505 27.44 -20.98 11.31
C ILE D 505 26.79 -22.34 11.21
N ALA D 506 25.75 -22.45 10.39
CA ALA D 506 25.11 -23.73 10.14
C ALA D 506 26.02 -24.60 9.29
N ASP D 507 25.69 -25.88 9.21
CA ASP D 507 26.66 -26.80 8.60
C ASP D 507 25.95 -27.97 7.90
N ALA D 508 25.68 -27.78 6.62
CA ALA D 508 25.84 -28.82 5.62
C ALA D 508 25.02 -30.09 5.94
N TYR D 509 23.71 -29.97 5.75
CA TYR D 509 22.92 -31.20 5.79
C TYR D 509 23.46 -32.20 4.79
N HIS D 510 23.33 -31.89 3.50
CA HIS D 510 23.93 -32.72 2.45
C HIS D 510 25.30 -32.16 2.13
N ASP D 511 26.34 -32.84 2.59
CA ASP D 511 27.70 -32.40 2.35
C ASP D 511 28.33 -33.24 1.24
N ALA D 512 29.22 -32.62 0.48
CA ALA D 512 29.90 -33.35 -0.58
C ALA D 512 31.26 -32.73 -0.79
N PRO D 513 32.28 -33.53 -1.06
CA PRO D 513 33.63 -33.00 -1.28
C PRO D 513 33.87 -32.57 -2.72
N ALA D 514 32.80 -32.31 -3.48
CA ALA D 514 32.82 -32.06 -4.92
C ALA D 514 33.99 -31.20 -5.35
N PRO D 515 34.93 -31.76 -6.11
CA PRO D 515 36.12 -31.00 -6.54
C PRO D 515 36.03 -30.36 -7.91
N LEU D 516 34.96 -30.57 -8.67
CA LEU D 516 34.78 -29.81 -9.90
C LEU D 516 34.65 -28.33 -9.59
N LEU D 517 33.72 -27.98 -8.72
CA LEU D 517 33.73 -26.72 -7.98
C LEU D 517 34.67 -26.89 -6.80
N ASN D 518 34.61 -25.99 -5.82
CA ASN D 518 35.63 -25.93 -4.75
C ASN D 518 36.97 -25.56 -5.35
N ASN D 519 37.00 -25.33 -6.65
CA ASN D 519 38.22 -25.12 -7.43
C ASN D 519 38.08 -23.74 -8.03
N LEU D 520 38.54 -22.72 -7.30
CA LEU D 520 38.34 -21.37 -7.78
C LEU D 520 39.26 -21.06 -8.94
N LYS D 521 40.46 -21.61 -8.93
CA LYS D 521 41.21 -21.74 -10.16
C LYS D 521 40.43 -22.64 -11.11
N THR D 522 40.53 -22.37 -12.41
CA THR D 522 39.76 -23.05 -13.44
C THR D 522 38.27 -22.78 -13.35
N TRP D 523 37.86 -21.88 -12.48
CA TRP D 523 36.57 -21.21 -12.55
C TRP D 523 36.72 -19.70 -12.56
N THR D 524 37.69 -19.16 -11.84
CA THR D 524 38.08 -17.78 -12.05
C THR D 524 38.53 -17.56 -13.47
N VAL D 525 39.31 -18.48 -14.02
CA VAL D 525 39.74 -18.35 -15.41
C VAL D 525 38.54 -18.35 -16.34
N ALA D 526 37.54 -19.16 -16.05
CA ALA D 526 36.32 -19.13 -16.84
C ALA D 526 35.67 -17.76 -16.74
N ALA D 527 35.55 -17.24 -15.53
CA ALA D 527 34.90 -15.95 -15.35
C ALA D 527 35.67 -14.82 -16.02
N ILE D 528 36.97 -14.97 -16.18
CA ILE D 528 37.75 -13.93 -16.83
C ILE D 528 37.75 -14.08 -18.34
N ILE D 529 37.74 -15.31 -18.86
CA ILE D 529 37.72 -15.47 -20.31
C ILE D 529 36.35 -15.13 -20.86
N LEU D 530 35.29 -15.67 -20.26
CA LEU D 530 34.01 -15.02 -20.41
C LEU D 530 34.11 -13.64 -19.79
N ALA D 531 33.22 -12.75 -20.20
CA ALA D 531 33.22 -11.34 -19.81
C ALA D 531 34.36 -10.58 -20.44
N VAL D 532 35.23 -11.24 -21.17
CA VAL D 532 36.05 -10.62 -22.19
C VAL D 532 35.57 -11.02 -23.57
N LEU D 533 35.29 -12.30 -23.75
CA LEU D 533 34.61 -12.74 -24.96
C LEU D 533 33.20 -12.23 -25.05
N SER D 534 32.77 -11.43 -24.08
CA SER D 534 31.45 -10.81 -24.12
C SER D 534 31.51 -9.31 -23.99
N TYR D 535 32.69 -8.72 -23.99
CA TYR D 535 32.88 -7.29 -24.09
C TYR D 535 33.74 -6.85 -25.24
N ILE D 536 34.41 -7.77 -25.93
CA ILE D 536 35.04 -7.40 -27.20
C ILE D 536 34.06 -6.67 -28.12
N PRO D 537 32.84 -7.14 -28.34
CA PRO D 537 31.96 -6.44 -29.28
C PRO D 537 31.56 -5.06 -28.78
N PRO D 538 30.98 -4.92 -27.58
CA PRO D 538 30.54 -3.59 -27.17
C PRO D 538 31.67 -2.63 -26.96
N LEU D 539 32.87 -3.10 -26.63
CA LEU D 539 34.01 -2.20 -26.54
C LEU D 539 34.64 -1.94 -27.90
N TYR D 540 34.40 -2.79 -28.89
CA TYR D 540 34.75 -2.40 -30.25
C TYR D 540 33.86 -1.26 -30.69
N ASP D 541 32.55 -1.41 -30.49
CA ASP D 541 31.69 -0.24 -30.52
C ASP D 541 32.10 0.69 -29.39
N ALA D 542 31.53 1.89 -29.40
CA ALA D 542 31.76 2.83 -28.33
C ALA D 542 33.22 3.29 -28.30
N SER D 543 34.04 2.66 -29.13
CA SER D 543 35.42 3.05 -29.33
C SER D 543 35.71 3.37 -30.78
N VAL D 544 35.33 2.48 -31.69
CA VAL D 544 35.20 2.80 -33.10
C VAL D 544 33.83 2.29 -33.51
N ARG D 545 33.37 2.72 -34.67
CA ARG D 545 32.09 2.27 -35.20
C ARG D 545 30.92 2.71 -34.35
N GLY D 546 31.16 3.39 -33.23
CA GLY D 546 30.08 3.79 -32.35
C GLY D 546 29.94 5.28 -32.14
N VAL D 547 31.04 6.02 -32.23
CA VAL D 547 31.00 7.45 -32.02
C VAL D 547 31.62 8.16 -33.22
N PHE D 548 31.32 9.45 -33.35
CA PHE D 548 31.77 10.25 -34.47
C PHE D 548 32.55 11.48 -34.04
N PHE D 549 32.71 11.70 -32.73
CA PHE D 549 33.61 12.70 -32.18
C PHE D 549 33.58 12.57 -30.67
N LYS D 550 34.53 13.21 -30.03
CA LYS D 550 34.66 13.16 -28.59
C LYS D 550 34.21 14.49 -27.99
N SER D 551 33.77 14.43 -26.75
CA SER D 551 33.01 15.50 -26.12
C SER D 551 33.78 16.16 -24.99
N PRO D 552 33.77 17.47 -24.91
CA PRO D 552 34.41 18.15 -23.78
C PRO D 552 33.61 17.92 -22.50
N ALA D 553 34.02 18.53 -21.41
CA ALA D 553 33.44 18.27 -20.10
C ALA D 553 32.54 19.41 -19.69
N TYR D 554 31.33 19.09 -19.26
CA TYR D 554 30.35 20.08 -18.86
C TYR D 554 30.09 19.98 -17.36
N ASN D 555 30.19 21.10 -16.68
CA ASN D 555 29.73 21.18 -15.31
C ASN D 555 28.21 21.05 -15.28
N GLU D 556 27.67 20.78 -14.10
CA GLU D 556 26.26 20.53 -13.99
C GLU D 556 25.41 21.79 -14.04
N LYS D 557 26.01 22.97 -14.01
CA LYS D 557 25.25 24.22 -13.95
C LYS D 557 25.57 25.15 -15.10
N PHE D 558 26.08 24.65 -16.20
CA PHE D 558 26.57 25.52 -17.25
C PHE D 558 26.67 24.77 -18.56
N PRO D 559 26.06 25.23 -19.61
CA PRO D 559 26.36 24.66 -20.94
C PRO D 559 27.72 25.10 -21.47
N MET D 560 28.77 24.36 -21.11
CA MET D 560 30.14 24.59 -21.60
C MET D 560 30.29 24.24 -23.06
N GLY D 567 39.80 2.96 -27.94
CA GLY D 567 41.04 2.60 -28.59
C GLY D 567 42.00 1.96 -27.62
N ALA D 568 43.19 2.55 -27.49
CA ALA D 568 44.13 2.08 -26.47
C ALA D 568 43.49 2.10 -25.09
N GLU D 569 42.66 3.10 -24.83
CA GLU D 569 41.89 3.21 -23.59
C GLU D 569 40.93 2.06 -23.37
N LYS D 570 40.76 1.18 -24.37
CA LYS D 570 40.05 -0.09 -24.23
C LYS D 570 41.00 -1.27 -24.18
N LYS D 571 41.87 -1.39 -25.19
CA LYS D 571 42.83 -2.48 -25.21
C LYS D 571 43.59 -2.57 -23.90
N GLU D 572 43.74 -1.46 -23.19
CA GLU D 572 44.40 -1.53 -21.91
C GLU D 572 43.60 -2.35 -20.92
N GLU D 573 42.30 -2.10 -20.83
CA GLU D 573 41.53 -2.88 -19.85
C GLU D 573 41.36 -4.31 -20.32
N LYS D 574 41.40 -4.53 -21.63
CA LYS D 574 41.32 -5.91 -22.14
C LYS D 574 42.56 -6.70 -21.77
N LYS D 575 43.73 -6.22 -22.18
CA LYS D 575 44.99 -6.82 -21.81
C LYS D 575 45.32 -6.62 -20.36
N GLU D 576 44.43 -6.03 -19.58
CA GLU D 576 44.56 -6.02 -18.13
C GLU D 576 43.75 -7.13 -17.49
N LEU D 577 42.48 -7.28 -17.87
CA LEU D 577 41.71 -8.43 -17.42
C LEU D 577 42.40 -9.73 -17.79
N SER D 578 42.70 -9.90 -19.08
CA SER D 578 43.24 -11.18 -19.52
C SER D 578 44.59 -11.46 -18.89
N LYS D 579 45.18 -10.47 -18.23
CA LYS D 579 46.44 -10.73 -17.55
C LYS D 579 46.25 -10.81 -16.04
N ALA D 580 45.06 -10.47 -15.55
CA ALA D 580 44.73 -10.75 -14.16
C ALA D 580 44.69 -12.25 -13.88
N GLU D 581 44.85 -13.07 -14.93
CA GLU D 581 44.81 -14.52 -14.74
C GLU D 581 46.06 -15.04 -14.06
N GLY D 582 47.24 -14.56 -14.46
CA GLY D 582 48.43 -14.90 -13.70
C GLY D 582 48.27 -14.58 -12.23
N GLY D 583 47.73 -13.40 -11.92
CA GLY D 583 47.49 -13.03 -10.55
C GLY D 583 46.59 -13.99 -9.81
N ILE D 584 45.38 -14.20 -10.33
CA ILE D 584 44.41 -15.03 -9.61
C ILE D 584 44.70 -16.52 -9.76
N THR D 585 45.70 -16.91 -10.55
CA THR D 585 46.11 -18.30 -10.57
C THR D 585 47.24 -18.59 -9.59
N GLN D 586 48.28 -17.76 -9.56
CA GLN D 586 49.25 -17.89 -8.50
C GLN D 586 48.58 -17.73 -7.14
N LYS D 587 47.55 -16.89 -7.08
CA LYS D 587 46.70 -16.78 -5.90
C LYS D 587 47.49 -16.27 -4.72
N PHE E 1 14.71 -37.21 3.94
CA PHE E 1 14.00 -35.93 4.01
C PHE E 1 13.84 -35.29 2.66
N PHE E 2 12.59 -35.00 2.28
CA PHE E 2 12.28 -34.47 0.97
C PHE E 2 11.73 -33.06 1.11
N PRO E 3 12.42 -32.04 0.63
CA PRO E 3 11.93 -30.66 0.84
C PRO E 3 10.67 -30.40 0.07
N SER E 4 9.57 -30.99 0.54
CA SER E 4 8.29 -30.90 -0.14
C SER E 4 7.66 -29.52 -0.03
N GLY E 5 8.21 -28.62 0.76
CA GLY E 5 7.60 -27.33 0.90
C GLY E 5 8.12 -26.31 -0.08
N THR E 6 9.43 -26.33 -0.31
CA THR E 6 10.01 -25.34 -1.21
C THR E 6 9.56 -25.56 -2.65
N ILE E 7 9.27 -26.79 -3.03
CA ILE E 7 8.78 -27.03 -4.38
C ILE E 7 7.46 -26.30 -4.60
N ALA E 8 6.58 -26.35 -3.62
CA ALA E 8 5.33 -25.60 -3.74
C ALA E 8 5.56 -24.10 -3.61
N PHE E 9 6.53 -23.70 -2.81
CA PHE E 9 6.86 -22.28 -2.74
C PHE E 9 7.39 -21.79 -4.09
N PHE E 10 8.18 -22.59 -4.78
CA PHE E 10 8.57 -22.23 -6.13
C PHE E 10 7.37 -22.13 -7.04
N ILE E 11 6.53 -23.16 -7.06
CA ILE E 11 5.35 -23.12 -7.91
C ILE E 11 4.63 -21.79 -7.67
N PHE E 12 4.68 -21.28 -6.44
CA PHE E 12 4.10 -19.95 -6.18
C PHE E 12 4.95 -18.85 -6.78
N MET E 13 6.25 -18.89 -6.58
CA MET E 13 7.13 -18.10 -7.42
C MET E 13 6.90 -18.49 -8.88
N MET E 14 7.41 -17.67 -9.78
CA MET E 14 7.44 -18.01 -11.20
C MET E 14 6.05 -18.34 -11.74
N VAL E 15 5.05 -18.29 -10.87
CA VAL E 15 3.69 -17.92 -11.24
C VAL E 15 3.30 -16.59 -10.64
N PHE E 16 4.09 -16.07 -9.70
CA PHE E 16 4.03 -14.64 -9.42
C PHE E 16 4.85 -13.87 -10.43
N TYR E 17 6.07 -14.33 -10.67
CA TYR E 17 6.76 -14.01 -11.91
C TYR E 17 5.86 -14.57 -12.99
N ALA E 18 6.11 -14.28 -14.26
CA ALA E 18 5.24 -14.78 -15.31
C ALA E 18 3.80 -14.35 -15.12
N VAL E 19 3.54 -13.48 -14.14
CA VAL E 19 2.36 -12.65 -14.08
C VAL E 19 2.74 -11.18 -14.01
N LEU E 20 3.65 -10.83 -13.09
CA LEU E 20 4.23 -9.49 -13.12
C LEU E 20 4.94 -9.24 -14.44
N TRP E 21 5.79 -10.18 -14.84
CA TRP E 21 6.49 -10.02 -16.10
C TRP E 21 5.51 -9.93 -17.25
N PHE E 22 4.44 -10.71 -17.22
CA PHE E 22 3.53 -10.67 -18.36
C PHE E 22 2.72 -9.40 -18.38
N MET E 23 2.46 -8.79 -17.22
CA MET E 23 1.80 -7.49 -17.23
C MET E 23 2.70 -6.44 -17.86
N ILE E 24 3.98 -6.42 -17.50
CA ILE E 24 4.82 -5.39 -18.11
C ILE E 24 5.06 -5.70 -19.57
N TYR E 25 5.13 -6.97 -19.95
CA TYR E 25 5.23 -7.31 -21.36
C TYR E 25 4.01 -6.86 -22.12
N TRP E 26 2.84 -6.99 -21.54
CA TRP E 26 1.66 -6.55 -22.25
C TRP E 26 1.60 -5.03 -22.33
N VAL E 27 2.17 -4.34 -21.35
CA VAL E 27 2.35 -2.89 -21.52
C VAL E 27 3.27 -2.60 -22.68
N LEU E 28 4.29 -3.45 -22.86
CA LEU E 28 5.19 -3.26 -23.99
C LEU E 28 4.43 -3.37 -25.30
N LEU E 29 3.64 -4.43 -25.45
CA LEU E 29 2.93 -4.61 -26.71
C LEU E 29 1.87 -3.55 -26.92
N GLU E 30 1.14 -3.19 -25.88
CA GLU E 30 0.05 -2.22 -25.98
C GLU E 30 0.53 -0.81 -26.30
N ARG E 31 1.83 -0.59 -26.37
CA ARG E 31 2.39 0.73 -26.60
C ARG E 31 2.89 0.83 -28.04
N GLY E 32 2.15 1.56 -28.87
CA GLY E 32 2.59 1.84 -30.21
C GLY E 32 2.68 3.33 -30.48
N ARG F 1 16.09 -35.71 -7.52
CA ARG F 1 15.93 -35.03 -6.23
C ARG F 1 14.79 -34.06 -6.28
N ALA F 2 14.91 -33.02 -5.47
CA ALA F 2 14.03 -31.86 -5.53
C ALA F 2 14.71 -30.64 -6.12
N GLU F 3 16.04 -30.54 -5.99
CA GLU F 3 16.74 -29.44 -6.63
C GLU F 3 16.56 -29.50 -8.14
N LYS F 4 16.49 -30.70 -8.71
CA LYS F 4 16.24 -30.81 -10.14
C LYS F 4 14.86 -30.31 -10.50
N THR F 5 13.88 -30.50 -9.64
CA THR F 5 12.54 -29.99 -9.92
C THR F 5 12.51 -28.48 -9.83
N GLY F 6 13.11 -27.92 -8.80
CA GLY F 6 13.22 -26.47 -8.73
C GLY F 6 13.95 -25.91 -9.93
N LEU F 7 14.99 -26.61 -10.40
CA LEU F 7 15.80 -26.09 -11.49
C LEU F 7 15.08 -26.21 -12.82
N THR F 8 14.33 -27.29 -13.04
CA THR F 8 13.59 -27.35 -14.29
C THR F 8 12.45 -26.35 -14.28
N LEU F 9 11.91 -26.02 -13.11
CA LEU F 9 10.90 -24.98 -13.04
C LEU F 9 11.50 -23.62 -13.39
N ALA F 10 12.61 -23.26 -12.76
CA ALA F 10 13.26 -21.99 -13.08
C ALA F 10 13.66 -21.94 -14.55
N LEU F 11 14.12 -23.07 -15.09
CA LEU F 11 14.56 -23.07 -16.47
C LEU F 11 13.40 -22.92 -17.43
N ILE F 12 12.29 -23.62 -17.21
CA ILE F 12 11.15 -23.45 -18.11
C ILE F 12 10.62 -22.02 -18.01
N LEU F 13 10.67 -21.44 -16.81
CA LEU F 13 10.26 -20.06 -16.65
C LEU F 13 11.11 -19.14 -17.52
N LEU F 14 12.42 -19.13 -17.29
CA LEU F 14 13.29 -18.19 -17.98
C LEU F 14 13.34 -18.47 -19.48
N LEU F 15 13.25 -19.72 -19.91
CA LEU F 15 13.18 -20.00 -21.34
C LEU F 15 11.91 -19.42 -21.93
N THR F 16 10.79 -19.46 -21.20
CA THR F 16 9.57 -18.86 -21.73
C THR F 16 9.72 -17.35 -21.84
N PHE F 17 10.23 -16.72 -20.78
CA PHE F 17 10.50 -15.29 -20.80
C PHE F 17 11.32 -14.90 -22.01
N PHE F 18 12.40 -15.64 -22.25
CA PHE F 18 13.33 -15.27 -23.31
C PHE F 18 12.78 -15.56 -24.68
N SER F 19 12.12 -16.70 -24.86
CA SER F 19 11.50 -16.97 -26.15
C SER F 19 10.52 -15.87 -26.50
N LEU F 20 9.77 -15.36 -25.52
CA LEU F 20 8.84 -14.29 -25.84
C LEU F 20 9.54 -12.97 -26.14
N ILE F 21 10.59 -12.62 -25.40
CA ILE F 21 11.19 -11.32 -25.72
C ILE F 21 11.87 -11.39 -27.08
N VAL F 22 12.45 -12.52 -27.44
CA VAL F 22 13.03 -12.61 -28.77
C VAL F 22 11.95 -12.65 -29.83
N TYR F 23 10.79 -13.26 -29.53
CA TYR F 23 9.69 -13.21 -30.46
C TYR F 23 9.23 -11.79 -30.70
N ALA F 24 8.98 -11.04 -29.63
CA ALA F 24 8.53 -9.66 -29.81
C ALA F 24 9.59 -8.80 -30.47
N ALA F 25 10.86 -9.13 -30.30
CA ALA F 25 11.90 -8.33 -30.90
C ALA F 25 12.14 -8.67 -32.36
N LYS F 26 11.78 -9.88 -32.80
CA LYS F 26 11.97 -10.25 -34.19
C LYS F 26 10.68 -10.12 -34.99
N GLY F 27 9.64 -10.85 -34.61
CA GLY F 27 8.34 -10.59 -35.16
C GLY F 27 7.69 -9.42 -34.47
N LEU F 28 6.76 -8.77 -35.16
CA LEU F 28 6.19 -7.50 -34.74
C LEU F 28 7.29 -6.57 -34.20
N LYS F 29 8.22 -6.24 -35.08
CA LYS F 29 9.50 -5.70 -34.66
C LYS F 29 9.38 -4.53 -33.72
N ILE F 30 9.74 -4.74 -32.46
CA ILE F 30 9.94 -3.62 -31.53
C ILE F 30 11.42 -3.55 -31.25
N ASP F 31 12.15 -2.89 -32.14
CA ASP F 31 13.59 -3.04 -32.14
C ASP F 31 14.19 -2.06 -31.15
N ILE F 32 15.03 -2.58 -30.26
CA ILE F 32 15.74 -1.74 -29.31
C ILE F 32 16.69 -0.88 -30.14
N PRO F 33 17.08 0.31 -29.70
CA PRO F 33 17.92 1.16 -30.54
C PRO F 33 19.29 0.56 -30.79
N THR F 34 19.65 0.46 -32.06
CA THR F 34 20.90 -0.13 -32.50
C THR F 34 21.82 0.94 -33.08
N CYS F 35 22.95 0.48 -33.61
CA CYS F 35 23.92 1.37 -34.21
C CYS F 35 23.48 1.70 -35.62
N VAL F 36 23.32 2.99 -35.91
CA VAL F 36 23.02 3.46 -37.25
C VAL F 36 24.09 4.47 -37.63
N THR F 37 24.54 4.41 -38.89
CA THR F 37 25.61 5.29 -39.33
C THR F 37 25.46 5.50 -40.84
N ASP F 38 25.03 6.69 -41.24
CA ASP F 38 25.17 7.11 -42.63
C ASP F 38 26.03 8.36 -42.76
N VAL F 39 25.57 9.51 -42.23
CA VAL F 39 26.43 10.68 -42.07
C VAL F 39 26.23 11.30 -40.69
N GLU F 40 24.99 11.68 -40.40
CA GLU F 40 24.54 12.07 -39.07
C GLU F 40 25.37 13.14 -38.35
N PRO F 41 25.53 14.34 -38.96
CA PRO F 41 26.07 15.48 -38.21
C PRO F 41 25.10 16.03 -37.17
N PHE F 42 23.87 16.32 -37.60
CA PHE F 42 22.74 16.43 -36.70
C PHE F 42 22.75 17.55 -35.66
N GLN F 43 22.54 18.83 -36.08
CA GLN F 43 21.97 19.85 -35.17
C GLN F 43 20.83 20.59 -35.86
N GLU F 44 19.64 20.01 -35.88
CA GLU F 44 18.57 20.47 -36.78
C GLU F 44 17.29 19.68 -36.49
N GLY F 45 16.30 19.85 -37.39
CA GLY F 45 15.64 18.71 -38.00
C GLY F 45 14.15 18.42 -37.93
N LYS F 46 13.49 18.38 -39.09
CA LYS F 46 12.27 17.61 -39.32
C LYS F 46 11.85 17.59 -40.78
N LEU F 47 11.58 16.42 -41.35
CA LEU F 47 11.25 16.32 -42.78
C LEU F 47 10.00 15.47 -42.99
N ILE F 48 9.11 15.98 -43.84
CA ILE F 48 7.87 15.29 -44.20
C ILE F 48 8.21 14.38 -45.37
N LYS F 49 8.71 13.19 -45.07
CA LYS F 49 9.42 12.39 -46.06
C LYS F 49 8.49 11.86 -47.15
N HIS F 50 7.53 11.02 -46.78
CA HIS F 50 6.57 10.45 -47.73
C HIS F 50 5.21 11.13 -47.65
N GLY F 51 5.17 12.37 -47.19
CA GLY F 51 3.93 13.10 -47.29
C GLY F 51 2.97 12.85 -46.15
N ASP F 52 2.04 11.92 -46.34
CA ASP F 52 0.93 11.79 -45.41
C ASP F 52 1.34 11.07 -44.13
N LYS F 53 2.08 9.97 -44.25
CA LYS F 53 2.36 9.15 -43.08
C LYS F 53 3.83 9.15 -42.71
N ARG F 54 4.72 8.75 -43.59
CA ARG F 54 6.12 8.62 -43.21
C ARG F 54 6.67 10.00 -42.88
N TYR F 55 7.57 10.05 -41.90
CA TYR F 55 8.25 11.28 -41.53
C TYR F 55 9.69 10.94 -41.20
N GLU F 56 10.46 11.96 -40.87
CA GLU F 56 11.79 11.76 -40.31
C GLU F 56 12.00 12.88 -39.30
N LEU F 57 12.06 12.51 -38.03
CA LEU F 57 12.14 13.45 -36.94
C LEU F 57 13.55 13.47 -36.41
N HIS F 58 14.08 14.66 -36.16
CA HIS F 58 15.45 14.81 -35.71
C HIS F 58 15.42 15.63 -34.42
N ILE F 59 15.23 14.97 -33.28
CA ILE F 59 15.04 15.70 -32.01
C ILE F 59 16.42 15.81 -31.37
N LEU F 60 17.18 16.79 -31.83
CA LEU F 60 18.40 17.14 -31.11
C LEU F 60 18.06 17.66 -29.73
N ALA F 61 18.81 17.22 -28.73
CA ALA F 61 18.52 17.52 -27.34
C ALA F 61 19.61 18.42 -26.79
N ARG F 62 19.44 19.72 -26.94
CA ARG F 62 20.38 20.65 -26.35
C ARG F 62 20.30 20.56 -24.85
N MET F 63 21.15 21.30 -24.15
CA MET F 63 21.11 21.25 -22.69
C MET F 63 19.90 22.03 -22.20
N TRP F 64 18.96 21.30 -21.59
CA TRP F 64 17.80 21.80 -20.88
C TRP F 64 16.69 22.29 -21.79
N TYR F 65 16.58 21.73 -22.99
CA TYR F 65 15.35 21.77 -23.77
C TYR F 65 15.55 20.95 -25.04
N PHE F 66 14.49 20.38 -25.59
CA PHE F 66 14.61 19.64 -26.82
C PHE F 66 14.46 20.56 -28.01
N ASP F 67 14.75 20.06 -29.19
CA ASP F 67 14.75 20.90 -30.39
C ASP F 67 14.10 20.12 -31.53
N PHE F 68 12.77 20.22 -31.63
CA PHE F 68 12.07 19.36 -32.57
C PHE F 68 12.07 19.92 -33.98
N ASN F 69 11.84 21.21 -34.10
CA ASN F 69 12.07 21.96 -35.34
C ASN F 69 13.11 23.00 -35.00
N LYS F 70 13.30 23.99 -35.87
CA LYS F 70 14.43 24.87 -35.66
C LYS F 70 14.25 25.72 -34.42
N GLY F 71 14.27 25.07 -33.25
CA GLY F 71 14.11 25.73 -31.97
C GLY F 71 12.67 25.82 -31.49
N ALA F 72 11.95 24.70 -31.51
CA ALA F 72 10.53 24.72 -31.18
C ALA F 72 10.23 23.50 -30.32
N THR F 73 10.19 23.71 -29.01
CA THR F 73 10.02 22.59 -28.07
C THR F 73 8.79 21.75 -28.34
N GLU F 74 7.86 22.21 -29.16
CA GLU F 74 6.68 21.41 -29.48
C GLU F 74 6.59 21.20 -30.98
N ILE F 75 5.72 20.28 -31.38
CA ILE F 75 5.62 19.89 -32.77
C ILE F 75 4.25 19.29 -32.99
N LYS F 76 3.74 19.41 -34.21
CA LYS F 76 2.43 18.90 -34.56
C LYS F 76 2.54 17.99 -35.77
N ILE F 77 1.89 16.84 -35.69
CA ILE F 77 2.09 15.76 -36.65
C ILE F 77 0.74 15.13 -36.97
N PRO F 78 0.43 14.84 -38.23
CA PRO F 78 -0.88 14.25 -38.54
C PRO F 78 -0.99 12.85 -37.97
N VAL F 79 -2.25 12.46 -37.68
CA VAL F 79 -2.51 11.21 -36.98
C VAL F 79 -2.17 10.03 -37.85
N GLY F 80 -1.88 8.90 -37.21
CA GLY F 80 -1.54 7.68 -37.89
C GLY F 80 -0.16 7.66 -38.49
N SER F 81 0.51 8.80 -38.57
CA SER F 81 1.80 8.87 -39.21
C SER F 81 2.79 7.92 -38.55
N VAL F 82 3.85 7.63 -39.27
CA VAL F 82 4.87 6.69 -38.83
C VAL F 82 6.21 7.39 -38.91
N VAL F 83 6.62 8.01 -37.82
CA VAL F 83 7.81 8.83 -37.85
C VAL F 83 9.04 7.93 -37.78
N ASP F 84 10.17 8.50 -38.19
CA ASP F 84 11.48 7.89 -38.07
C ASP F 84 12.27 8.82 -37.17
N ILE F 85 12.35 8.50 -35.89
CA ILE F 85 12.87 9.44 -34.91
C ILE F 85 14.36 9.18 -34.70
N PHE F 86 15.17 10.18 -34.99
CA PHE F 86 16.60 10.16 -34.70
C PHE F 86 16.88 11.12 -33.57
N THR F 87 17.73 10.73 -32.64
CA THR F 87 17.99 11.55 -31.46
C THR F 87 19.49 11.62 -31.22
N THR F 88 19.98 12.82 -30.93
CA THR F 88 21.42 13.01 -30.69
C THR F 88 21.60 14.25 -29.85
N SER F 89 22.20 14.12 -28.69
CA SER F 89 22.38 15.30 -27.89
C SER F 89 23.47 16.18 -28.47
N LYS F 90 23.51 17.41 -27.99
CA LYS F 90 24.57 18.33 -28.36
C LYS F 90 25.74 18.21 -27.40
N ASP F 91 25.50 18.14 -26.11
CA ASP F 91 26.57 18.24 -25.14
C ASP F 91 26.69 17.03 -24.22
N VAL F 92 25.64 16.66 -23.48
CA VAL F 92 25.81 15.62 -22.47
C VAL F 92 24.84 14.48 -22.73
N VAL F 93 24.90 13.45 -21.88
CA VAL F 93 24.06 12.27 -22.06
C VAL F 93 22.65 12.62 -21.64
N HIS F 94 21.70 12.47 -22.55
CA HIS F 94 20.36 12.99 -22.43
C HIS F 94 19.37 11.88 -22.66
N GLY F 95 18.40 11.74 -21.79
CA GLY F 95 17.34 10.80 -22.01
C GLY F 95 16.32 11.40 -22.95
N VAL F 96 15.68 10.55 -23.74
CA VAL F 96 14.57 10.95 -24.60
C VAL F 96 13.48 9.89 -24.40
N HIS F 97 12.57 10.15 -23.49
CA HIS F 97 11.42 9.29 -23.30
C HIS F 97 10.22 9.96 -23.93
N ILE F 98 9.47 9.22 -24.73
CA ILE F 98 8.29 9.76 -25.40
C ILE F 98 7.11 9.02 -24.81
N HIS F 99 6.38 9.69 -23.93
CA HIS F 99 5.64 8.96 -22.91
C HIS F 99 4.60 8.02 -23.49
N GLY F 100 3.91 8.42 -24.55
CA GLY F 100 2.86 7.57 -25.06
C GLY F 100 3.39 6.25 -25.56
N THR F 101 4.44 6.30 -26.36
CA THR F 101 5.00 5.17 -27.06
C THR F 101 6.15 4.56 -26.28
N ASN F 102 6.67 3.46 -26.76
CA ASN F 102 7.88 2.90 -26.19
C ASN F 102 9.07 3.33 -27.03
N TYR F 103 9.36 4.61 -26.91
CA TYR F 103 10.55 5.22 -27.46
C TYR F 103 11.34 5.75 -26.30
N ASN F 104 12.36 5.03 -25.89
CA ASN F 104 13.09 5.32 -24.66
C ASN F 104 14.55 5.17 -25.02
N VAL F 105 15.17 6.25 -25.46
CA VAL F 105 16.49 6.19 -26.06
C VAL F 105 17.36 7.23 -25.40
N MET F 106 18.65 6.96 -25.27
CA MET F 106 19.58 7.96 -24.78
C MET F 106 20.16 8.74 -25.94
N ALA F 107 20.42 10.00 -25.68
CA ALA F 107 21.01 10.86 -26.69
C ALA F 107 22.46 11.08 -26.27
N ILE F 108 23.33 10.19 -26.70
CA ILE F 108 24.73 10.29 -26.29
C ILE F 108 25.46 11.14 -27.30
N PRO F 109 26.28 12.10 -26.87
CA PRO F 109 26.95 13.02 -27.80
C PRO F 109 27.87 12.29 -28.77
N GLY F 110 27.60 12.46 -30.05
CA GLY F 110 28.33 11.73 -31.04
C GLY F 110 27.72 10.42 -31.45
N THR F 111 26.46 10.19 -31.11
CA THR F 111 25.73 8.99 -31.51
C THR F 111 24.36 9.41 -31.98
N VAL F 112 23.68 8.54 -32.72
CA VAL F 112 22.40 8.87 -33.35
C VAL F 112 21.43 7.73 -33.06
N GLY F 113 20.64 7.89 -31.99
CA GLY F 113 19.68 6.86 -31.64
C GLY F 113 18.56 6.81 -32.64
N TYR F 114 18.43 5.69 -33.32
CA TYR F 114 17.36 5.53 -34.30
C TYR F 114 16.27 4.67 -33.70
N MET F 115 15.04 5.08 -33.93
CA MET F 115 13.92 4.20 -33.64
C MET F 115 12.72 4.73 -34.40
N ARG F 116 11.83 3.82 -34.75
CA ARG F 116 10.78 4.10 -35.73
C ARG F 116 9.45 3.73 -35.11
N ILE F 117 8.69 4.73 -34.69
CA ILE F 117 7.41 4.52 -34.05
C ILE F 117 6.33 5.12 -34.91
N LYS F 118 5.10 4.71 -34.68
CA LYS F 118 3.97 5.31 -35.36
C LYS F 118 2.92 5.70 -34.34
N PHE F 119 2.34 6.88 -34.56
CA PHE F 119 1.46 7.51 -33.58
C PHE F 119 0.00 7.18 -33.94
N GLU F 120 -0.40 5.97 -33.56
CA GLU F 120 -1.71 5.46 -33.97
C GLU F 120 -2.84 6.26 -33.35
N LYS F 121 -2.75 6.57 -32.06
CA LYS F 121 -3.84 7.21 -31.34
C LYS F 121 -3.51 8.67 -31.12
N PRO F 122 -4.35 9.61 -31.53
CA PRO F 122 -4.03 11.02 -31.38
C PRO F 122 -3.97 11.45 -29.93
N GLY F 123 -3.61 12.70 -29.74
CA GLY F 123 -3.38 13.23 -28.42
C GLY F 123 -2.13 14.07 -28.38
N VAL F 124 -1.49 14.16 -27.22
CA VAL F 124 -0.22 14.85 -27.07
C VAL F 124 0.75 13.88 -26.42
N TYR F 125 1.97 13.84 -26.93
CA TYR F 125 2.97 12.86 -26.51
C TYR F 125 4.14 13.62 -25.93
N HIS F 126 4.22 13.73 -24.61
CA HIS F 126 5.26 14.52 -24.01
C HIS F 126 6.59 13.81 -24.18
N VAL F 127 7.61 14.56 -24.59
CA VAL F 127 8.95 14.01 -24.78
C VAL F 127 9.74 14.41 -23.55
N VAL F 128 9.70 13.59 -22.52
CA VAL F 128 10.38 13.91 -21.29
C VAL F 128 11.77 13.32 -21.36
N CYS F 129 12.66 13.85 -20.52
CA CYS F 129 14.05 13.40 -20.45
C CYS F 129 14.35 12.88 -19.06
N HIS F 130 14.81 11.64 -18.97
CA HIS F 130 15.01 11.03 -17.66
C HIS F 130 16.45 11.06 -17.15
N GLU F 131 17.44 10.66 -17.94
CA GLU F 131 18.83 10.72 -17.50
C GLU F 131 19.19 12.10 -17.00
N PHE F 132 20.16 12.17 -16.11
CA PHE F 132 20.50 13.45 -15.50
C PHE F 132 21.36 14.28 -16.45
N CYS F 133 21.08 15.57 -16.53
CA CYS F 133 21.79 16.47 -17.43
C CYS F 133 22.08 17.81 -16.78
N GLY F 134 22.22 17.84 -15.47
CA GLY F 134 22.54 19.07 -14.76
C GLY F 134 21.31 19.76 -14.20
N VAL F 135 21.56 20.80 -13.40
CA VAL F 135 20.47 21.63 -12.93
C VAL F 135 19.71 22.14 -14.13
N GLY F 136 18.46 22.49 -13.93
CA GLY F 136 17.65 22.80 -15.08
C GLY F 136 17.33 21.59 -15.93
N HIS F 137 17.42 20.40 -15.36
CA HIS F 137 16.94 19.19 -15.98
C HIS F 137 15.45 19.00 -15.80
N HIS F 138 14.93 19.33 -14.62
CA HIS F 138 13.53 19.12 -14.31
C HIS F 138 12.62 19.96 -15.16
N ALA F 139 13.17 20.90 -15.92
CA ALA F 139 12.41 21.75 -16.83
C ALA F 139 12.78 21.46 -18.27
N MET F 140 12.96 20.17 -18.59
CA MET F 140 13.36 19.75 -19.92
C MET F 140 12.33 18.76 -20.43
N GLN F 141 11.40 19.24 -21.22
CA GLN F 141 10.48 18.39 -21.93
C GLN F 141 10.01 19.15 -23.16
N GLY F 142 9.09 18.53 -23.88
CA GLY F 142 8.53 19.13 -25.07
C GLY F 142 7.57 18.13 -25.67
N LYS F 143 6.56 18.64 -26.33
CA LYS F 143 5.46 17.79 -26.74
C LYS F 143 5.54 17.46 -28.23
N ILE F 144 5.06 16.29 -28.58
CA ILE F 144 4.81 15.95 -29.97
C ILE F 144 3.31 15.86 -30.15
N ILE F 145 2.66 16.97 -30.51
CA ILE F 145 1.20 16.97 -30.56
C ILE F 145 0.75 16.26 -31.83
N VAL F 146 -0.10 15.26 -31.67
CA VAL F 146 -0.69 14.53 -32.79
C VAL F 146 -2.19 14.75 -32.72
N GLU F 147 -2.69 15.68 -33.53
CA GLU F 147 -4.07 16.12 -33.40
C GLU F 147 -5.04 15.21 -34.13
#